data_5XS8
#
_entry.id   5XS8
#
_cell.length_a   49.741
_cell.length_b   69.208
_cell.length_c   165.967
_cell.angle_alpha   89.99
_cell.angle_beta   90.04
_cell.angle_gamma   90.03
#
_symmetry.space_group_name_H-M   'P 1'
#
loop_
_entity.id
_entity.type
_entity.pdbx_description
1 polymer 'Extracellular solute-binding protein family 1'
2 branched '4-deoxy-alpha-L-threo-hex-4-enopyranuronic acid-(1-3)-2-acetamido-2-deoxy-4,6-di-O-sulfo-beta-D-galactopyranose'
3 non-polymer 'CALCIUM ION'
4 water water
#
_entity_poly.entity_id   1
_entity_poly.type   'polypeptide(L)'
_entity_poly.pdbx_seq_one_letter_code
;MKKLLALGLLGLVLASCGKKEETTTGPKETTIFAMHLGKALDPNLPVFVKAEKDTNIKLVNVASQNQTDQIQAYNLMLTE
GKLPDIVSYELSADLENLGIEGGLIPLEDLINQHAPNLKKFFEENPRYKKDAVAVDGHIYMIPNYYDYFNIKVSQGYFIR
QDWLEKLGLKEPRTVDELYTTLKAFREKDPNGNGKKDEVPFFVRANNVRKVLTSLVDLFKASPIWYEENGMVKYGPAQKE
FKHAIKELSKWYKEGLIDEEIFTRGLESRDYLLSNNLGGATDDWIASTSSYNRNLADKIPGFNLKLVLPYELNGNAKTRH
ARTTYLGGWGISKDAKDPVSLIKYFDYWYSVEGRRLWNFGIEGSEYTLVDGKPVFTDKVLKNPDGKTPLAVLREVGAQYR
LGAFQDAQYELGWASESAKAGYKYYMDNDVVLDELPILKYTKEKSKEFVSIDTAMRAVVEEKAQQWILGSGDIDKEWDAY
IKRLENLGLSKAEQIQNEAFKNFNK
;
_entity_poly.pdbx_strand_id   A,B,C,D
#
# COMPACT_ATOMS: atom_id res chain seq x y z
N PRO A 27 0.36 -29.44 41.08
CA PRO A 27 -0.94 -28.87 40.73
C PRO A 27 -1.31 -27.68 41.63
N LYS A 28 -2.01 -26.73 41.08
CA LYS A 28 -2.40 -25.53 41.82
C LYS A 28 -3.89 -25.42 41.54
N GLU A 29 -4.75 -25.28 42.53
CA GLU A 29 -6.13 -25.05 42.11
C GLU A 29 -6.33 -23.57 41.68
N THR A 30 -6.72 -23.31 40.45
CA THR A 30 -6.82 -21.96 39.90
C THR A 30 -8.26 -21.75 39.42
N THR A 31 -9.00 -20.84 40.04
CA THR A 31 -10.39 -20.69 39.63
C THR A 31 -10.48 -19.86 38.36
N ILE A 32 -11.51 -20.16 37.54
CA ILE A 32 -11.69 -19.45 36.29
C ILE A 32 -13.18 -19.33 36.08
N PHE A 33 -13.60 -18.21 35.47
CA PHE A 33 -14.93 -18.11 34.87
C PHE A 33 -14.73 -18.23 33.37
N ALA A 34 -15.22 -19.32 32.77
CA ALA A 34 -15.06 -19.47 31.32
C ALA A 34 -16.24 -20.20 30.71
N MET A 35 -16.78 -19.60 29.69
CA MET A 35 -17.80 -20.21 28.84
C MET A 35 -17.49 -19.91 27.39
N HIS A 36 -18.06 -20.74 26.50
CA HIS A 36 -17.99 -20.45 25.07
C HIS A 36 -19.05 -21.27 24.35
N LEU A 37 -19.72 -20.63 23.38
CA LEU A 37 -20.77 -21.31 22.60
C LEU A 37 -21.76 -22.01 23.52
N GLY A 38 -22.14 -21.34 24.60
CA GLY A 38 -23.18 -21.89 25.47
C GLY A 38 -22.67 -23.01 26.37
N LYS A 39 -21.34 -23.25 26.46
CA LYS A 39 -20.87 -24.37 27.26
C LYS A 39 -19.81 -23.88 28.25
N ALA A 40 -20.00 -24.18 29.53
CA ALA A 40 -18.94 -23.94 30.49
C ALA A 40 -17.71 -24.80 30.18
N LEU A 41 -16.52 -24.22 30.36
CA LEU A 41 -15.27 -24.99 30.13
C LEU A 41 -15.20 -26.20 31.10
N ASP A 42 -15.01 -27.40 30.55
CA ASP A 42 -14.67 -28.55 31.39
C ASP A 42 -13.18 -28.74 31.39
N PRO A 43 -12.46 -28.45 32.47
CA PRO A 43 -11.00 -28.57 32.45
C PRO A 43 -10.50 -30.01 32.31
N ASN A 44 -11.41 -30.99 32.24
CA ASN A 44 -10.98 -32.37 31.98
C ASN A 44 -11.13 -32.77 30.52
N LEU A 45 -11.52 -31.84 29.66
CA LEU A 45 -11.42 -32.07 28.24
C LEU A 45 -9.96 -32.39 27.87
N PRO A 46 -9.77 -33.25 26.86
CA PRO A 46 -8.38 -33.65 26.48
C PRO A 46 -7.37 -32.51 26.40
N VAL A 47 -7.71 -31.38 25.72
CA VAL A 47 -6.79 -30.28 25.57
C VAL A 47 -6.38 -29.73 26.91
N PHE A 48 -7.31 -29.64 27.87
CA PHE A 48 -6.94 -28.99 29.13
C PHE A 48 -6.22 -29.95 30.08
N VAL A 49 -6.49 -31.24 29.97
CA VAL A 49 -5.68 -32.24 30.69
C VAL A 49 -4.21 -32.15 30.27
N LYS A 50 -3.95 -32.07 28.95
CA LYS A 50 -2.57 -31.85 28.44
C LYS A 50 -1.99 -30.51 28.95
N ALA A 51 -2.77 -29.41 28.88
CA ALA A 51 -2.24 -28.14 29.36
C ALA A 51 -1.93 -28.21 30.85
N GLU A 52 -2.81 -28.86 31.63
CA GLU A 52 -2.54 -29.04 33.05
C GLU A 52 -1.21 -29.78 33.25
N LYS A 53 -1.02 -30.91 32.53
CA LYS A 53 0.26 -31.67 32.65
C LYS A 53 1.48 -30.77 32.33
N ASP A 54 1.38 -29.93 31.28
CA ASP A 54 2.51 -29.06 30.86
C ASP A 54 2.71 -27.84 31.77
N THR A 55 1.68 -27.36 32.45
CA THR A 55 1.81 -26.08 33.16
C THR A 55 1.70 -26.21 34.66
N ASN A 56 1.23 -27.35 35.13
CA ASN A 56 0.85 -27.56 36.51
C ASN A 56 -0.24 -26.59 36.97
N ILE A 57 -1.04 -25.99 36.05
CA ILE A 57 -2.22 -25.18 36.43
C ILE A 57 -3.46 -26.09 36.34
N LYS A 58 -4.23 -26.16 37.43
CA LYS A 58 -5.43 -27.01 37.48
C LYS A 58 -6.61 -26.07 37.54
N LEU A 59 -7.32 -25.86 36.42
CA LEU A 59 -8.44 -24.93 36.43
C LEU A 59 -9.63 -25.56 37.15
N VAL A 60 -10.42 -24.70 37.82
CA VAL A 60 -11.70 -25.07 38.39
C VAL A 60 -12.65 -23.97 37.99
N ASN A 61 -13.71 -24.32 37.28
CA ASN A 61 -14.56 -23.31 36.70
C ASN A 61 -15.62 -22.89 37.72
N VAL A 62 -15.85 -21.58 37.85
CA VAL A 62 -16.94 -21.12 38.71
C VAL A 62 -18.20 -20.97 37.91
N ALA A 63 -18.16 -21.08 36.55
CA ALA A 63 -19.38 -21.27 35.79
C ALA A 63 -19.76 -22.71 35.89
N SER A 64 -21.06 -23.01 35.98
CA SER A 64 -21.38 -24.43 36.11
C SER A 64 -21.80 -25.02 34.76
N GLN A 65 -21.70 -26.35 34.69
CA GLN A 65 -22.07 -27.10 33.51
C GLN A 65 -23.51 -26.86 33.07
N ASN A 66 -24.38 -26.38 33.98
CA ASN A 66 -25.77 -26.12 33.55
C ASN A 66 -25.98 -24.76 32.90
N GLN A 67 -25.10 -23.81 33.17
CA GLN A 67 -25.26 -22.46 32.61
C GLN A 67 -24.98 -22.46 31.11
N THR A 68 -25.86 -21.84 30.34
CA THR A 68 -25.70 -21.72 28.90
C THR A 68 -25.62 -20.27 28.42
N ASP A 69 -26.18 -19.32 29.18
CA ASP A 69 -26.18 -17.91 28.76
C ASP A 69 -24.96 -17.24 29.39
N GLN A 70 -23.92 -17.04 28.55
CA GLN A 70 -22.64 -16.60 29.08
C GLN A 70 -22.74 -15.15 29.59
N ILE A 71 -23.58 -14.36 28.92
CA ILE A 71 -23.70 -12.96 29.35
C ILE A 71 -24.33 -12.89 30.74
N GLN A 72 -25.42 -13.64 30.93
CA GLN A 72 -26.06 -13.60 32.27
C GLN A 72 -25.16 -14.26 33.33
N ALA A 73 -24.42 -15.34 32.97
CA ALA A 73 -23.56 -16.01 33.94
C ALA A 73 -22.46 -15.08 34.39
N TYR A 74 -21.93 -14.28 33.45
CA TYR A 74 -20.87 -13.34 33.73
C TYR A 74 -21.37 -12.23 34.70
N ASN A 75 -22.50 -11.63 34.35
CA ASN A 75 -23.06 -10.55 35.19
C ASN A 75 -23.38 -11.08 36.56
N LEU A 76 -23.93 -12.27 36.65
CA LEU A 76 -24.18 -12.87 37.98
C LEU A 76 -22.88 -13.11 38.75
N MET A 77 -21.88 -13.68 38.06
CA MET A 77 -20.57 -13.96 38.65
C MET A 77 -19.92 -12.73 39.27
N LEU A 78 -20.10 -11.54 38.62
CA LEU A 78 -19.54 -10.32 39.22
C LEU A 78 -20.13 -10.01 40.62
N THR A 79 -21.39 -10.44 40.84
CA THR A 79 -22.08 -10.12 42.10
C THR A 79 -21.69 -11.09 43.22
N GLU A 80 -20.99 -12.18 42.90
CA GLU A 80 -20.87 -13.28 43.85
C GLU A 80 -19.64 -13.18 44.76
N GLY A 81 -19.18 -11.98 45.10
CA GLY A 81 -18.12 -11.92 46.09
C GLY A 81 -16.80 -11.95 45.37
N LYS A 82 -15.80 -12.69 45.90
CA LYS A 82 -14.47 -12.77 45.28
C LYS A 82 -14.55 -13.11 43.79
N LEU A 83 -13.74 -12.42 42.97
CA LEU A 83 -13.54 -12.78 41.58
C LEU A 83 -12.69 -14.07 41.43
N PRO A 84 -12.98 -14.90 40.42
CA PRO A 84 -12.11 -16.05 40.18
C PRO A 84 -10.76 -15.53 39.76
N ASP A 85 -9.78 -16.40 39.88
CA ASP A 85 -8.40 -16.01 39.56
C ASP A 85 -8.27 -15.52 38.13
N ILE A 86 -8.91 -16.24 37.18
CA ILE A 86 -8.94 -15.87 35.76
C ILE A 86 -10.38 -15.58 35.35
N VAL A 87 -10.58 -14.50 34.59
CA VAL A 87 -11.88 -14.12 34.08
C VAL A 87 -11.79 -14.10 32.55
N SER A 88 -12.51 -15.00 31.90
CA SER A 88 -12.64 -15.03 30.48
C SER A 88 -14.02 -14.52 30.09
N TYR A 89 -14.12 -13.79 28.98
CA TYR A 89 -15.45 -13.33 28.58
C TYR A 89 -15.50 -12.92 27.11
N GLU A 90 -16.65 -13.14 26.49
CA GLU A 90 -16.74 -12.91 25.06
C GLU A 90 -16.82 -11.41 24.77
N LEU A 91 -17.24 -10.57 25.74
CA LEU A 91 -17.38 -9.11 25.50
C LEU A 91 -16.19 -8.38 26.15
N SER A 92 -15.20 -7.97 25.30
CA SER A 92 -13.95 -7.38 25.80
C SER A 92 -14.12 -6.04 26.50
N ALA A 93 -15.08 -5.19 26.08
CA ALA A 93 -15.33 -3.92 26.82
C ALA A 93 -15.65 -4.16 28.28
N ASP A 94 -16.42 -5.21 28.58
CA ASP A 94 -16.72 -5.51 29.98
C ASP A 94 -15.45 -5.90 30.73
N LEU A 95 -14.54 -6.61 30.07
CA LEU A 95 -13.28 -6.93 30.70
C LEU A 95 -12.50 -5.63 30.94
N GLU A 96 -12.46 -4.70 29.96
CA GLU A 96 -11.68 -3.49 30.20
C GLU A 96 -12.31 -2.66 31.30
N ASN A 97 -13.63 -2.63 31.33
CA ASN A 97 -14.32 -1.93 32.43
C ASN A 97 -13.97 -2.55 33.76
N LEU A 98 -13.96 -3.90 33.83
CA LEU A 98 -13.58 -4.52 35.10
C LEU A 98 -12.17 -4.13 35.47
N GLY A 99 -11.30 -4.01 34.46
CA GLY A 99 -9.92 -3.64 34.75
C GLY A 99 -9.81 -2.21 35.21
N ILE A 100 -10.53 -1.29 34.54
CA ILE A 100 -10.51 0.13 35.00
C ILE A 100 -11.01 0.24 36.45
N GLU A 101 -12.05 -0.51 36.79
CA GLU A 101 -12.54 -0.58 38.18
C GLU A 101 -11.54 -1.24 39.14
N GLY A 102 -10.42 -1.77 38.67
CA GLY A 102 -9.56 -2.53 39.55
C GLY A 102 -9.88 -4.02 39.75
N GLY A 103 -10.95 -4.56 39.13
CA GLY A 103 -11.25 -6.00 39.24
C GLY A 103 -10.24 -6.91 38.49
N LEU A 104 -9.81 -6.48 37.32
CA LEU A 104 -8.67 -7.12 36.64
C LEU A 104 -7.41 -6.27 36.78
N ILE A 105 -6.26 -6.94 36.82
CA ILE A 105 -5.00 -6.22 36.95
C ILE A 105 -4.36 -5.93 35.60
N PRO A 106 -3.56 -4.85 35.51
CA PRO A 106 -2.79 -4.61 34.29
C PRO A 106 -1.78 -5.73 34.12
N LEU A 107 -1.60 -6.20 32.87
CA LEU A 107 -0.75 -7.33 32.51
C LEU A 107 0.54 -6.96 31.82
N GLU A 108 0.68 -5.72 31.35
CA GLU A 108 1.77 -5.46 30.42
C GLU A 108 3.15 -5.63 31.10
N ASP A 109 3.27 -5.27 32.40
CA ASP A 109 4.59 -5.48 33.05
C ASP A 109 4.86 -6.96 33.41
N LEU A 110 3.85 -7.70 33.83
CA LEU A 110 3.94 -9.16 33.98
C LEU A 110 4.37 -9.80 32.68
N ILE A 111 3.81 -9.32 31.55
CA ILE A 111 4.18 -9.90 30.26
C ILE A 111 5.63 -9.62 29.98
N ASN A 112 6.03 -8.34 30.14
CA ASN A 112 7.43 -7.93 29.93
C ASN A 112 8.40 -8.86 30.66
N GLN A 113 8.12 -9.15 31.92
CA GLN A 113 9.06 -9.88 32.74
C GLN A 113 8.91 -11.38 32.67
N HIS A 114 7.75 -11.91 32.40
CA HIS A 114 7.54 -13.33 32.60
C HIS A 114 6.86 -14.02 31.45
N ALA A 115 6.52 -13.34 30.36
CA ALA A 115 5.77 -14.00 29.30
C ALA A 115 6.48 -13.77 27.99
N PRO A 116 7.64 -14.41 27.77
CA PRO A 116 8.41 -14.13 26.54
C PRO A 116 7.63 -14.42 25.24
N ASN A 117 6.75 -15.44 25.20
CA ASN A 117 6.02 -15.69 23.93
C ASN A 117 5.05 -14.57 23.61
N LEU A 118 4.27 -14.11 24.64
CA LEU A 118 3.37 -12.99 24.40
C LEU A 118 4.14 -11.72 24.08
N LYS A 119 5.25 -11.52 24.81
CA LYS A 119 6.10 -10.35 24.56
C LYS A 119 6.54 -10.33 23.10
N LYS A 120 7.03 -11.47 22.63
CA LYS A 120 7.44 -11.57 21.23
C LYS A 120 6.24 -11.37 20.30
N PHE A 121 5.10 -11.98 20.62
CA PHE A 121 3.91 -11.85 19.77
C PHE A 121 3.48 -10.39 19.64
N PHE A 122 3.51 -9.63 20.75
CA PHE A 122 3.15 -8.23 20.67
C PHE A 122 4.17 -7.43 19.82
N GLU A 123 5.46 -7.78 19.88
CA GLU A 123 6.45 -7.19 18.95
C GLU A 123 6.15 -7.43 17.46
N GLU A 124 5.76 -8.59 17.13
CA GLU A 124 5.60 -9.00 15.75
C GLU A 124 4.22 -8.66 15.16
N ASN A 125 3.34 -8.09 15.96
CA ASN A 125 1.95 -7.94 15.57
C ASN A 125 1.38 -6.64 16.15
N PRO A 126 1.72 -5.47 15.53
CA PRO A 126 1.23 -4.16 16.02
C PRO A 126 -0.27 -4.08 16.18
N ARG A 127 -1.05 -4.51 15.19
CA ARG A 127 -2.49 -4.47 15.32
C ARG A 127 -2.96 -5.26 16.53
N TYR A 128 -2.39 -6.44 16.74
CA TYR A 128 -2.85 -7.26 17.87
C TYR A 128 -2.46 -6.61 19.19
N LYS A 129 -1.26 -6.05 19.23
CA LYS A 129 -0.87 -5.31 20.42
C LYS A 129 -1.84 -4.18 20.70
N LYS A 130 -2.14 -3.41 19.65
CA LYS A 130 -3.12 -2.32 19.85
C LYS A 130 -4.50 -2.84 20.33
N ASP A 131 -4.94 -3.98 19.80
CA ASP A 131 -6.17 -4.62 20.25
C ASP A 131 -6.19 -4.92 21.76
N ALA A 132 -5.01 -5.12 22.37
CA ALA A 132 -4.98 -5.57 23.76
C ALA A 132 -4.89 -4.43 24.76
N VAL A 133 -4.69 -3.19 24.30
CA VAL A 133 -4.42 -2.03 25.17
C VAL A 133 -5.71 -1.24 25.36
N ALA A 134 -6.15 -1.10 26.60
CA ALA A 134 -7.33 -0.32 26.91
C ALA A 134 -7.06 1.17 26.68
N VAL A 135 -8.13 1.98 26.79
CA VAL A 135 -7.90 3.39 26.53
C VAL A 135 -6.99 4.04 27.56
N ASP A 136 -6.85 3.47 28.76
CA ASP A 136 -5.97 4.08 29.73
C ASP A 136 -4.52 3.61 29.59
N GLY A 137 -4.19 2.91 28.51
CA GLY A 137 -2.87 2.43 28.30
C GLY A 137 -2.50 1.11 28.95
N HIS A 138 -3.35 0.55 29.78
CA HIS A 138 -3.11 -0.77 30.39
C HIS A 138 -3.63 -1.90 29.50
N ILE A 139 -3.04 -3.09 29.64
CA ILE A 139 -3.58 -4.30 29.00
C ILE A 139 -4.33 -5.03 30.10
N TYR A 140 -5.65 -5.13 30.01
CA TYR A 140 -6.38 -5.86 31.02
C TYR A 140 -6.76 -7.26 30.56
N MET A 141 -6.51 -7.60 29.31
CA MET A 141 -6.89 -8.92 28.82
C MET A 141 -6.05 -9.27 27.62
N ILE A 142 -5.87 -10.58 27.43
CA ILE A 142 -5.25 -11.17 26.24
C ILE A 142 -6.41 -11.60 25.35
N PRO A 143 -6.60 -10.99 24.16
CA PRO A 143 -7.73 -11.37 23.31
C PRO A 143 -7.58 -12.80 22.83
N ASN A 144 -8.69 -13.33 22.38
CA ASN A 144 -8.66 -14.57 21.60
C ASN A 144 -8.65 -14.15 20.14
N TYR A 145 -7.47 -14.19 19.50
CA TYR A 145 -7.29 -13.67 18.17
C TYR A 145 -7.62 -14.70 17.08
N TYR A 146 -8.35 -14.26 16.07
CA TYR A 146 -8.40 -15.01 14.82
C TYR A 146 -7.03 -14.88 14.15
N ASP A 147 -6.76 -15.71 13.17
CA ASP A 147 -5.50 -15.57 12.41
C ASP A 147 -5.78 -14.61 11.25
N TYR A 148 -6.12 -13.39 11.64
CA TYR A 148 -6.82 -12.45 10.79
C TYR A 148 -6.05 -12.12 9.53
N PHE A 149 -4.71 -12.02 9.62
CA PHE A 149 -3.97 -11.63 8.42
C PHE A 149 -3.68 -12.80 7.52
N ASN A 150 -4.13 -14.00 7.92
CA ASN A 150 -4.03 -15.15 7.06
C ASN A 150 -5.40 -15.58 6.52
N ILE A 151 -6.49 -15.52 7.33
CA ILE A 151 -7.85 -15.73 6.84
C ILE A 151 -8.75 -14.75 7.57
N LYS A 152 -9.31 -13.79 6.83
CA LYS A 152 -10.24 -12.86 7.45
C LYS A 152 -11.65 -13.03 6.93
N VAL A 153 -11.84 -13.74 5.80
CA VAL A 153 -13.21 -14.06 5.43
C VAL A 153 -13.83 -14.99 6.48
N SER A 154 -15.14 -14.96 6.59
CA SER A 154 -15.83 -15.78 7.58
C SER A 154 -16.96 -16.50 6.85
N GLN A 155 -18.14 -15.88 6.76
CA GLN A 155 -19.27 -16.59 6.16
C GLN A 155 -19.33 -16.31 4.66
N GLY A 156 -19.94 -17.24 3.95
CA GLY A 156 -20.10 -17.12 2.52
C GLY A 156 -21.46 -17.70 2.15
N TYR A 157 -21.87 -17.42 0.93
CA TYR A 157 -23.19 -17.83 0.44
C TYR A 157 -23.03 -19.17 -0.25
N PHE A 158 -23.96 -20.07 0.04
CA PHE A 158 -23.89 -21.43 -0.51
C PHE A 158 -25.24 -21.77 -1.11
N ILE A 159 -25.22 -22.58 -2.17
CA ILE A 159 -26.48 -23.04 -2.76
C ILE A 159 -26.34 -24.49 -3.23
N ARG A 160 -27.48 -25.17 -3.33
CA ARG A 160 -27.49 -26.59 -3.75
C ARG A 160 -27.35 -26.64 -5.28
N GLN A 161 -26.11 -26.78 -5.70
CA GLN A 161 -25.82 -26.91 -7.11
C GLN A 161 -26.46 -28.17 -7.69
N ASP A 162 -26.56 -29.25 -6.90
CA ASP A 162 -27.28 -30.40 -7.44
C ASP A 162 -28.77 -30.12 -7.67
N TRP A 163 -29.39 -29.25 -6.85
CA TRP A 163 -30.78 -28.87 -7.10
C TRP A 163 -30.87 -27.91 -8.26
N LEU A 164 -29.89 -27.01 -8.40
CA LEU A 164 -29.86 -26.19 -9.61
C LEU A 164 -29.88 -27.07 -10.86
N GLU A 165 -29.02 -28.08 -10.89
CA GLU A 165 -28.87 -28.93 -12.09
C GLU A 165 -30.13 -29.74 -12.32
N LYS A 166 -30.72 -30.28 -11.22
CA LYS A 166 -31.96 -31.05 -11.29
C LYS A 166 -33.06 -30.23 -11.90
N LEU A 167 -33.14 -28.95 -11.54
CA LEU A 167 -34.18 -28.10 -12.08
C LEU A 167 -33.74 -27.35 -13.34
N GLY A 168 -32.58 -27.68 -13.90
CA GLY A 168 -32.10 -26.91 -15.06
C GLY A 168 -32.05 -25.41 -14.90
N LEU A 169 -31.66 -24.93 -13.69
CA LEU A 169 -31.60 -23.52 -13.30
C LEU A 169 -30.17 -23.00 -13.37
N LYS A 170 -30.01 -21.75 -13.84
CA LYS A 170 -28.70 -21.12 -13.78
C LYS A 170 -28.37 -20.77 -12.31
N GLU A 171 -27.07 -20.73 -11.99
CA GLU A 171 -26.67 -20.17 -10.68
C GLU A 171 -27.15 -18.73 -10.54
N PRO A 172 -27.94 -18.40 -9.50
CA PRO A 172 -28.42 -16.99 -9.37
C PRO A 172 -27.27 -16.06 -9.01
N ARG A 173 -27.32 -14.84 -9.56
CA ARG A 173 -26.25 -13.87 -9.38
C ARG A 173 -26.73 -12.61 -8.79
N THR A 174 -27.99 -12.31 -8.93
CA THR A 174 -28.57 -11.15 -8.31
C THR A 174 -29.58 -11.63 -7.27
N VAL A 175 -29.94 -10.73 -6.37
CA VAL A 175 -30.96 -11.03 -5.37
C VAL A 175 -32.28 -11.40 -6.06
N ASP A 176 -32.65 -10.70 -7.14
CA ASP A 176 -33.87 -11.06 -7.88
C ASP A 176 -33.78 -12.46 -8.45
N GLU A 177 -32.63 -12.82 -9.01
CA GLU A 177 -32.48 -14.19 -9.46
C GLU A 177 -32.53 -15.18 -8.30
N LEU A 178 -31.94 -14.83 -7.15
CA LEU A 178 -32.03 -15.71 -6.00
C LEU A 178 -33.50 -15.94 -5.64
N TYR A 179 -34.31 -14.89 -5.66
CA TYR A 179 -35.74 -15.05 -5.36
C TYR A 179 -36.37 -16.10 -6.27
N THR A 180 -36.15 -15.96 -7.59
CA THR A 180 -36.66 -16.93 -8.56
C THR A 180 -36.20 -18.35 -8.25
N THR A 181 -34.92 -18.53 -7.90
CA THR A 181 -34.37 -19.85 -7.60
C THR A 181 -35.01 -20.41 -6.32
N LEU A 182 -35.09 -19.59 -5.27
CA LEU A 182 -35.62 -20.14 -4.02
C LEU A 182 -37.08 -20.55 -4.20
N LYS A 183 -37.85 -19.74 -4.97
CA LYS A 183 -39.22 -20.11 -5.26
C LYS A 183 -39.28 -21.47 -5.97
N ALA A 184 -38.40 -21.67 -6.98
CA ALA A 184 -38.27 -22.96 -7.63
C ALA A 184 -37.91 -24.06 -6.65
N PHE A 185 -37.00 -23.76 -5.71
CA PHE A 185 -36.71 -24.76 -4.68
C PHE A 185 -37.95 -25.07 -3.86
N ARG A 186 -38.79 -24.07 -3.58
CA ARG A 186 -39.95 -24.34 -2.74
C ARG A 186 -41.00 -25.14 -3.52
N GLU A 187 -41.19 -24.80 -4.81
CA GLU A 187 -42.37 -25.30 -5.53
C GLU A 187 -42.09 -26.60 -6.23
N LYS A 188 -40.83 -26.88 -6.61
CA LYS A 188 -40.56 -27.90 -7.61
C LYS A 188 -39.88 -29.16 -7.04
N ASP A 189 -40.00 -29.40 -5.74
CA ASP A 189 -39.61 -30.66 -5.13
C ASP A 189 -38.21 -31.17 -5.57
N PRO A 190 -37.20 -30.32 -5.43
CA PRO A 190 -35.87 -30.80 -5.87
C PRO A 190 -35.36 -31.98 -5.08
N ASN A 191 -35.87 -32.25 -3.86
CA ASN A 191 -35.37 -33.47 -3.21
C ASN A 191 -36.13 -34.72 -3.65
N GLY A 192 -37.02 -34.57 -4.65
CA GLY A 192 -37.66 -35.68 -5.35
C GLY A 192 -38.50 -36.61 -4.51
N ASN A 193 -39.16 -36.13 -3.46
CA ASN A 193 -39.94 -37.06 -2.66
C ASN A 193 -41.45 -36.83 -2.80
N GLY A 194 -41.89 -36.01 -3.75
CA GLY A 194 -43.28 -35.70 -3.93
C GLY A 194 -43.92 -34.90 -2.79
N LYS A 195 -43.13 -34.37 -1.85
CA LYS A 195 -43.68 -33.58 -0.74
C LYS A 195 -43.17 -32.15 -0.87
N LYS A 196 -43.96 -31.19 -0.39
CA LYS A 196 -43.55 -29.79 -0.43
C LYS A 196 -42.89 -29.47 0.89
N ASP A 197 -41.74 -30.05 1.11
CA ASP A 197 -41.02 -29.95 2.39
C ASP A 197 -39.75 -29.12 2.33
N GLU A 198 -39.34 -28.68 1.13
CA GLU A 198 -38.11 -27.96 0.95
C GLU A 198 -38.10 -26.65 1.77
N VAL A 199 -36.95 -26.37 2.33
CA VAL A 199 -36.65 -25.14 3.05
C VAL A 199 -35.58 -24.41 2.24
N PRO A 200 -35.96 -23.48 1.37
CA PRO A 200 -35.00 -22.95 0.38
C PRO A 200 -33.85 -22.20 1.03
N PHE A 201 -34.13 -21.37 2.03
CA PHE A 201 -33.07 -20.59 2.67
C PHE A 201 -33.15 -20.78 4.16
N PHE A 202 -32.00 -21.02 4.78
CA PHE A 202 -31.93 -21.21 6.20
C PHE A 202 -30.64 -20.58 6.75
N VAL A 203 -30.59 -20.41 8.05
CA VAL A 203 -29.40 -19.90 8.71
C VAL A 203 -29.11 -20.77 9.92
N ARG A 204 -28.02 -20.44 10.61
CA ARG A 204 -27.55 -21.12 11.79
C ARG A 204 -27.19 -20.06 12.83
N ALA A 205 -27.88 -20.08 13.96
CA ALA A 205 -27.82 -18.99 14.92
C ALA A 205 -28.35 -19.46 16.27
N ASN A 206 -27.79 -18.87 17.35
CA ASN A 206 -28.31 -19.09 18.71
C ASN A 206 -28.85 -17.80 19.35
N ASN A 207 -29.10 -16.73 18.56
CA ASN A 207 -29.83 -15.55 19.04
C ASN A 207 -30.35 -14.78 17.83
N VAL A 208 -31.29 -13.86 18.10
CA VAL A 208 -31.99 -13.16 17.05
C VAL A 208 -31.03 -12.29 16.26
N ARG A 209 -30.05 -11.65 16.93
CA ARG A 209 -29.06 -10.83 16.20
C ARG A 209 -28.34 -11.67 15.16
N LYS A 210 -27.98 -12.89 15.52
CA LYS A 210 -27.28 -13.73 14.55
C LYS A 210 -28.21 -14.25 13.43
N VAL A 211 -29.51 -14.52 13.70
CA VAL A 211 -30.45 -14.73 12.60
C VAL A 211 -30.43 -13.54 11.64
N LEU A 212 -30.58 -12.34 12.19
CA LEU A 212 -30.66 -11.18 11.29
C LEU A 212 -29.38 -11.02 10.51
N THR A 213 -28.24 -11.23 11.17
CA THR A 213 -26.92 -11.16 10.52
C THR A 213 -26.87 -11.98 9.23
N SER A 214 -27.40 -13.20 9.25
CA SER A 214 -27.30 -14.06 8.06
C SER A 214 -28.49 -13.93 7.12
N LEU A 215 -29.45 -13.07 7.46
CA LEU A 215 -30.55 -12.75 6.58
C LEU A 215 -30.36 -11.38 5.90
N VAL A 216 -29.97 -10.33 6.62
CA VAL A 216 -30.05 -8.99 6.03
C VAL A 216 -28.83 -8.67 5.16
N ASP A 217 -27.76 -9.44 5.29
CA ASP A 217 -26.57 -9.19 4.48
C ASP A 217 -26.84 -9.51 2.99
N LEU A 218 -27.74 -10.44 2.70
CA LEU A 218 -28.24 -10.63 1.33
C LEU A 218 -28.61 -9.32 0.68
N PHE A 219 -29.26 -8.46 1.45
CA PHE A 219 -29.77 -7.20 0.95
C PHE A 219 -28.82 -6.02 1.27
N LYS A 220 -27.55 -6.32 1.60
CA LYS A 220 -26.51 -5.29 1.81
C LYS A 220 -26.88 -4.39 2.99
N ALA A 221 -27.59 -4.94 3.99
CA ALA A 221 -27.92 -4.24 5.22
C ALA A 221 -27.12 -4.91 6.34
N SER A 222 -27.25 -4.37 7.55
CA SER A 222 -26.53 -4.86 8.69
C SER A 222 -27.39 -4.66 9.93
N PRO A 223 -27.37 -5.60 10.88
CA PRO A 223 -28.05 -5.36 12.16
C PRO A 223 -27.16 -4.74 13.22
N ILE A 224 -25.87 -4.46 12.92
CA ILE A 224 -24.96 -3.93 13.92
C ILE A 224 -24.39 -2.60 13.43
N TRP A 225 -23.43 -2.06 14.17
CA TRP A 225 -22.69 -0.88 13.77
C TRP A 225 -21.64 -1.30 12.73
N TYR A 226 -21.39 -0.42 11.75
CA TYR A 226 -20.44 -0.70 10.69
C TYR A 226 -19.82 0.64 10.25
N GLU A 227 -18.73 0.53 9.49
CA GLU A 227 -18.01 1.68 8.94
C GLU A 227 -18.46 2.08 7.53
N GLU A 228 -18.63 3.38 7.33
CA GLU A 228 -18.88 3.94 6.02
C GLU A 228 -17.84 5.04 5.93
N ASN A 229 -16.73 4.80 5.21
CA ASN A 229 -15.81 5.88 4.84
C ASN A 229 -15.24 6.58 6.05
N GLY A 230 -14.80 5.82 7.07
CA GLY A 230 -14.21 6.40 8.26
C GLY A 230 -15.22 6.79 9.33
N MET A 231 -16.51 6.73 9.01
CA MET A 231 -17.62 7.14 9.93
C MET A 231 -18.32 5.86 10.37
N VAL A 232 -18.76 5.80 11.64
CA VAL A 232 -19.45 4.62 12.13
C VAL A 232 -20.95 4.93 12.14
N LYS A 233 -21.75 4.05 11.56
CA LYS A 233 -23.21 4.18 11.46
C LYS A 233 -23.90 2.95 12.05
N TYR A 234 -25.17 3.11 12.36
CA TYR A 234 -25.94 2.04 12.98
C TYR A 234 -26.79 1.37 11.90
N GLY A 235 -26.45 0.14 11.53
CA GLY A 235 -27.13 -0.52 10.41
C GLY A 235 -28.65 -0.56 10.51
N PRO A 236 -29.23 -0.87 11.68
CA PRO A 236 -30.72 -0.94 11.74
C PRO A 236 -31.42 0.38 11.51
N ALA A 237 -30.69 1.48 11.47
CA ALA A 237 -31.34 2.76 11.17
C ALA A 237 -31.28 3.14 9.70
N GLN A 238 -30.70 2.29 8.84
CA GLN A 238 -30.40 2.63 7.46
C GLN A 238 -31.49 2.14 6.53
N LYS A 239 -31.70 2.91 5.42
CA LYS A 239 -32.67 2.54 4.39
C LYS A 239 -32.49 1.11 3.86
N GLU A 240 -31.24 0.61 3.78
CA GLU A 240 -31.03 -0.76 3.27
C GLU A 240 -31.70 -1.81 4.16
N PHE A 241 -31.71 -1.54 5.47
CA PHE A 241 -32.32 -2.42 6.44
C PHE A 241 -33.83 -2.47 6.25
N LYS A 242 -34.44 -1.29 6.03
CA LYS A 242 -35.88 -1.28 5.77
C LYS A 242 -36.19 -2.15 4.56
N HIS A 243 -35.40 -1.98 3.48
CA HIS A 243 -35.65 -2.76 2.28
C HIS A 243 -35.41 -4.27 2.57
N ALA A 244 -34.38 -4.59 3.36
CA ALA A 244 -34.07 -5.97 3.71
C ALA A 244 -35.23 -6.61 4.45
N ILE A 245 -35.78 -5.90 5.45
CA ILE A 245 -36.89 -6.48 6.21
C ILE A 245 -38.13 -6.65 5.32
N LYS A 246 -38.44 -5.65 4.48
CA LYS A 246 -39.61 -5.77 3.59
C LYS A 246 -39.49 -7.02 2.70
N GLU A 247 -38.35 -7.20 2.06
CA GLU A 247 -38.17 -8.38 1.22
C GLU A 247 -38.25 -9.69 2.02
N LEU A 248 -37.58 -9.75 3.21
CA LEU A 248 -37.58 -10.97 4.01
C LEU A 248 -39.00 -11.31 4.43
N SER A 249 -39.79 -10.28 4.72
CA SER A 249 -41.18 -10.50 5.06
C SER A 249 -41.91 -11.27 3.95
N LYS A 250 -41.77 -10.79 2.71
CA LYS A 250 -42.32 -11.44 1.53
C LYS A 250 -41.81 -12.87 1.40
N TRP A 251 -40.49 -13.04 1.44
CA TRP A 251 -39.90 -14.36 1.24
C TRP A 251 -40.36 -15.34 2.32
N TYR A 252 -40.51 -14.85 3.57
CA TYR A 252 -40.99 -15.67 4.67
C TYR A 252 -42.45 -16.10 4.43
N LYS A 253 -43.31 -15.16 4.06
CA LYS A 253 -44.70 -15.54 3.74
C LYS A 253 -44.77 -16.57 2.63
N GLU A 254 -43.91 -16.46 1.61
CA GLU A 254 -43.97 -17.42 0.52
C GLU A 254 -43.24 -18.72 0.81
N GLY A 255 -42.75 -18.92 2.04
CA GLY A 255 -42.10 -20.16 2.41
C GLY A 255 -40.69 -20.33 1.86
N LEU A 256 -40.10 -19.24 1.39
CA LEU A 256 -38.73 -19.24 0.87
C LEU A 256 -37.69 -19.22 2.01
N ILE A 257 -38.06 -18.64 3.15
CA ILE A 257 -37.23 -18.62 4.36
C ILE A 257 -37.78 -19.66 5.32
N ASP A 258 -36.92 -20.46 5.91
CA ASP A 258 -37.30 -21.38 6.97
C ASP A 258 -38.37 -20.81 7.89
N GLU A 259 -39.54 -21.46 7.93
CA GLU A 259 -40.59 -21.04 8.87
C GLU A 259 -40.05 -20.89 10.29
N GLU A 260 -39.16 -21.81 10.72
CA GLU A 260 -38.69 -21.85 12.10
C GLU A 260 -37.41 -21.05 12.32
N ILE A 261 -37.14 -20.08 11.46
CA ILE A 261 -35.84 -19.41 11.43
C ILE A 261 -35.48 -18.83 12.80
N PHE A 262 -36.44 -18.24 13.52
CA PHE A 262 -36.10 -17.59 14.79
C PHE A 262 -36.05 -18.56 15.96
N THR A 263 -36.50 -19.80 15.78
CA THR A 263 -36.63 -20.72 16.90
C THR A 263 -35.69 -21.93 16.87
N ARG A 264 -35.03 -22.25 15.75
CA ARG A 264 -34.00 -23.29 15.81
C ARG A 264 -32.78 -22.75 16.56
N GLY A 265 -31.92 -23.64 17.01
CA GLY A 265 -30.61 -23.32 17.57
C GLY A 265 -29.56 -23.68 16.55
N LEU A 266 -28.32 -23.86 17.03
CA LEU A 266 -27.20 -24.08 16.13
C LEU A 266 -27.28 -25.42 15.38
N GLU A 267 -28.22 -26.31 15.73
CA GLU A 267 -28.41 -27.59 15.04
C GLU A 267 -29.18 -27.43 13.73
N SER A 268 -29.62 -26.20 13.40
CA SER A 268 -30.41 -26.01 12.17
C SER A 268 -29.69 -26.56 10.92
N ARG A 269 -28.39 -26.27 10.78
CA ARG A 269 -27.68 -26.62 9.54
C ARG A 269 -27.60 -28.13 9.38
N ASP A 270 -27.17 -28.82 10.43
CA ASP A 270 -27.12 -30.28 10.44
C ASP A 270 -28.48 -30.86 10.12
N TYR A 271 -29.54 -30.33 10.77
CA TYR A 271 -30.88 -30.88 10.61
C TYR A 271 -31.38 -30.70 9.19
N LEU A 272 -31.27 -29.47 8.65
CA LEU A 272 -31.83 -29.16 7.34
C LEU A 272 -31.02 -29.77 6.22
N LEU A 273 -29.69 -29.88 6.41
CA LEU A 273 -28.90 -30.50 5.35
C LEU A 273 -29.00 -32.03 5.41
N SER A 274 -28.82 -32.62 6.57
CA SER A 274 -28.78 -34.09 6.61
C SER A 274 -30.12 -34.71 6.19
N ASN A 275 -31.23 -34.03 6.46
CA ASN A 275 -32.54 -34.46 5.98
C ASN A 275 -32.89 -33.95 4.58
N ASN A 276 -31.94 -33.45 3.82
CA ASN A 276 -32.15 -33.04 2.44
C ASN A 276 -33.27 -32.04 2.28
N LEU A 277 -33.46 -31.13 3.24
CA LEU A 277 -34.45 -30.06 3.14
C LEU A 277 -33.89 -28.70 2.73
N GLY A 278 -32.65 -28.36 3.10
CA GLY A 278 -32.15 -27.01 2.91
C GLY A 278 -31.54 -26.74 1.55
N GLY A 279 -31.96 -25.62 0.93
CA GLY A 279 -31.48 -25.30 -0.40
C GLY A 279 -30.36 -24.27 -0.41
N ALA A 280 -30.23 -23.44 0.61
CA ALA A 280 -29.31 -22.32 0.48
C ALA A 280 -29.13 -21.72 1.86
N THR A 281 -27.93 -21.16 2.09
CA THR A 281 -27.64 -20.58 3.39
C THR A 281 -26.51 -19.56 3.24
N ASP A 282 -26.16 -18.96 4.39
CA ASP A 282 -25.11 -17.94 4.49
C ASP A 282 -24.42 -18.36 5.79
N ASP A 283 -23.20 -18.87 5.70
CA ASP A 283 -22.62 -19.48 6.92
C ASP A 283 -21.13 -19.68 6.68
N TRP A 284 -20.42 -19.97 7.79
CA TRP A 284 -18.95 -20.04 7.74
C TRP A 284 -18.45 -21.00 6.65
N ILE A 285 -17.44 -20.56 5.90
CA ILE A 285 -17.07 -21.27 4.65
C ILE A 285 -16.55 -22.68 4.91
N ALA A 286 -15.59 -22.88 5.84
CA ALA A 286 -15.00 -24.24 5.96
C ALA A 286 -16.00 -25.25 6.53
N SER A 287 -16.63 -24.93 7.65
CA SER A 287 -17.62 -25.87 8.18
C SER A 287 -18.77 -26.13 7.21
N THR A 288 -19.22 -25.12 6.47
CA THR A 288 -20.36 -25.35 5.56
C THR A 288 -19.95 -26.21 4.37
N SER A 289 -18.72 -26.06 3.91
CA SER A 289 -18.15 -26.87 2.83
C SER A 289 -17.89 -28.32 3.26
N SER A 290 -17.90 -28.61 4.56
CA SER A 290 -17.58 -29.97 5.02
C SER A 290 -18.74 -30.95 4.74
N TYR A 291 -19.93 -30.45 4.45
CA TYR A 291 -21.07 -31.33 4.30
C TYR A 291 -21.04 -32.10 2.98
N ASN A 292 -20.38 -31.62 1.94
CA ASN A 292 -20.37 -32.40 0.70
C ASN A 292 -19.79 -33.79 0.96
N ARG A 293 -18.67 -33.85 1.68
CA ARG A 293 -18.05 -35.14 1.89
C ARG A 293 -18.83 -35.89 2.93
N ASN A 294 -19.27 -35.16 3.94
CA ASN A 294 -20.00 -35.74 5.05
C ASN A 294 -21.31 -36.39 4.62
N LEU A 295 -22.02 -35.83 3.64
CA LEU A 295 -23.33 -36.33 3.26
C LEU A 295 -23.29 -37.09 1.93
N ALA A 296 -22.10 -37.40 1.39
CA ALA A 296 -22.02 -37.86 0.00
C ALA A 296 -22.76 -39.20 -0.17
N ASP A 297 -22.79 -40.02 0.87
CA ASP A 297 -23.46 -41.31 0.87
C ASP A 297 -24.92 -41.21 1.25
N LYS A 298 -25.29 -40.45 2.27
CA LYS A 298 -26.72 -40.31 2.60
C LYS A 298 -27.52 -39.57 1.55
N ILE A 299 -26.92 -38.65 0.79
CA ILE A 299 -27.62 -37.93 -0.29
C ILE A 299 -26.77 -37.91 -1.56
N PRO A 300 -26.88 -38.91 -2.44
CA PRO A 300 -26.02 -38.97 -3.64
C PRO A 300 -26.11 -37.71 -4.47
N GLY A 301 -24.94 -37.18 -4.87
CA GLY A 301 -24.86 -35.93 -5.62
C GLY A 301 -25.01 -34.63 -4.79
N PHE A 302 -25.32 -34.72 -3.50
CA PHE A 302 -25.31 -33.52 -2.64
C PHE A 302 -24.13 -32.61 -3.01
N ASN A 303 -24.44 -31.39 -3.43
CA ASN A 303 -23.40 -30.42 -3.76
C ASN A 303 -23.84 -29.04 -3.23
N LEU A 304 -23.38 -28.69 -2.01
CA LEU A 304 -23.66 -27.38 -1.45
C LEU A 304 -22.43 -26.51 -1.76
N LYS A 305 -22.62 -25.53 -2.65
CA LYS A 305 -21.51 -24.93 -3.38
C LYS A 305 -21.40 -23.44 -3.02
N LEU A 306 -20.19 -22.96 -2.78
CA LEU A 306 -19.97 -21.56 -2.51
C LEU A 306 -20.25 -20.70 -3.74
N VAL A 307 -20.98 -19.62 -3.56
CA VAL A 307 -21.13 -18.61 -4.61
C VAL A 307 -20.67 -17.26 -4.06
N LEU A 308 -20.34 -16.34 -4.98
CA LEU A 308 -20.04 -14.94 -4.56
C LEU A 308 -21.30 -14.28 -4.03
N PRO A 309 -21.21 -13.28 -3.16
CA PRO A 309 -22.44 -12.64 -2.67
C PRO A 309 -23.25 -12.19 -3.88
N TYR A 310 -24.59 -12.30 -3.76
CA TYR A 310 -25.51 -11.90 -4.81
C TYR A 310 -25.55 -10.38 -4.95
N GLU A 311 -25.67 -9.89 -6.17
CA GLU A 311 -25.64 -8.44 -6.36
C GLU A 311 -27.00 -7.85 -6.18
N LEU A 312 -27.03 -6.66 -5.59
CA LEU A 312 -28.26 -5.91 -5.43
C LEU A 312 -27.94 -4.49 -5.87
N ASN A 313 -28.61 -4.03 -6.93
CA ASN A 313 -28.41 -2.68 -7.53
C ASN A 313 -26.94 -2.29 -7.63
N GLY A 314 -26.14 -3.18 -8.21
CA GLY A 314 -24.75 -2.94 -8.48
C GLY A 314 -23.79 -3.21 -7.33
N ASN A 315 -24.30 -3.59 -6.17
CA ASN A 315 -23.46 -3.85 -5.01
C ASN A 315 -23.21 -5.36 -4.89
N ALA A 316 -21.96 -5.79 -4.99
CA ALA A 316 -21.64 -7.22 -4.88
C ALA A 316 -20.94 -7.55 -3.57
N LYS A 317 -21.01 -6.68 -2.58
CA LYS A 317 -20.19 -6.85 -1.38
C LYS A 317 -20.92 -7.65 -0.30
N THR A 318 -20.14 -8.30 0.58
CA THR A 318 -20.67 -8.85 1.83
C THR A 318 -19.96 -8.19 2.98
N ARG A 319 -20.71 -7.93 4.10
CA ARG A 319 -20.05 -7.46 5.33
C ARG A 319 -19.67 -8.61 6.27
N HIS A 320 -19.77 -9.86 5.82
CA HIS A 320 -19.31 -10.99 6.60
C HIS A 320 -17.79 -11.01 6.67
N ALA A 321 -17.23 -10.76 7.82
CA ALA A 321 -15.76 -10.84 7.90
C ALA A 321 -15.41 -11.15 9.34
N ARG A 322 -14.27 -11.74 9.55
CA ARG A 322 -13.85 -11.91 10.96
C ARG A 322 -13.43 -10.58 11.54
N THR A 323 -13.61 -10.41 12.85
CA THR A 323 -12.90 -9.36 13.58
C THR A 323 -11.48 -9.84 13.87
N THR A 324 -10.59 -8.94 14.35
CA THR A 324 -9.24 -9.43 14.65
C THR A 324 -9.26 -10.37 15.84
N TYR A 325 -10.26 -10.19 16.75
CA TYR A 325 -10.37 -11.10 17.87
C TYR A 325 -11.82 -11.14 18.35
N LEU A 326 -12.09 -12.10 19.24
CA LEU A 326 -13.41 -12.33 19.84
C LEU A 326 -13.19 -12.54 21.32
N GLY A 327 -13.52 -11.56 22.13
CA GLY A 327 -13.47 -11.76 23.60
C GLY A 327 -12.02 -11.88 24.07
N GLY A 328 -11.82 -12.33 25.32
CA GLY A 328 -10.45 -12.39 25.84
C GLY A 328 -10.46 -12.92 27.26
N TRP A 329 -9.29 -12.92 27.92
CA TRP A 329 -9.31 -13.24 29.34
C TRP A 329 -8.24 -12.46 30.11
N GLY A 330 -8.51 -12.23 31.40
CA GLY A 330 -7.59 -11.49 32.24
C GLY A 330 -7.39 -12.12 33.60
N ILE A 331 -6.51 -11.51 34.39
CA ILE A 331 -6.23 -11.98 35.74
C ILE A 331 -6.86 -11.02 36.77
N SER A 332 -7.61 -11.57 37.73
CA SER A 332 -8.31 -10.70 38.65
C SER A 332 -7.37 -10.23 39.79
N LYS A 333 -7.82 -9.15 40.48
CA LYS A 333 -7.11 -8.65 41.68
C LYS A 333 -7.10 -9.66 42.82
N ASP A 334 -7.96 -10.63 42.77
CA ASP A 334 -8.03 -11.64 43.84
C ASP A 334 -7.08 -12.82 43.63
N ALA A 335 -6.38 -12.88 42.49
CA ALA A 335 -5.49 -14.01 42.21
C ALA A 335 -4.28 -13.92 43.11
N LYS A 336 -3.99 -14.98 43.88
CA LYS A 336 -2.88 -14.83 44.81
C LYS A 336 -1.53 -14.97 44.15
N ASP A 337 -1.45 -15.59 42.94
CA ASP A 337 -0.18 -15.82 42.26
C ASP A 337 -0.27 -15.35 40.80
N PRO A 338 -0.43 -14.04 40.57
CA PRO A 338 -0.56 -13.55 39.20
C PRO A 338 0.65 -13.89 38.35
N VAL A 339 1.85 -14.06 38.93
CA VAL A 339 3.00 -14.40 38.11
C VAL A 339 2.82 -15.78 37.47
N SER A 340 2.36 -16.76 38.25
CA SER A 340 2.16 -18.08 37.65
C SER A 340 1.01 -18.06 36.62
N LEU A 341 0.02 -17.19 36.79
CA LEU A 341 -1.05 -17.10 35.80
C LEU A 341 -0.59 -16.44 34.47
N ILE A 342 0.25 -15.40 34.51
CA ILE A 342 0.72 -14.88 33.23
C ILE A 342 1.58 -15.90 32.54
N LYS A 343 2.24 -16.80 33.29
CA LYS A 343 3.02 -17.84 32.63
C LYS A 343 2.10 -18.88 31.97
N TYR A 344 0.97 -19.16 32.62
CA TYR A 344 -0.12 -19.93 32.01
C TYR A 344 -0.63 -19.26 30.74
N PHE A 345 -0.93 -17.93 30.81
CA PHE A 345 -1.35 -17.24 29.60
C PHE A 345 -0.28 -17.42 28.53
N ASP A 346 0.98 -17.35 28.94
CA ASP A 346 2.07 -17.38 27.95
C ASP A 346 2.18 -18.75 27.31
N TYR A 347 1.88 -19.81 28.11
CA TYR A 347 1.97 -21.17 27.59
C TYR A 347 1.22 -21.30 26.27
N TRP A 348 0.04 -20.68 26.18
CA TRP A 348 -0.78 -20.80 24.97
C TRP A 348 -0.17 -20.15 23.77
N TYR A 349 0.86 -19.30 23.95
CA TYR A 349 1.51 -18.68 22.82
C TYR A 349 2.85 -19.36 22.49
N SER A 350 3.30 -20.35 23.27
CA SER A 350 4.41 -21.20 22.85
C SER A 350 4.03 -22.05 21.65
N VAL A 351 5.05 -22.61 20.97
CA VAL A 351 4.73 -23.43 19.79
C VAL A 351 3.82 -24.57 20.17
N GLU A 352 4.14 -25.25 21.28
CA GLU A 352 3.38 -26.44 21.69
C GLU A 352 1.99 -26.05 22.25
N GLY A 353 1.94 -25.05 23.10
CA GLY A 353 0.64 -24.62 23.59
C GLY A 353 -0.30 -24.16 22.47
N ARG A 354 0.22 -23.35 21.53
CA ARG A 354 -0.67 -22.82 20.49
C ARG A 354 -1.08 -23.96 19.59
N ARG A 355 -0.14 -24.92 19.35
CA ARG A 355 -0.53 -26.11 18.58
C ARG A 355 -1.65 -26.90 19.30
N LEU A 356 -1.48 -27.14 20.58
CA LEU A 356 -2.50 -27.87 21.37
C LEU A 356 -3.88 -27.18 21.30
N TRP A 357 -3.91 -25.85 21.54
CA TRP A 357 -5.19 -25.14 21.55
C TRP A 357 -5.87 -25.26 20.19
N ASN A 358 -5.09 -25.24 19.09
CA ASN A 358 -5.69 -25.21 17.78
C ASN A 358 -6.05 -26.61 17.26
N PHE A 359 -5.17 -27.61 17.53
CA PHE A 359 -5.24 -28.90 16.82
C PHE A 359 -5.70 -30.06 17.71
N GLY A 360 -5.76 -29.89 19.02
CA GLY A 360 -6.08 -31.05 19.82
C GLY A 360 -4.85 -31.87 20.18
N ILE A 361 -4.98 -33.21 20.26
CA ILE A 361 -4.00 -34.04 20.98
C ILE A 361 -3.23 -34.88 19.95
N GLU A 362 -1.90 -34.85 20.04
CA GLU A 362 -1.01 -35.62 19.16
C GLU A 362 -1.22 -37.10 19.39
N GLY A 363 -1.41 -37.87 18.29
CA GLY A 363 -1.78 -39.28 18.28
C GLY A 363 -3.30 -39.54 18.26
N SER A 364 -4.14 -38.51 18.51
CA SER A 364 -5.59 -38.68 18.54
C SER A 364 -6.21 -37.82 17.45
N GLU A 365 -6.18 -36.47 17.59
CA GLU A 365 -6.68 -35.59 16.51
C GLU A 365 -5.73 -35.42 15.33
N TYR A 366 -4.42 -35.45 15.57
CA TYR A 366 -3.45 -35.27 14.50
C TYR A 366 -2.21 -36.08 14.82
N THR A 367 -1.39 -36.31 13.76
CA THR A 367 -0.03 -36.82 13.97
C THR A 367 0.92 -35.82 13.32
N LEU A 368 2.18 -35.84 13.72
CA LEU A 368 3.14 -34.94 13.13
C LEU A 368 3.69 -35.60 11.88
N VAL A 369 3.53 -34.94 10.76
CA VAL A 369 3.95 -35.42 9.45
C VAL A 369 4.90 -34.40 8.90
N ASP A 370 6.13 -34.83 8.64
CA ASP A 370 7.16 -33.89 8.23
C ASP A 370 7.20 -32.75 9.21
N GLY A 371 6.97 -33.07 10.46
CA GLY A 371 7.12 -32.04 11.47
C GLY A 371 5.90 -31.17 11.72
N LYS A 372 4.83 -31.36 10.99
CA LYS A 372 3.66 -30.44 11.12
C LYS A 372 2.42 -31.29 11.31
N PRO A 373 1.37 -30.76 11.98
CA PRO A 373 0.21 -31.61 12.29
C PRO A 373 -0.57 -31.91 11.03
N VAL A 374 -1.02 -33.16 10.94
CA VAL A 374 -1.97 -33.55 9.92
C VAL A 374 -3.11 -34.28 10.64
N PHE A 375 -4.34 -33.88 10.40
CA PHE A 375 -5.43 -34.46 11.19
C PHE A 375 -5.60 -35.93 10.78
N THR A 376 -6.22 -36.67 11.65
CA THR A 376 -6.50 -38.10 11.47
C THR A 376 -7.93 -38.25 10.94
N ASP A 377 -8.34 -39.49 10.63
CA ASP A 377 -9.75 -39.76 10.25
C ASP A 377 -10.74 -39.43 11.35
N LYS A 378 -10.35 -39.55 12.64
CA LYS A 378 -11.23 -39.14 13.74
C LYS A 378 -11.76 -37.72 13.56
N VAL A 379 -10.93 -36.83 13.04
CA VAL A 379 -11.33 -35.44 12.79
C VAL A 379 -11.91 -35.26 11.38
N LEU A 380 -11.23 -35.81 10.39
CA LEU A 380 -11.54 -35.54 9.00
C LEU A 380 -12.69 -36.37 8.45
N LYS A 381 -12.98 -37.52 9.07
CA LYS A 381 -14.01 -38.46 8.54
C LYS A 381 -14.73 -39.00 9.77
N ASN A 382 -15.34 -38.12 10.54
CA ASN A 382 -15.95 -38.60 11.76
C ASN A 382 -17.10 -39.56 11.43
N PRO A 383 -17.22 -40.70 12.13
CA PRO A 383 -18.24 -41.69 11.75
C PRO A 383 -19.68 -41.35 12.14
N ASP A 384 -19.95 -40.32 12.94
CA ASP A 384 -21.31 -39.88 13.16
C ASP A 384 -21.67 -38.68 12.33
N GLY A 385 -20.82 -38.34 11.36
CA GLY A 385 -21.14 -37.22 10.54
C GLY A 385 -20.91 -35.87 11.16
N LYS A 386 -20.18 -35.78 12.28
CA LYS A 386 -19.79 -34.47 12.80
C LYS A 386 -18.83 -33.78 11.83
N THR A 387 -18.92 -32.43 11.72
CA THR A 387 -17.90 -31.69 10.96
C THR A 387 -16.54 -31.86 11.67
N PRO A 388 -15.45 -31.66 10.97
CA PRO A 388 -14.15 -31.70 11.69
C PRO A 388 -14.12 -30.71 12.85
N LEU A 389 -14.72 -29.53 12.69
CA LEU A 389 -14.64 -28.55 13.77
C LEU A 389 -15.39 -29.06 14.98
N ALA A 390 -16.55 -29.67 14.76
CA ALA A 390 -17.31 -30.15 15.92
C ALA A 390 -16.50 -31.19 16.68
N VAL A 391 -15.79 -32.08 15.97
CA VAL A 391 -14.89 -33.02 16.66
C VAL A 391 -13.84 -32.27 17.49
N LEU A 392 -13.14 -31.32 16.87
CA LEU A 392 -12.11 -30.58 17.59
C LEU A 392 -12.70 -29.88 18.84
N ARG A 393 -13.90 -29.28 18.71
CA ARG A 393 -14.49 -28.62 19.91
C ARG A 393 -14.78 -29.63 21.01
N GLU A 394 -15.19 -30.86 20.61
CA GLU A 394 -15.40 -31.95 21.59
C GLU A 394 -14.17 -32.33 22.38
N VAL A 395 -12.95 -32.07 21.88
CA VAL A 395 -11.75 -32.42 22.63
C VAL A 395 -11.20 -31.23 23.35
N GLY A 396 -11.87 -30.08 23.25
CA GLY A 396 -11.40 -28.90 23.96
C GLY A 396 -10.55 -27.96 23.10
N ALA A 397 -10.38 -28.26 21.83
CA ALA A 397 -9.65 -27.39 20.93
C ALA A 397 -10.55 -26.25 20.47
N GLN A 398 -9.95 -25.14 20.02
CA GLN A 398 -10.69 -23.95 19.53
C GLN A 398 -11.59 -23.33 20.62
N TYR A 399 -11.30 -23.61 21.86
CA TYR A 399 -12.17 -23.13 22.97
C TYR A 399 -11.73 -21.68 23.31
N ARG A 400 -12.61 -20.71 22.99
CA ARG A 400 -12.28 -19.29 23.06
C ARG A 400 -11.84 -18.94 24.47
N LEU A 401 -10.65 -18.41 24.62
CA LEU A 401 -10.10 -17.94 25.90
C LEU A 401 -9.39 -16.65 25.57
N GLY A 402 -8.04 -16.71 25.47
CA GLY A 402 -7.18 -15.57 25.11
C GLY A 402 -6.06 -16.09 24.23
N ALA A 403 -6.36 -17.04 23.31
CA ALA A 403 -5.34 -17.70 22.49
C ALA A 403 -5.28 -17.15 21.06
N PHE A 404 -4.33 -17.66 20.26
CA PHE A 404 -4.07 -17.14 18.92
C PHE A 404 -4.35 -18.28 17.96
N GLN A 405 -5.45 -18.16 17.25
CA GLN A 405 -5.84 -19.17 16.29
C GLN A 405 -4.76 -19.26 15.19
N ASP A 406 -4.52 -20.48 14.71
CA ASP A 406 -3.58 -20.76 13.63
C ASP A 406 -4.37 -21.19 12.38
N ALA A 407 -4.31 -20.38 11.33
CA ALA A 407 -4.99 -20.70 10.09
C ALA A 407 -4.51 -22.04 9.51
N GLN A 408 -3.32 -22.51 9.87
CA GLN A 408 -2.90 -23.87 9.44
C GLN A 408 -3.85 -24.94 10.02
N TYR A 409 -4.48 -24.68 11.17
CA TYR A 409 -5.46 -25.64 11.68
C TYR A 409 -6.70 -25.67 10.78
N GLU A 410 -7.20 -24.47 10.35
CA GLU A 410 -8.38 -24.40 9.50
C GLU A 410 -8.07 -24.96 8.14
N LEU A 411 -6.91 -24.58 7.60
CA LEU A 411 -6.48 -25.24 6.35
C LEU A 411 -6.33 -26.75 6.52
N GLY A 412 -6.03 -27.22 7.73
CA GLY A 412 -5.84 -28.67 7.99
C GLY A 412 -7.08 -29.49 7.72
N TRP A 413 -8.26 -28.94 8.00
CA TRP A 413 -9.47 -29.73 7.77
C TRP A 413 -10.34 -29.19 6.65
N ALA A 414 -10.09 -27.99 6.17
CA ALA A 414 -10.95 -27.41 5.16
C ALA A 414 -10.85 -28.24 3.88
N SER A 415 -11.99 -28.47 3.24
CA SER A 415 -11.98 -29.17 1.95
C SER A 415 -11.28 -28.34 0.86
N GLU A 416 -10.95 -29.00 -0.27
CA GLU A 416 -10.31 -28.28 -1.36
C GLU A 416 -11.18 -27.11 -1.83
N SER A 417 -12.50 -27.30 -1.83
CA SER A 417 -13.36 -26.26 -2.32
C SER A 417 -13.53 -25.14 -1.29
N ALA A 418 -13.38 -25.42 0.03
CA ALA A 418 -13.33 -24.32 0.99
C ALA A 418 -12.04 -23.52 0.80
N LYS A 419 -10.90 -24.22 0.65
CA LYS A 419 -9.63 -23.53 0.47
C LYS A 419 -9.64 -22.66 -0.78
N ALA A 420 -10.13 -23.19 -1.90
CA ALA A 420 -10.32 -22.37 -3.10
C ALA A 420 -11.31 -21.26 -2.84
N GLY A 421 -12.29 -21.49 -1.99
CA GLY A 421 -13.28 -20.46 -1.80
C GLY A 421 -12.80 -19.25 -0.98
N TYR A 422 -11.89 -19.44 -0.01
CA TYR A 422 -11.29 -18.26 0.61
C TYR A 422 -10.65 -17.39 -0.48
N LYS A 423 -9.90 -18.04 -1.36
CA LYS A 423 -9.23 -17.32 -2.43
C LYS A 423 -10.25 -16.67 -3.39
N TYR A 424 -11.36 -17.35 -3.67
CA TYR A 424 -12.38 -16.84 -4.56
C TYR A 424 -13.01 -15.55 -3.98
N TYR A 425 -13.29 -15.56 -2.67
CA TYR A 425 -13.79 -14.35 -2.04
C TYR A 425 -12.71 -13.27 -2.00
N MET A 426 -11.45 -13.64 -1.71
CA MET A 426 -10.40 -12.63 -1.61
C MET A 426 -10.09 -12.03 -2.97
N ASP A 427 -9.97 -12.90 -4.00
CA ASP A 427 -9.59 -12.44 -5.33
C ASP A 427 -10.66 -11.54 -5.95
N ASN A 428 -11.93 -11.82 -5.72
CA ASN A 428 -13.00 -10.99 -6.29
C ASN A 428 -13.35 -9.77 -5.42
N ASP A 429 -12.62 -9.57 -4.33
CA ASP A 429 -12.74 -8.38 -3.51
C ASP A 429 -14.19 -8.14 -3.03
N VAL A 430 -14.85 -9.20 -2.59
CA VAL A 430 -16.26 -9.01 -2.24
C VAL A 430 -16.48 -8.73 -0.76
N VAL A 431 -15.47 -8.90 0.10
CA VAL A 431 -15.68 -8.81 1.53
C VAL A 431 -15.28 -7.42 2.03
N LEU A 432 -16.17 -6.78 2.79
CA LEU A 432 -15.85 -5.53 3.47
C LEU A 432 -15.29 -5.84 4.84
N ASP A 433 -14.17 -5.22 5.19
CA ASP A 433 -13.58 -5.44 6.52
C ASP A 433 -14.55 -5.06 7.65
N GLU A 434 -14.56 -5.87 8.69
CA GLU A 434 -15.26 -5.57 9.89
C GLU A 434 -14.67 -4.36 10.59
N LEU A 435 -15.50 -3.72 11.41
CA LEU A 435 -15.02 -2.69 12.33
C LEU A 435 -13.96 -3.26 13.25
N PRO A 436 -12.89 -2.50 13.59
CA PRO A 436 -12.11 -2.87 14.77
C PRO A 436 -13.05 -3.00 15.97
N ILE A 437 -12.62 -3.78 16.93
CA ILE A 437 -13.35 -3.82 18.18
C ILE A 437 -13.09 -2.48 18.87
N LEU A 438 -14.15 -1.72 19.11
CA LEU A 438 -14.02 -0.38 19.63
C LEU A 438 -13.81 -0.43 21.15
N LYS A 439 -13.03 0.51 21.66
CA LYS A 439 -12.73 0.60 23.08
C LYS A 439 -13.20 1.92 23.63
N TYR A 440 -13.44 1.94 24.95
CA TYR A 440 -14.06 3.06 25.63
C TYR A 440 -13.42 3.29 27.01
N THR A 441 -13.49 4.54 27.49
CA THR A 441 -13.46 4.71 28.94
C THR A 441 -14.62 3.96 29.62
N LYS A 442 -14.46 3.71 30.91
CA LYS A 442 -15.57 3.06 31.60
C LYS A 442 -16.85 3.90 31.54
N GLU A 443 -16.74 5.25 31.58
CA GLU A 443 -17.93 6.12 31.61
C GLU A 443 -18.61 6.12 30.27
N LYS A 444 -17.81 6.16 29.20
CA LYS A 444 -18.39 6.14 27.86
C LYS A 444 -19.01 4.78 27.53
N SER A 445 -18.39 3.67 28.00
CA SER A 445 -18.99 2.35 27.84
C SER A 445 -20.36 2.28 28.52
N LYS A 446 -20.44 2.76 29.74
CA LYS A 446 -21.72 2.72 30.47
C LYS A 446 -22.79 3.51 29.71
N GLU A 447 -22.44 4.69 29.21
CA GLU A 447 -23.40 5.45 28.42
C GLU A 447 -23.76 4.66 27.14
N PHE A 448 -22.75 4.20 26.39
CA PHE A 448 -23.01 3.51 25.13
C PHE A 448 -23.87 2.26 25.34
N VAL A 449 -23.52 1.40 26.31
CA VAL A 449 -24.31 0.17 26.42
C VAL A 449 -25.75 0.48 26.84
N SER A 450 -25.96 1.49 27.70
CA SER A 450 -27.36 1.75 28.06
C SER A 450 -28.15 2.21 26.84
N ILE A 451 -27.49 2.76 25.82
CA ILE A 451 -28.24 3.03 24.59
C ILE A 451 -28.28 1.80 23.70
N ASP A 452 -27.11 1.21 23.48
CA ASP A 452 -26.96 0.16 22.47
C ASP A 452 -27.82 -1.04 22.80
N THR A 453 -27.88 -1.40 24.08
CA THR A 453 -28.62 -2.62 24.43
C THR A 453 -30.11 -2.34 24.30
N ALA A 454 -30.52 -1.13 24.63
CA ALA A 454 -31.94 -0.81 24.47
C ALA A 454 -32.34 -0.78 23.01
N MET A 455 -31.47 -0.23 22.13
CA MET A 455 -31.81 -0.20 20.71
C MET A 455 -31.88 -1.60 20.15
N ARG A 456 -30.94 -2.43 20.58
CA ARG A 456 -30.92 -3.82 20.15
C ARG A 456 -32.25 -4.48 20.40
N ALA A 457 -32.81 -4.28 21.57
CA ALA A 457 -34.10 -4.91 21.89
C ALA A 457 -35.22 -4.44 20.97
N VAL A 458 -35.23 -3.13 20.62
CA VAL A 458 -36.24 -2.61 19.71
C VAL A 458 -36.07 -3.19 18.32
N VAL A 459 -34.83 -3.20 17.83
CA VAL A 459 -34.58 -3.74 16.49
C VAL A 459 -35.05 -5.17 16.41
N GLU A 460 -34.64 -5.97 17.40
CA GLU A 460 -34.99 -7.39 17.37
C GLU A 460 -36.51 -7.61 17.52
N GLU A 461 -37.14 -6.85 18.37
CA GLU A 461 -38.62 -6.95 18.52
C GLU A 461 -39.32 -6.65 17.18
N LYS A 462 -39.04 -5.48 16.58
CA LYS A 462 -39.71 -5.08 15.33
C LYS A 462 -39.29 -5.92 14.12
N ALA A 463 -38.02 -6.32 14.05
CA ALA A 463 -37.60 -7.12 12.90
C ALA A 463 -38.29 -8.48 12.92
N GLN A 464 -38.38 -9.14 14.07
CA GLN A 464 -39.09 -10.42 14.05
C GLN A 464 -40.55 -10.19 13.74
N GLN A 465 -41.14 -9.17 14.37
CA GLN A 465 -42.56 -8.88 14.16
C GLN A 465 -42.82 -8.65 12.67
N TRP A 466 -41.96 -7.85 12.02
CA TRP A 466 -42.16 -7.55 10.59
C TRP A 466 -41.92 -8.77 9.70
N ILE A 467 -40.85 -9.52 9.94
CA ILE A 467 -40.58 -10.67 9.08
C ILE A 467 -41.67 -11.73 9.26
N LEU A 468 -42.13 -11.93 10.50
CA LEU A 468 -43.19 -12.89 10.72
C LEU A 468 -44.58 -12.38 10.25
N GLY A 469 -44.68 -11.16 9.75
CA GLY A 469 -45.83 -10.73 9.01
C GLY A 469 -46.89 -10.00 9.81
N SER A 470 -46.62 -9.66 11.09
CA SER A 470 -47.44 -8.79 11.92
C SER A 470 -47.04 -7.33 11.67
N GLY A 471 -48.00 -6.44 11.76
CA GLY A 471 -47.58 -5.09 11.45
C GLY A 471 -47.18 -4.90 9.98
N ASP A 472 -46.52 -3.79 9.73
CA ASP A 472 -46.35 -3.30 8.35
C ASP A 472 -45.19 -2.31 8.34
N ILE A 473 -44.04 -2.73 7.80
CA ILE A 473 -42.87 -1.89 7.98
C ILE A 473 -43.07 -0.51 7.34
N ASP A 474 -43.87 -0.42 6.26
CA ASP A 474 -43.99 0.88 5.58
C ASP A 474 -44.70 1.90 6.47
N LYS A 475 -45.79 1.50 7.13
CA LYS A 475 -46.49 2.39 8.05
C LYS A 475 -45.66 2.62 9.30
N GLU A 476 -44.84 1.63 9.68
CA GLU A 476 -44.25 1.60 11.00
C GLU A 476 -42.83 2.12 11.05
N TRP A 477 -42.14 2.19 9.90
CA TRP A 477 -40.70 2.53 9.86
C TRP A 477 -40.38 3.85 10.57
N ASP A 478 -41.09 4.93 10.22
CA ASP A 478 -40.71 6.25 10.73
C ASP A 478 -40.85 6.29 12.24
N ALA A 479 -41.87 5.63 12.78
CA ALA A 479 -42.07 5.57 14.23
C ALA A 479 -40.95 4.79 14.91
N TYR A 480 -40.55 3.68 14.28
CA TYR A 480 -39.41 2.89 14.72
C TYR A 480 -38.13 3.72 14.77
N ILE A 481 -37.85 4.50 13.72
CA ILE A 481 -36.62 5.31 13.71
C ILE A 481 -36.65 6.33 14.85
N LYS A 482 -37.79 7.04 14.97
CA LYS A 482 -37.95 7.97 16.07
C LYS A 482 -37.76 7.26 17.39
N ARG A 483 -38.26 6.04 17.49
CA ARG A 483 -38.12 5.26 18.69
C ARG A 483 -36.63 5.05 19.05
N LEU A 484 -35.80 4.71 18.04
CA LEU A 484 -34.35 4.56 18.25
C LEU A 484 -33.71 5.88 18.63
N GLU A 485 -34.08 6.97 17.94
CA GLU A 485 -33.54 8.29 18.29
C GLU A 485 -33.86 8.67 19.74
N ASN A 486 -35.07 8.38 20.17
CA ASN A 486 -35.44 8.73 21.54
C ASN A 486 -34.68 7.86 22.53
N LEU A 487 -34.11 6.74 22.08
CA LEU A 487 -33.29 6.02 23.06
C LEU A 487 -31.86 6.55 23.14
N GLY A 488 -31.47 7.47 22.25
CA GLY A 488 -30.14 8.05 22.26
C GLY A 488 -29.30 7.63 21.09
N LEU A 489 -29.92 7.23 19.98
CA LEU A 489 -29.16 6.86 18.80
C LEU A 489 -28.03 7.84 18.49
N SER A 490 -28.33 9.13 18.47
CA SER A 490 -27.29 10.09 18.07
C SER A 490 -26.14 10.18 19.10
N LYS A 491 -26.45 10.02 20.39
CA LYS A 491 -25.40 9.96 21.42
C LYS A 491 -24.52 8.74 21.24
N ALA A 492 -25.13 7.58 20.93
CA ALA A 492 -24.31 6.37 20.76
C ALA A 492 -23.47 6.51 19.50
N GLU A 493 -24.05 7.17 18.45
CA GLU A 493 -23.26 7.40 17.24
C GLU A 493 -22.03 8.22 17.52
N GLN A 494 -22.15 9.17 18.45
CA GLN A 494 -21.04 10.04 18.81
C GLN A 494 -19.98 9.28 19.53
N ILE A 495 -20.40 8.46 20.50
CA ILE A 495 -19.46 7.62 21.21
C ILE A 495 -18.70 6.69 20.24
N GLN A 496 -19.43 6.04 19.32
CA GLN A 496 -18.80 5.09 18.38
C GLN A 496 -17.79 5.77 17.49
N ASN A 497 -18.14 6.97 16.97
CA ASN A 497 -17.17 7.69 16.15
C ASN A 497 -15.99 8.23 16.98
N GLU A 498 -16.20 8.62 18.25
CA GLU A 498 -15.04 9.00 19.05
C GLU A 498 -14.09 7.81 19.24
N ALA A 499 -14.66 6.61 19.37
CA ALA A 499 -13.83 5.41 19.64
C ALA A 499 -13.06 4.92 18.38
N PHE A 500 -13.59 5.18 17.22
CA PHE A 500 -13.03 4.78 15.99
C PHE A 500 -11.98 5.85 15.58
N PRO B 27 9.07 -25.98 -16.96
CA PRO B 27 9.90 -24.72 -16.99
C PRO B 27 10.51 -24.44 -18.36
N LYS B 28 9.89 -23.43 -18.98
CA LYS B 28 10.17 -22.93 -20.34
C LYS B 28 11.46 -22.08 -20.33
N GLU B 29 12.50 -22.67 -21.00
CA GLU B 29 13.79 -22.02 -21.15
C GLU B 29 13.73 -20.77 -22.06
N THR B 30 13.91 -19.60 -21.48
CA THR B 30 13.63 -18.33 -22.14
C THR B 30 14.90 -17.51 -22.11
N THR B 31 15.44 -17.18 -23.27
CA THR B 31 16.67 -16.41 -23.28
C THR B 31 16.36 -14.92 -23.06
N ILE B 32 17.32 -14.22 -22.42
CA ILE B 32 17.19 -12.80 -22.10
C ILE B 32 18.56 -12.16 -22.21
N PHE B 33 18.58 -10.90 -22.65
CA PHE B 33 19.74 -10.04 -22.46
C PHE B 33 19.37 -9.11 -21.31
N ALA B 34 20.09 -9.21 -20.17
CA ALA B 34 19.79 -8.34 -19.02
C ALA B 34 21.04 -7.98 -18.24
N MET B 35 21.25 -6.69 -18.04
CA MET B 35 22.31 -6.23 -17.15
C MET B 35 21.76 -5.07 -16.33
N HIS B 36 22.40 -4.79 -15.19
CA HIS B 36 22.07 -3.59 -14.45
C HIS B 36 23.21 -3.30 -13.50
N LEU B 37 23.58 -2.02 -13.36
CA LEU B 37 24.69 -1.60 -12.47
C LEU B 37 25.93 -2.46 -12.74
N GLY B 38 26.22 -2.72 -14.02
CA GLY B 38 27.46 -3.41 -14.36
C GLY B 38 27.43 -4.91 -14.08
N LYS B 39 26.26 -5.49 -13.80
CA LYS B 39 26.22 -6.92 -13.49
C LYS B 39 25.18 -7.60 -14.39
N ALA B 40 25.58 -8.66 -15.10
CA ALA B 40 24.61 -9.47 -15.81
C ALA B 40 23.64 -10.14 -14.82
N LEU B 41 22.36 -10.23 -15.19
CA LEU B 41 21.36 -10.90 -14.34
C LEU B 41 21.75 -12.38 -14.12
N ASP B 42 21.86 -12.81 -12.86
CA ASP B 42 21.94 -14.23 -12.53
C ASP B 42 20.56 -14.75 -12.19
N PRO B 43 19.92 -15.53 -13.06
CA PRO B 43 18.56 -15.98 -12.78
C PRO B 43 18.45 -16.96 -11.59
N ASN B 44 19.57 -17.31 -10.95
CA ASN B 44 19.51 -18.11 -9.75
C ASN B 44 19.61 -17.29 -8.47
N LEU B 45 19.63 -15.96 -8.60
CA LEU B 45 19.43 -15.14 -7.43
C LEU B 45 18.08 -15.48 -6.78
N PRO B 46 17.98 -15.34 -5.46
CA PRO B 46 16.70 -15.68 -4.75
C PRO B 46 15.43 -15.16 -5.40
N VAL B 47 15.43 -13.88 -5.80
CA VAL B 47 14.23 -13.31 -6.38
C VAL B 47 13.84 -14.06 -7.62
N PHE B 48 14.81 -14.43 -8.46
CA PHE B 48 14.44 -15.02 -9.75
C PHE B 48 14.14 -16.51 -9.61
N VAL B 49 14.73 -17.20 -8.65
CA VAL B 49 14.24 -18.56 -8.45
C VAL B 49 12.78 -18.54 -7.94
N LYS B 50 12.40 -17.61 -7.04
CA LYS B 50 10.97 -17.50 -6.68
C LYS B 50 10.10 -17.19 -7.89
N ALA B 51 10.53 -16.24 -8.73
CA ALA B 51 9.72 -15.94 -9.91
C ALA B 51 9.61 -17.14 -10.83
N GLU B 52 10.73 -17.84 -11.00
CA GLU B 52 10.70 -19.05 -11.82
C GLU B 52 9.65 -20.03 -11.30
N LYS B 53 9.64 -20.27 -9.98
CA LYS B 53 8.65 -21.20 -9.38
C LYS B 53 7.23 -20.73 -9.68
N ASP B 54 6.96 -19.44 -9.50
CA ASP B 54 5.62 -18.87 -9.68
C ASP B 54 5.15 -18.79 -11.12
N THR B 55 6.07 -18.72 -12.11
CA THR B 55 5.72 -18.48 -13.51
C THR B 55 6.03 -19.63 -14.43
N ASN B 56 6.86 -20.58 -14.00
CA ASN B 56 7.45 -21.60 -14.87
C ASN B 56 8.29 -21.00 -16.01
N ILE B 57 8.75 -19.74 -15.89
CA ILE B 57 9.71 -19.18 -16.86
C ILE B 57 11.13 -19.38 -16.32
N LYS B 58 11.98 -19.99 -17.14
CA LYS B 58 13.36 -20.23 -16.73
C LYS B 58 14.27 -19.32 -17.54
N LEU B 59 14.74 -18.19 -16.97
CA LEU B 59 15.59 -17.32 -17.78
C LEU B 59 16.98 -17.91 -18.00
N VAL B 60 17.58 -17.60 -19.17
CA VAL B 60 18.97 -17.91 -19.45
C VAL B 60 19.56 -16.65 -20.06
N ASN B 61 20.59 -16.11 -19.44
CA ASN B 61 21.05 -14.80 -19.88
C ASN B 61 22.02 -14.96 -21.02
N VAL B 62 21.87 -14.15 -22.10
CA VAL B 62 22.90 -14.17 -23.15
C VAL B 62 23.98 -13.16 -22.89
N ALA B 63 23.80 -12.26 -21.91
CA ALA B 63 24.93 -11.50 -21.39
C ALA B 63 25.71 -12.36 -20.43
N SER B 64 27.05 -12.23 -20.43
CA SER B 64 27.81 -13.12 -19.55
C SER B 64 28.18 -12.42 -18.24
N GLN B 65 28.46 -13.25 -17.23
CA GLN B 65 28.87 -12.78 -15.94
C GLN B 65 30.11 -11.94 -15.97
N ASN B 66 30.94 -12.04 -17.02
CA ASN B 66 32.13 -11.18 -17.06
C ASN B 66 31.86 -9.80 -17.63
N GLN B 67 30.77 -9.66 -18.36
CA GLN B 67 30.49 -8.36 -19.01
C GLN B 67 30.05 -7.31 -18.00
N THR B 68 30.63 -6.10 -18.07
CA THR B 68 30.26 -5.06 -17.11
C THR B 68 29.70 -3.81 -17.78
N ASP B 69 30.06 -3.58 -19.03
CA ASP B 69 29.64 -2.38 -19.75
C ASP B 69 28.38 -2.75 -20.52
N GLN B 70 27.23 -2.31 -19.99
CA GLN B 70 25.95 -2.76 -20.54
C GLN B 70 25.74 -2.20 -21.94
N ILE B 71 26.19 -0.97 -22.17
CA ILE B 71 25.97 -0.37 -23.47
C ILE B 71 26.75 -1.13 -24.54
N GLN B 72 28.01 -1.39 -24.28
CA GLN B 72 28.74 -2.17 -25.32
C GLN B 72 28.20 -3.60 -25.44
N ALA B 73 27.77 -4.24 -24.34
CA ALA B 73 27.23 -5.61 -24.43
C ALA B 73 25.98 -5.66 -25.28
N TYR B 74 25.14 -4.63 -25.11
CA TYR B 74 23.90 -4.56 -25.87
C TYR B 74 24.20 -4.45 -27.39
N ASN B 75 25.04 -3.49 -27.76
CA ASN B 75 25.36 -3.27 -29.16
C ASN B 75 25.98 -4.50 -29.76
N LEU B 76 26.84 -5.18 -29.00
CA LEU B 76 27.41 -6.43 -29.50
C LEU B 76 26.32 -7.50 -29.66
N MET B 77 25.47 -7.65 -28.67
CA MET B 77 24.38 -8.65 -28.72
C MET B 77 23.50 -8.48 -29.96
N LEU B 78 23.24 -7.22 -30.38
CA LEU B 78 22.45 -7.04 -31.60
C LEU B 78 23.12 -7.70 -32.84
N THR B 79 24.47 -7.77 -32.86
CA THR B 79 25.20 -8.28 -34.05
C THR B 79 25.26 -9.79 -34.07
N GLU B 80 24.88 -10.46 -32.98
CA GLU B 80 25.12 -11.89 -32.82
C GLU B 80 23.98 -12.74 -33.32
N GLY B 81 23.25 -12.30 -34.34
CA GLY B 81 22.33 -13.22 -34.96
C GLY B 81 20.97 -13.13 -34.32
N LYS B 82 20.34 -14.27 -33.98
CA LYS B 82 19.00 -14.21 -33.40
C LYS B 82 19.03 -13.39 -32.10
N LEU B 83 18.04 -12.50 -31.96
CA LEU B 83 17.75 -11.83 -30.67
C LEU B 83 17.27 -12.81 -29.59
N PRO B 84 17.63 -12.55 -28.33
CA PRO B 84 17.07 -13.35 -27.24
C PRO B 84 15.59 -13.10 -27.14
N ASP B 85 14.89 -14.01 -26.49
CA ASP B 85 13.44 -13.88 -26.38
C ASP B 85 13.02 -12.55 -25.72
N ILE B 86 13.71 -12.18 -24.62
CA ILE B 86 13.49 -10.91 -23.93
C ILE B 86 14.74 -10.05 -24.04
N VAL B 87 14.54 -8.76 -24.31
CA VAL B 87 15.62 -7.79 -24.42
C VAL B 87 15.34 -6.71 -23.37
N SER B 88 16.23 -6.59 -22.38
CA SER B 88 16.15 -5.54 -21.39
C SER B 88 17.27 -4.57 -21.66
N TYR B 89 17.03 -3.27 -21.43
CA TYR B 89 18.11 -2.32 -21.68
C TYR B 89 17.86 -1.02 -20.95
N GLU B 90 18.95 -0.38 -20.54
CA GLU B 90 18.80 0.83 -19.75
C GLU B 90 18.39 2.01 -20.60
N LEU B 91 18.66 1.97 -21.95
CA LEU B 91 18.38 3.10 -22.86
C LEU B 91 17.16 2.74 -23.70
N SER B 92 15.99 3.32 -23.32
CA SER B 92 14.72 2.98 -23.93
C SER B 92 14.62 3.41 -25.37
N ALA B 93 15.25 4.52 -25.76
CA ALA B 93 15.20 4.89 -27.20
C ALA B 93 15.74 3.77 -28.10
N ASP B 94 16.83 3.10 -27.66
CA ASP B 94 17.37 1.98 -28.43
C ASP B 94 16.35 0.84 -28.50
N LEU B 95 15.58 0.64 -27.43
CA LEU B 95 14.53 -0.37 -27.46
C LEU B 95 13.44 0.04 -28.45
N GLU B 96 13.00 1.31 -28.42
CA GLU B 96 11.96 1.69 -29.39
C GLU B 96 12.53 1.62 -30.82
N ASN B 97 13.80 1.96 -31.01
CA ASN B 97 14.39 1.82 -32.36
C ASN B 97 14.36 0.39 -32.83
N LEU B 98 14.71 -0.54 -31.91
CA LEU B 98 14.63 -1.95 -32.29
C LEU B 98 13.22 -2.32 -32.63
N GLY B 99 12.24 -1.75 -31.91
CA GLY B 99 10.87 -2.10 -32.17
C GLY B 99 10.41 -1.57 -33.51
N ILE B 100 10.78 -0.33 -33.83
CA ILE B 100 10.45 0.22 -35.15
C ILE B 100 11.09 -0.60 -36.28
N GLU B 101 12.36 -0.95 -36.12
CA GLU B 101 12.94 -1.81 -37.14
C GLU B 101 12.37 -3.25 -37.11
N GLY B 102 11.43 -3.59 -36.23
CA GLY B 102 10.91 -4.96 -36.19
C GLY B 102 11.64 -6.00 -35.32
N GLY B 103 12.72 -5.63 -34.63
CA GLY B 103 13.37 -6.58 -33.72
C GLY B 103 12.56 -6.86 -32.44
N LEU B 104 11.93 -5.83 -31.89
CA LEU B 104 10.90 -6.05 -30.86
C LEU B 104 9.49 -5.95 -31.42
N ILE B 105 8.58 -6.73 -30.82
CA ILE B 105 7.18 -6.76 -31.29
C ILE B 105 6.34 -5.78 -30.50
N PRO B 106 5.27 -5.23 -31.12
CA PRO B 106 4.32 -4.41 -30.37
C PRO B 106 3.66 -5.26 -29.31
N LEU B 107 3.49 -4.70 -28.12
CA LEU B 107 2.95 -5.38 -26.96
C LEU B 107 1.53 -4.99 -26.60
N GLU B 108 0.99 -3.91 -27.16
CA GLU B 108 -0.25 -3.37 -26.56
C GLU B 108 -1.41 -4.37 -26.66
N ASP B 109 -1.50 -5.14 -27.76
CA ASP B 109 -2.60 -6.11 -27.91
C ASP B 109 -2.40 -7.39 -27.06
N LEU B 110 -1.17 -7.87 -26.97
CA LEU B 110 -0.85 -8.93 -26.02
C LEU B 110 -1.27 -8.53 -24.65
N ILE B 111 -1.02 -7.25 -24.29
CA ILE B 111 -1.34 -6.75 -22.96
C ILE B 111 -2.82 -6.76 -22.75
N ASN B 112 -3.57 -6.15 -23.69
CA ASN B 112 -5.05 -6.13 -23.66
C ASN B 112 -5.62 -7.52 -23.39
N GLN B 113 -5.10 -8.53 -24.06
CA GLN B 113 -5.73 -9.83 -23.98
C GLN B 113 -5.16 -10.72 -22.89
N HIS B 114 -3.90 -10.56 -22.50
CA HIS B 114 -3.29 -11.56 -21.65
C HIS B 114 -2.59 -10.98 -20.43
N ALA B 115 -2.60 -9.66 -20.22
CA ALA B 115 -1.83 -9.10 -19.11
C ALA B 115 -2.75 -8.21 -18.29
N PRO B 116 -3.68 -8.78 -17.50
CA PRO B 116 -4.62 -7.92 -16.80
C PRO B 116 -3.96 -6.96 -15.79
N ASN B 117 -2.83 -7.34 -15.15
CA ASN B 117 -2.23 -6.40 -14.20
C ASN B 117 -1.68 -5.17 -14.91
N LEU B 118 -0.97 -5.40 -16.04
CA LEU B 118 -0.43 -4.28 -16.82
C LEU B 118 -1.56 -3.46 -17.45
N LYS B 119 -2.59 -4.14 -17.97
CA LYS B 119 -3.73 -3.43 -18.51
C LYS B 119 -4.34 -2.49 -17.46
N LYS B 120 -4.56 -3.01 -16.25
CA LYS B 120 -5.10 -2.18 -15.17
C LYS B 120 -4.14 -1.07 -14.79
N PHE B 121 -2.85 -1.39 -14.72
CA PHE B 121 -1.83 -0.40 -14.38
C PHE B 121 -1.84 0.73 -15.39
N PHE B 122 -1.96 0.41 -16.69
CA PHE B 122 -1.99 1.47 -17.69
C PHE B 122 -3.26 2.32 -17.58
N GLU B 123 -4.42 1.70 -17.28
CA GLU B 123 -5.64 2.50 -17.01
C GLU B 123 -5.49 3.47 -15.83
N GLU B 124 -4.85 3.07 -14.74
CA GLU B 124 -4.84 3.91 -13.55
C GLU B 124 -3.67 4.90 -13.52
N ASN B 125 -2.85 4.92 -14.58
CA ASN B 125 -1.61 5.69 -14.59
C ASN B 125 -1.36 6.23 -15.99
N PRO B 126 -2.08 7.31 -16.37
CA PRO B 126 -1.92 7.89 -17.70
C PRO B 126 -0.49 8.25 -18.04
N ARG B 127 0.22 8.92 -17.14
CA ARG B 127 1.61 9.29 -17.43
C ARG B 127 2.45 8.04 -17.73
N TYR B 128 2.30 6.98 -16.93
CA TYR B 128 3.12 5.79 -17.18
C TYR B 128 2.71 5.13 -18.50
N LYS B 129 1.43 5.12 -18.82
CA LYS B 129 1.02 4.60 -20.13
C LYS B 129 1.69 5.38 -21.25
N LYS B 130 1.62 6.70 -21.14
CA LYS B 130 2.26 7.52 -22.18
C LYS B 130 3.77 7.25 -22.29
N ASP B 131 4.45 7.04 -21.14
CA ASP B 131 5.86 6.67 -21.15
C ASP B 131 6.14 5.41 -21.97
N ALA B 132 5.15 4.49 -22.11
CA ALA B 132 5.43 3.21 -22.76
C ALA B 132 5.11 3.21 -24.24
N VAL B 133 4.47 4.24 -24.75
CA VAL B 133 4.01 4.25 -26.13
C VAL B 133 5.06 4.97 -26.99
N ALA B 134 5.57 4.28 -28.00
CA ALA B 134 6.54 4.87 -28.92
C ALA B 134 5.88 5.96 -29.81
N VAL B 135 6.69 6.66 -30.60
CA VAL B 135 6.08 7.69 -31.43
C VAL B 135 5.15 7.13 -32.47
N ASP B 136 5.31 5.89 -32.89
CA ASP B 136 4.38 5.34 -33.87
C ASP B 136 3.09 4.74 -33.27
N GLY B 137 2.83 4.97 -31.98
CA GLY B 137 1.65 4.43 -31.34
C GLY B 137 1.79 3.02 -30.79
N HIS B 138 2.89 2.33 -31.04
CA HIS B 138 3.07 0.98 -30.49
C HIS B 138 3.78 1.02 -29.13
N ILE B 139 3.55 0.01 -28.31
CA ILE B 139 4.32 -0.22 -27.06
C ILE B 139 5.37 -1.26 -27.37
N TYR B 140 6.65 -0.88 -27.40
CA TYR B 140 7.69 -1.86 -27.64
C TYR B 140 8.37 -2.31 -26.36
N MET B 141 8.09 -1.66 -25.24
CA MET B 141 8.80 -2.03 -24.02
C MET B 141 7.94 -1.67 -22.83
N ILE B 142 8.16 -2.37 -21.73
CA ILE B 142 7.58 -2.02 -20.44
C ILE B 142 8.67 -1.31 -19.66
N PRO B 143 8.53 -0.03 -19.34
CA PRO B 143 9.57 0.65 -18.57
C PRO B 143 9.75 0.02 -17.18
N ASN B 144 10.87 0.33 -16.62
CA ASN B 144 11.11 0.09 -15.20
C ASN B 144 10.80 1.40 -14.50
N TYR B 145 9.60 1.50 -13.90
CA TYR B 145 9.12 2.74 -13.35
C TYR B 145 9.63 2.94 -11.92
N TYR B 146 10.09 4.16 -11.63
CA TYR B 146 10.18 4.58 -10.23
C TYR B 146 8.77 4.76 -9.71
N ASP B 147 8.60 4.84 -8.39
CA ASP B 147 7.29 5.13 -7.80
C ASP B 147 7.15 6.66 -7.73
N TYR B 148 7.14 7.23 -8.93
CA TYR B 148 7.45 8.63 -9.13
C TYR B 148 6.50 9.57 -8.40
N PHE B 149 5.21 9.23 -8.37
CA PHE B 149 4.25 10.14 -7.76
C PHE B 149 4.17 9.97 -6.25
N ASN B 150 4.98 9.06 -5.73
CA ASN B 150 5.13 8.90 -4.29
C ASN B 150 6.48 9.38 -3.77
N ILE B 151 7.58 9.13 -4.50
CA ILE B 151 8.88 9.71 -4.21
C ILE B 151 9.52 10.03 -5.53
N LYS B 152 9.75 11.32 -5.75
CA LYS B 152 10.33 11.89 -6.95
C LYS B 152 11.72 12.46 -6.65
N VAL B 153 11.98 12.81 -5.40
CA VAL B 153 13.31 13.27 -4.98
C VAL B 153 14.29 12.13 -5.17
N SER B 154 15.55 12.45 -5.47
CA SER B 154 16.57 11.41 -5.61
C SER B 154 17.76 11.78 -4.73
N GLN B 155 18.71 12.55 -5.26
CA GLN B 155 19.93 12.83 -4.51
C GLN B 155 19.75 14.09 -3.69
N GLY B 156 20.49 14.16 -2.60
CA GLY B 156 20.43 15.30 -1.73
C GLY B 156 21.83 15.58 -1.21
N TYR B 157 21.99 16.76 -0.60
CA TYR B 157 23.29 17.22 -0.18
C TYR B 157 23.45 16.82 1.27
N PHE B 158 24.64 16.31 1.62
CA PHE B 158 24.90 15.82 2.97
C PHE B 158 26.21 16.41 3.46
N ILE B 159 26.25 16.67 4.76
CA ILE B 159 27.50 17.12 5.35
C ILE B 159 27.66 16.50 6.75
N ARG B 160 28.91 16.41 7.18
CA ARG B 160 29.30 15.85 8.49
C ARG B 160 29.00 16.88 9.56
N GLN B 161 27.81 16.74 10.11
CA GLN B 161 27.39 17.61 11.19
C GLN B 161 28.28 17.45 12.40
N ASP B 162 28.74 16.22 12.66
CA ASP B 162 29.68 16.04 13.77
C ASP B 162 31.01 16.78 13.53
N TRP B 163 31.46 16.91 12.28
CA TRP B 163 32.66 17.72 11.99
C TRP B 163 32.37 19.22 12.11
N LEU B 164 31.19 19.63 11.68
CA LEU B 164 30.77 21.01 11.93
C LEU B 164 30.85 21.37 13.42
N GLU B 165 30.34 20.49 14.25
CA GLU B 165 30.30 20.75 15.69
C GLU B 165 31.70 20.73 16.30
N LYS B 166 32.53 19.74 15.91
CA LYS B 166 33.91 19.67 16.40
C LYS B 166 34.64 20.94 16.05
N LEU B 167 34.37 21.51 14.89
CA LEU B 167 35.03 22.75 14.46
C LEU B 167 34.26 24.01 14.80
N GLY B 168 33.17 23.90 15.54
CA GLY B 168 32.35 25.09 15.84
C GLY B 168 31.93 25.94 14.66
N LEU B 169 31.60 25.29 13.51
CA LEU B 169 31.21 25.94 12.25
C LEU B 169 29.71 25.93 12.11
N LYS B 170 29.15 26.99 11.54
CA LYS B 170 27.74 26.98 11.19
C LYS B 170 27.47 26.03 10.03
N GLU B 171 26.25 25.47 9.97
CA GLU B 171 25.87 24.74 8.73
C GLU B 171 25.95 25.70 7.53
N PRO B 172 26.72 25.37 6.48
CA PRO B 172 26.82 26.29 5.32
C PRO B 172 25.51 26.31 4.52
N ARG B 173 25.17 27.51 4.01
CA ARG B 173 23.90 27.73 3.32
C ARG B 173 24.07 28.22 1.92
N THR B 174 25.19 28.87 1.65
CA THR B 174 25.50 29.29 0.31
C THR B 174 26.72 28.50 -0.18
N VAL B 175 26.91 28.50 -1.49
CA VAL B 175 28.10 27.87 -2.05
C VAL B 175 29.38 28.49 -1.47
N ASP B 176 29.38 29.83 -1.26
CA ASP B 176 30.56 30.47 -0.65
C ASP B 176 30.80 29.95 0.76
N GLU B 177 29.75 29.82 1.54
CA GLU B 177 29.91 29.26 2.86
C GLU B 177 30.39 27.82 2.78
N LEU B 178 29.90 27.05 1.78
CA LEU B 178 30.35 25.68 1.63
C LEU B 178 31.85 25.66 1.36
N TYR B 179 32.34 26.58 0.52
CA TYR B 179 33.76 26.64 0.26
C TYR B 179 34.55 26.81 1.55
N THR B 180 34.13 27.78 2.37
CA THR B 180 34.79 28.01 3.66
C THR B 180 34.76 26.75 4.52
N THR B 181 33.64 26.05 4.55
CA THR B 181 33.51 24.83 5.36
C THR B 181 34.45 23.73 4.86
N LEU B 182 34.47 23.49 3.55
CA LEU B 182 35.28 22.39 3.03
C LEU B 182 36.76 22.67 3.26
N LYS B 183 37.17 23.94 3.12
CA LYS B 183 38.55 24.31 3.45
C LYS B 183 38.87 24.01 4.92
N ALA B 184 37.96 24.38 5.83
CA ALA B 184 38.09 23.96 7.22
C ALA B 184 38.17 22.42 7.34
N PHE B 185 37.35 21.67 6.59
CA PHE B 185 37.48 20.21 6.66
C PHE B 185 38.84 19.75 6.17
N ARG B 186 39.37 20.41 5.13
CA ARG B 186 40.64 19.94 4.60
C ARG B 186 41.79 20.26 5.55
N GLU B 187 41.76 21.44 6.18
CA GLU B 187 42.93 21.95 6.90
C GLU B 187 42.93 21.59 8.36
N LYS B 188 41.75 21.41 8.97
CA LYS B 188 41.70 21.44 10.42
C LYS B 188 41.46 20.07 11.04
N ASP B 189 41.78 19.01 10.32
CA ASP B 189 41.82 17.66 10.85
C ASP B 189 40.57 17.24 11.68
N PRO B 190 39.39 17.40 11.10
CA PRO B 190 38.20 17.03 11.91
C PRO B 190 38.13 15.58 12.27
N ASN B 191 38.85 14.66 11.59
CA ASN B 191 38.78 13.29 12.08
C ASN B 191 39.78 12.99 13.20
N GLY B 192 40.51 14.02 13.64
CA GLY B 192 41.32 14.03 14.84
C GLY B 192 42.49 13.06 14.86
N ASN B 193 43.11 12.76 13.74
CA ASN B 193 44.20 11.78 13.77
C ASN B 193 45.55 12.44 13.51
N GLY B 194 45.59 13.79 13.53
CA GLY B 194 46.77 14.60 13.28
C GLY B 194 47.37 14.50 11.88
N LYS B 195 46.64 13.92 10.91
CA LYS B 195 47.11 13.75 9.52
C LYS B 195 46.19 14.59 8.63
N LYS B 196 46.73 15.11 7.53
CA LYS B 196 45.91 15.90 6.59
C LYS B 196 45.35 14.96 5.53
N ASP B 197 44.41 14.12 5.95
CA ASP B 197 43.88 13.06 5.10
C ASP B 197 42.41 13.27 4.68
N GLU B 198 41.77 14.30 5.23
CA GLU B 198 40.36 14.54 5.00
C GLU B 198 40.10 14.79 3.52
N VAL B 199 38.97 14.27 3.05
CA VAL B 199 38.46 14.44 1.71
C VAL B 199 37.15 15.19 1.85
N PRO B 200 37.16 16.52 1.69
CA PRO B 200 35.98 17.30 2.13
C PRO B 200 34.75 16.99 1.29
N PHE B 201 34.89 16.90 -0.02
CA PHE B 201 33.73 16.63 -0.87
C PHE B 201 34.04 15.47 -1.77
N PHE B 202 33.09 14.52 -1.88
CA PHE B 202 33.27 13.33 -2.71
C PHE B 202 31.94 12.96 -3.39
N VAL B 203 31.99 12.11 -4.39
CA VAL B 203 30.79 11.67 -5.07
C VAL B 203 30.86 10.15 -5.24
N ARG B 204 29.80 9.60 -5.82
CA ARG B 204 29.74 8.17 -6.10
C ARG B 204 29.22 7.97 -7.52
N ALA B 205 30.04 7.35 -8.36
CA ALA B 205 29.79 7.34 -9.78
C ALA B 205 30.62 6.24 -10.44
N ASN B 206 30.07 5.67 -11.52
CA ASN B 206 30.82 4.71 -12.32
C ASN B 206 31.00 5.20 -13.76
N ASN B 207 30.86 6.50 -14.03
CA ASN B 207 31.28 7.08 -15.32
C ASN B 207 31.39 8.59 -15.14
N VAL B 208 32.12 9.22 -16.05
CA VAL B 208 32.43 10.63 -15.91
C VAL B 208 31.16 11.47 -15.92
N ARG B 209 30.15 11.08 -16.74
CA ARG B 209 28.91 11.87 -16.74
C ARG B 209 28.35 11.91 -15.35
N LYS B 210 28.43 10.79 -14.63
CA LYS B 210 27.78 10.82 -13.33
C LYS B 210 28.68 11.47 -12.27
N VAL B 211 30.02 11.50 -12.46
CA VAL B 211 30.84 12.43 -11.64
C VAL B 211 30.39 13.88 -11.82
N LEU B 212 30.26 14.31 -13.08
CA LEU B 212 29.90 15.70 -13.33
C LEU B 212 28.55 16.02 -12.74
N THR B 213 27.61 15.09 -12.89
CA THR B 213 26.26 15.27 -12.32
C THR B 213 26.31 15.65 -10.85
N SER B 214 27.13 14.97 -10.06
CA SER B 214 27.16 15.22 -8.62
C SER B 214 28.16 16.31 -8.23
N LEU B 215 28.85 16.87 -9.20
CA LEU B 215 29.68 18.05 -8.95
C LEU B 215 29.02 19.34 -9.46
N VAL B 216 28.47 19.38 -10.67
CA VAL B 216 28.11 20.70 -11.18
C VAL B 216 26.75 21.16 -10.68
N ASP B 217 25.96 20.28 -10.09
CA ASP B 217 24.66 20.71 -9.59
C ASP B 217 24.80 21.66 -8.39
N LEU B 218 25.87 21.53 -7.59
CA LEU B 218 26.21 22.52 -6.57
C LEU B 218 26.12 23.95 -7.11
N PHE B 219 26.61 24.13 -8.33
CA PHE B 219 26.66 25.44 -8.96
C PHE B 219 25.48 25.67 -9.91
N LYS B 220 24.40 24.90 -9.77
CA LYS B 220 23.17 25.13 -10.53
C LYS B 220 23.39 24.92 -12.03
N ALA B 221 24.31 24.03 -12.37
CA ALA B 221 24.57 23.71 -13.77
C ALA B 221 24.13 22.26 -13.99
N SER B 222 24.22 21.81 -15.25
CA SER B 222 23.84 20.45 -15.59
C SER B 222 24.77 19.90 -16.67
N PRO B 223 25.16 18.63 -16.62
CA PRO B 223 25.92 18.06 -17.74
C PRO B 223 25.02 17.44 -18.80
N ILE B 224 23.69 17.51 -18.63
CA ILE B 224 22.78 16.87 -19.60
C ILE B 224 21.79 17.86 -20.19
N TRP B 225 20.81 17.35 -20.94
CA TRP B 225 19.74 18.20 -21.44
C TRP B 225 18.75 18.46 -20.31
N TYR B 226 18.15 19.65 -20.31
CA TYR B 226 17.19 19.97 -19.24
C TYR B 226 16.14 20.94 -19.78
N GLU B 227 15.06 21.11 -19.00
CA GLU B 227 13.96 22.03 -19.35
C GLU B 227 14.12 23.44 -18.77
N GLU B 228 13.85 24.43 -19.61
CA GLU B 228 13.79 25.81 -19.17
C GLU B 228 12.49 26.31 -19.77
N ASN B 229 11.43 26.39 -18.97
CA ASN B 229 10.23 27.12 -19.38
C ASN B 229 9.65 26.53 -20.66
N GLY B 230 9.55 25.20 -20.74
CA GLY B 230 8.97 24.55 -21.90
C GLY B 230 9.95 24.29 -23.02
N MET B 231 11.16 24.86 -22.91
CA MET B 231 12.21 24.73 -23.94
C MET B 231 13.31 23.80 -23.40
N VAL B 232 13.89 22.96 -24.27
CA VAL B 232 14.92 22.02 -23.85
C VAL B 232 16.24 22.65 -24.25
N LYS B 233 17.21 22.70 -23.33
CA LYS B 233 18.53 23.28 -23.54
C LYS B 233 19.64 22.26 -23.15
N TYR B 234 20.84 22.50 -23.67
CA TYR B 234 21.97 21.57 -23.43
C TYR B 234 22.81 22.17 -22.30
N GLY B 235 22.77 21.55 -21.11
CA GLY B 235 23.44 22.10 -19.94
C GLY B 235 24.91 22.44 -20.15
N PRO B 236 25.72 21.56 -20.79
CA PRO B 236 27.16 21.91 -20.96
C PRO B 236 27.42 23.09 -21.85
N ALA B 237 26.42 23.60 -22.57
CA ALA B 237 26.63 24.82 -23.37
C ALA B 237 26.28 26.11 -22.59
N GLN B 238 25.85 26.03 -21.33
CA GLN B 238 25.31 27.19 -20.58
C GLN B 238 26.40 27.87 -19.73
N LYS B 239 26.25 29.19 -19.54
CA LYS B 239 27.16 29.97 -18.68
C LYS B 239 27.35 29.35 -17.29
N GLU B 240 26.31 28.73 -16.74
CA GLU B 240 26.42 28.18 -15.38
C GLU B 240 27.45 27.08 -15.32
N PHE B 241 27.55 26.32 -16.43
CA PHE B 241 28.50 25.21 -16.52
C PHE B 241 29.93 25.73 -16.51
N LYS B 242 30.17 26.82 -17.30
CA LYS B 242 31.49 27.42 -17.30
C LYS B 242 31.89 27.81 -15.88
N HIS B 243 30.97 28.49 -15.17
CA HIS B 243 31.27 28.91 -13.81
C HIS B 243 31.48 27.68 -12.90
N ALA B 244 30.67 26.64 -13.07
CA ALA B 244 30.83 25.44 -12.26
C ALA B 244 32.18 24.82 -12.45
N ILE B 245 32.62 24.67 -13.71
CA ILE B 245 33.93 24.07 -13.97
C ILE B 245 35.05 24.95 -13.38
N LYS B 246 34.96 26.27 -13.56
CA LYS B 246 35.99 27.16 -13.00
C LYS B 246 36.11 26.96 -11.48
N GLU B 247 34.98 26.99 -10.78
CA GLU B 247 35.02 26.82 -9.31
C GLU B 247 35.57 25.45 -8.91
N LEU B 248 35.11 24.37 -9.59
CA LEU B 248 35.53 23.00 -9.27
C LEU B 248 37.02 22.84 -9.51
N SER B 249 37.54 23.46 -10.57
CA SER B 249 38.98 23.49 -10.78
C SER B 249 39.74 24.02 -9.55
N LYS B 250 39.33 25.19 -9.07
CA LYS B 250 39.92 25.79 -7.87
C LYS B 250 39.78 24.87 -6.68
N TRP B 251 38.57 24.37 -6.42
CA TRP B 251 38.37 23.50 -5.25
C TRP B 251 39.20 22.22 -5.36
N TYR B 252 39.33 21.67 -6.57
CA TYR B 252 40.18 20.51 -6.80
C TYR B 252 41.65 20.85 -6.54
N LYS B 253 42.11 21.98 -7.05
CA LYS B 253 43.50 22.34 -6.77
C LYS B 253 43.78 22.46 -5.27
N GLU B 254 42.82 22.97 -4.49
CA GLU B 254 42.98 23.16 -3.05
C GLU B 254 42.67 21.92 -2.20
N GLY B 255 42.44 20.76 -2.82
CA GLY B 255 42.18 19.56 -2.08
C GLY B 255 40.79 19.48 -1.47
N LEU B 256 39.87 20.34 -1.90
CA LEU B 256 38.52 20.32 -1.34
C LEU B 256 37.67 19.23 -1.96
N ILE B 257 37.98 18.88 -3.21
CA ILE B 257 37.34 17.77 -3.92
C ILE B 257 38.28 16.59 -3.94
N ASP B 258 37.75 15.41 -3.60
CA ASP B 258 38.51 14.16 -3.73
C ASP B 258 39.46 14.14 -4.93
N GLU B 259 40.79 13.99 -4.65
CA GLU B 259 41.79 13.92 -5.73
C GLU B 259 41.41 12.87 -6.76
N GLU B 260 40.89 11.72 -6.30
CA GLU B 260 40.63 10.58 -7.18
C GLU B 260 39.20 10.58 -7.72
N ILE B 261 38.58 11.74 -7.80
CA ILE B 261 37.14 11.80 -8.07
C ILE B 261 36.80 11.07 -9.40
N PHE B 262 37.64 11.19 -10.42
CA PHE B 262 37.33 10.61 -11.72
C PHE B 262 37.73 9.14 -11.81
N THR B 263 38.43 8.59 -10.82
CA THR B 263 38.95 7.23 -10.97
C THR B 263 38.36 6.20 -10.03
N ARG B 264 37.68 6.60 -8.95
CA ARG B 264 36.97 5.65 -8.09
C ARG B 264 35.73 5.10 -8.81
N GLY B 265 35.18 4.01 -8.30
CA GLY B 265 33.93 3.45 -8.76
C GLY B 265 32.85 3.67 -7.73
N LEU B 266 31.81 2.82 -7.79
CA LEU B 266 30.71 2.99 -6.86
C LEU B 266 31.13 2.73 -5.40
N GLU B 267 32.35 2.19 -5.14
CA GLU B 267 32.81 1.93 -3.77
C GLU B 267 33.30 3.19 -3.05
N SER B 268 33.29 4.34 -3.74
CA SER B 268 33.85 5.57 -3.15
C SER B 268 33.17 5.91 -1.82
N ARG B 269 31.85 5.85 -1.79
CA ARG B 269 31.12 6.34 -0.63
C ARG B 269 31.44 5.50 0.59
N ASP B 270 31.39 4.17 0.41
CA ASP B 270 31.71 3.23 1.51
C ASP B 270 33.12 3.47 2.00
N TYR B 271 34.08 3.62 1.05
CA TYR B 271 35.49 3.75 1.38
C TYR B 271 35.74 5.01 2.16
N LEU B 272 35.27 6.15 1.65
CA LEU B 272 35.54 7.43 2.27
C LEU B 272 34.78 7.60 3.56
N LEU B 273 33.56 7.03 3.66
CA LEU B 273 32.85 7.23 4.93
C LEU B 273 33.35 6.26 6.01
N SER B 274 33.49 4.98 5.68
CA SER B 274 33.88 4.01 6.71
C SER B 274 35.28 4.29 7.28
N ASN B 275 36.19 4.85 6.48
CA ASN B 275 37.50 5.30 6.96
C ASN B 275 37.51 6.73 7.51
N ASN B 276 36.35 7.32 7.74
CA ASN B 276 36.27 8.64 8.35
C ASN B 276 37.04 9.71 7.59
N LEU B 277 37.09 9.63 6.26
CA LEU B 277 37.76 10.65 5.42
C LEU B 277 36.80 11.65 4.78
N GLY B 278 35.60 11.23 4.39
CA GLY B 278 34.71 12.08 3.63
C GLY B 278 33.88 13.03 4.47
N GLY B 279 33.86 14.33 4.08
CA GLY B 279 33.11 15.32 4.85
C GLY B 279 31.75 15.71 4.27
N ALA B 280 31.54 15.50 2.97
CA ALA B 280 30.36 16.01 2.30
C ALA B 280 30.22 15.34 0.93
N THR B 281 28.96 15.18 0.51
CA THR B 281 28.67 14.55 -0.75
C THR B 281 27.30 15.01 -1.24
N ASP B 282 26.93 14.48 -2.40
CA ASP B 282 25.65 14.78 -3.07
C ASP B 282 25.26 13.39 -3.56
N ASP B 283 24.21 12.80 -3.03
CA ASP B 283 23.99 11.38 -3.33
C ASP B 283 22.58 11.01 -2.86
N TRP B 284 22.14 9.82 -3.28
CA TRP B 284 20.76 9.42 -3.04
C TRP B 284 20.41 9.44 -1.55
N ILE B 285 19.24 10.00 -1.24
CA ILE B 285 18.93 10.35 0.15
C ILE B 285 18.86 9.11 1.05
N ALA B 286 18.13 8.06 0.66
CA ALA B 286 17.93 6.95 1.61
C ALA B 286 19.23 6.16 1.85
N SER B 287 19.91 5.73 0.79
CA SER B 287 21.14 4.98 1.00
C SER B 287 22.19 5.82 1.72
N THR B 288 22.27 7.14 1.43
CA THR B 288 23.30 7.95 2.11
C THR B 288 22.98 8.15 3.59
N SER B 289 21.69 8.23 3.93
CA SER B 289 21.26 8.35 5.32
C SER B 289 21.47 7.08 6.11
N SER B 290 21.69 5.94 5.45
CA SER B 290 21.84 4.68 6.19
C SER B 290 23.20 4.58 6.92
N TYR B 291 24.16 5.45 6.61
CA TYR B 291 25.49 5.33 7.18
C TYR B 291 25.55 5.78 8.63
N ASN B 292 24.65 6.62 9.09
CA ASN B 292 24.70 7.02 10.50
C ASN B 292 24.53 5.77 11.39
N ARG B 293 23.58 4.91 11.05
CA ARG B 293 23.34 3.75 11.88
C ARG B 293 24.45 2.75 11.63
N ASN B 294 24.85 2.65 10.37
CA ASN B 294 25.84 1.71 9.95
C ASN B 294 27.22 1.95 10.60
N LEU B 295 27.60 3.22 10.80
CA LEU B 295 28.93 3.57 11.31
C LEU B 295 28.91 4.02 12.77
N ALA B 296 27.76 3.90 13.48
CA ALA B 296 27.62 4.54 14.77
C ALA B 296 28.64 3.97 15.77
N ASP B 297 29.04 2.73 15.58
CA ASP B 297 30.03 2.07 16.43
C ASP B 297 31.45 2.32 15.95
N LYS B 298 31.70 2.18 14.64
CA LYS B 298 33.05 2.35 14.12
C LYS B 298 33.53 3.80 14.23
N ILE B 299 32.62 4.78 14.26
CA ILE B 299 32.99 6.21 14.35
C ILE B 299 32.02 6.94 15.28
N PRO B 300 32.27 6.99 16.60
CA PRO B 300 31.33 7.60 17.54
C PRO B 300 30.99 9.01 17.15
N GLY B 301 29.69 9.32 17.22
CA GLY B 301 29.21 10.63 16.82
C GLY B 301 29.09 10.87 15.31
N PHE B 302 29.50 9.93 14.46
CA PHE B 302 29.27 10.05 13.00
C PHE B 302 27.86 10.55 12.72
N ASN B 303 27.77 11.68 12.08
CA ASN B 303 26.46 12.28 11.71
C ASN B 303 26.60 12.93 10.32
N LEU B 304 26.23 12.16 9.28
CA LEU B 304 26.18 12.69 7.93
C LEU B 304 24.75 13.13 7.69
N LYS B 305 24.52 14.45 7.59
CA LYS B 305 23.20 15.02 7.76
C LYS B 305 22.76 15.68 6.45
N LEU B 306 21.50 15.43 6.06
CA LEU B 306 20.91 16.08 4.88
C LEU B 306 20.74 17.58 5.10
N VAL B 307 21.14 18.37 4.10
CA VAL B 307 20.92 19.82 4.11
C VAL B 307 20.22 20.17 2.81
N LEU B 308 19.53 21.32 2.81
CA LEU B 308 18.89 21.81 1.57
C LEU B 308 19.96 22.22 0.59
N PRO B 309 19.69 22.19 -0.72
CA PRO B 309 20.73 22.55 -1.68
C PRO B 309 21.33 23.91 -1.32
N TYR B 310 22.64 24.07 -1.52
CA TYR B 310 23.26 25.33 -1.20
C TYR B 310 22.83 26.43 -2.15
N GLU B 311 22.68 27.63 -1.62
CA GLU B 311 22.18 28.71 -2.43
C GLU B 311 23.32 29.35 -3.21
N LEU B 312 23.08 29.69 -4.49
CA LEU B 312 24.04 30.41 -5.30
C LEU B 312 23.32 31.53 -6.03
N ASN B 313 23.74 32.78 -5.73
CA ASN B 313 23.11 34.03 -6.25
C ASN B 313 21.58 33.94 -6.29
N GLY B 314 20.98 33.55 -5.15
CA GLY B 314 19.55 33.54 -4.96
C GLY B 314 18.83 32.29 -5.45
N ASN B 315 19.52 31.34 -6.05
CA ASN B 315 18.94 30.11 -6.57
C ASN B 315 19.15 29.01 -5.53
N ALA B 316 18.08 28.46 -4.99
CA ALA B 316 18.21 27.41 -3.99
C ALA B 316 17.80 26.04 -4.54
N LYS B 317 17.75 25.86 -5.85
CA LYS B 317 17.20 24.65 -6.44
C LYS B 317 18.26 23.60 -6.72
N THR B 318 17.81 22.33 -6.76
CA THR B 318 18.62 21.25 -7.30
C THR B 318 17.91 20.63 -8.51
N ARG B 319 18.69 20.14 -9.53
CA ARG B 319 18.08 19.37 -10.62
C ARG B 319 18.13 17.87 -10.38
N HIS B 320 18.53 17.45 -9.18
CA HIS B 320 18.49 16.01 -8.84
C HIS B 320 17.04 15.56 -8.65
N ALA B 321 16.55 14.74 -9.55
CA ALA B 321 15.17 14.23 -9.38
C ALA B 321 15.09 12.91 -10.12
N ARG B 322 14.17 12.06 -9.71
CA ARG B 322 13.99 10.84 -10.47
C ARG B 322 13.34 11.14 -11.79
N THR B 323 13.64 10.33 -12.79
CA THR B 323 12.76 10.31 -13.95
C THR B 323 11.56 9.43 -13.65
N THR B 324 10.54 9.42 -14.54
CA THR B 324 9.45 8.48 -14.25
C THR B 324 9.86 7.05 -14.39
N TYR B 325 10.86 6.74 -15.23
CA TYR B 325 11.34 5.37 -15.36
C TYR B 325 12.78 5.42 -15.84
N LEU B 326 13.44 4.24 -15.78
CA LEU B 326 14.83 4.07 -16.20
C LEU B 326 14.88 2.79 -17.01
N GLY B 327 15.01 2.91 -18.36
CA GLY B 327 15.17 1.70 -19.23
C GLY B 327 13.85 0.91 -19.26
N GLY B 328 13.91 -0.35 -19.71
CA GLY B 328 12.70 -1.17 -19.84
C GLY B 328 13.05 -2.52 -20.48
N TRP B 329 12.04 -3.31 -20.83
CA TRP B 329 12.31 -4.53 -21.58
C TRP B 329 11.18 -4.85 -22.54
N GLY B 330 11.53 -5.58 -23.59
CA GLY B 330 10.54 -5.95 -24.59
C GLY B 330 10.72 -7.40 -25.01
N ILE B 331 9.83 -7.83 -25.90
CA ILE B 331 9.85 -9.18 -26.45
C ILE B 331 10.30 -9.12 -27.93
N SER B 332 11.28 -9.94 -28.31
CA SER B 332 11.82 -9.92 -29.65
C SER B 332 10.95 -10.70 -30.64
N LYS B 333 11.12 -10.35 -31.91
CA LYS B 333 10.49 -11.12 -32.99
C LYS B 333 10.94 -12.59 -33.01
N ASP B 334 12.03 -12.91 -32.35
CA ASP B 334 12.50 -14.29 -32.38
C ASP B 334 11.88 -15.16 -31.28
N ALA B 335 11.15 -14.57 -30.33
CA ALA B 335 10.56 -15.32 -29.24
C ALA B 335 9.46 -16.23 -29.80
N LYS B 336 9.54 -17.56 -29.55
CA LYS B 336 8.55 -18.47 -30.14
C LYS B 336 7.21 -18.40 -29.45
N ASP B 337 7.15 -18.01 -28.15
CA ASP B 337 5.90 -18.00 -27.38
C ASP B 337 5.69 -16.64 -26.72
N PRO B 338 5.43 -15.59 -27.52
CA PRO B 338 5.25 -14.26 -26.95
C PRO B 338 4.08 -14.16 -25.97
N VAL B 339 3.04 -14.99 -26.10
CA VAL B 339 1.94 -14.94 -25.12
C VAL B 339 2.43 -15.35 -23.73
N SER B 340 3.25 -16.38 -23.63
CA SER B 340 3.78 -16.75 -22.32
C SER B 340 4.72 -15.70 -21.78
N LEU B 341 5.44 -14.95 -22.65
CA LEU B 341 6.32 -13.88 -22.17
C LEU B 341 5.54 -12.66 -21.66
N ILE B 342 4.43 -12.27 -22.31
CA ILE B 342 3.69 -11.14 -21.78
C ILE B 342 3.07 -11.52 -20.47
N LYS B 343 2.79 -12.82 -20.27
CA LYS B 343 2.26 -13.22 -18.98
C LYS B 343 3.36 -13.16 -17.91
N TYR B 344 4.59 -13.49 -18.29
CA TYR B 344 5.75 -13.23 -17.44
C TYR B 344 5.88 -11.76 -17.11
N PHE B 345 5.82 -10.87 -18.15
CA PHE B 345 5.88 -9.42 -17.87
C PHE B 345 4.79 -9.03 -16.88
N ASP B 346 3.61 -9.61 -17.04
CA ASP B 346 2.49 -9.24 -16.22
C ASP B 346 2.66 -9.70 -14.77
N TYR B 347 3.32 -10.87 -14.57
CA TYR B 347 3.52 -11.36 -13.22
C TYR B 347 4.14 -10.30 -12.31
N TRP B 348 5.10 -9.53 -12.86
CA TRP B 348 5.80 -8.53 -12.06
C TRP B 348 4.89 -7.39 -11.63
N TYR B 349 3.71 -7.24 -12.23
CA TYR B 349 2.74 -6.23 -11.81
C TYR B 349 1.62 -6.83 -10.94
N SER B 350 1.60 -8.14 -10.74
CA SER B 350 0.71 -8.70 -9.70
C SER B 350 1.13 -8.26 -8.31
N VAL B 351 0.25 -8.41 -7.32
CA VAL B 351 0.61 -8.01 -5.96
C VAL B 351 1.86 -8.76 -5.52
N GLU B 352 1.85 -10.09 -5.74
CA GLU B 352 2.97 -10.89 -5.24
C GLU B 352 4.24 -10.65 -6.05
N GLY B 353 4.12 -10.61 -7.37
CA GLY B 353 5.31 -10.33 -8.18
C GLY B 353 5.95 -8.98 -7.87
N ARG B 354 5.13 -7.92 -7.75
CA ARG B 354 5.69 -6.59 -7.52
C ARG B 354 6.29 -6.55 -6.12
N ARG B 355 5.62 -7.22 -5.14
CA ARG B 355 6.24 -7.32 -3.80
C ARG B 355 7.61 -8.03 -3.87
N LEU B 356 7.67 -9.15 -4.59
CA LEU B 356 8.92 -9.92 -4.73
C LEU B 356 10.03 -9.08 -5.32
N TRP B 357 9.74 -8.39 -6.44
CA TRP B 357 10.76 -7.59 -7.13
C TRP B 357 11.27 -6.51 -6.19
N ASN B 358 10.38 -5.90 -5.39
CA ASN B 358 10.75 -4.78 -4.57
C ASN B 358 11.41 -5.19 -3.25
N PHE B 359 10.95 -6.27 -2.61
CA PHE B 359 11.30 -6.56 -1.22
C PHE B 359 12.16 -7.81 -1.03
N GLY B 360 12.33 -8.64 -2.02
CA GLY B 360 13.06 -9.86 -1.76
C GLY B 360 12.18 -11.01 -1.26
N ILE B 361 12.68 -11.88 -0.38
CA ILE B 361 12.04 -13.19 -0.17
C ILE B 361 11.39 -13.20 1.22
N GLU B 362 10.11 -13.60 1.28
CA GLU B 362 9.40 -13.70 2.57
C GLU B 362 10.04 -14.73 3.47
N GLY B 363 10.30 -14.33 4.73
CA GLY B 363 11.01 -15.12 5.74
C GLY B 363 12.52 -14.91 5.73
N SER B 364 13.04 -14.20 4.73
CA SER B 364 14.47 -13.95 4.65
C SER B 364 14.70 -12.44 4.69
N GLU B 365 14.30 -11.68 3.64
CA GLU B 365 14.45 -10.21 3.67
C GLU B 365 13.36 -9.51 4.49
N TYR B 366 12.15 -10.07 4.52
CA TYR B 366 11.03 -9.48 5.23
C TYR B 366 10.12 -10.58 5.74
N THR B 367 9.28 -10.20 6.70
CA THR B 367 8.15 -11.02 7.08
C THR B 367 6.91 -10.16 6.91
N LEU B 368 5.73 -10.78 6.77
CA LEU B 368 4.49 -10.03 6.64
C LEU B 368 4.00 -9.71 8.04
N VAL B 369 3.83 -8.44 8.30
CA VAL B 369 3.41 -7.91 9.60
C VAL B 369 2.15 -7.13 9.35
N ASP B 370 1.05 -7.58 9.95
CA ASP B 370 -0.24 -6.96 9.69
C ASP B 370 -0.49 -6.93 8.22
N GLY B 371 -0.09 -8.01 7.53
CA GLY B 371 -0.39 -8.13 6.14
C GLY B 371 0.61 -7.39 5.27
N LYS B 372 1.59 -6.73 5.84
CA LYS B 372 2.49 -5.91 5.01
C LYS B 372 3.94 -6.21 5.31
N PRO B 373 4.85 -6.05 4.32
CA PRO B 373 6.23 -6.48 4.56
C PRO B 373 6.90 -5.51 5.49
N VAL B 374 7.66 -6.09 6.41
CA VAL B 374 8.58 -5.40 7.30
C VAL B 374 9.95 -6.08 7.18
N PHE B 375 10.98 -5.30 6.92
CA PHE B 375 12.25 -5.97 6.64
C PHE B 375 12.81 -6.58 7.94
N THR B 376 13.71 -7.51 7.79
CA THR B 376 14.36 -8.19 8.90
C THR B 376 15.67 -7.50 9.22
N ASP B 377 16.36 -7.95 10.28
CA ASP B 377 17.71 -7.46 10.56
C ASP B 377 18.70 -7.80 9.45
N LYS B 378 18.49 -8.90 8.70
CA LYS B 378 19.37 -9.21 7.56
C LYS B 378 19.50 -8.03 6.61
N VAL B 379 18.41 -7.30 6.40
CA VAL B 379 18.36 -6.11 5.54
C VAL B 379 18.68 -4.86 6.32
N LEU B 380 18.05 -4.66 7.48
CA LEU B 380 18.17 -3.37 8.15
C LEU B 380 19.44 -3.24 8.99
N LYS B 381 20.06 -4.37 9.39
CA LYS B 381 21.22 -4.31 10.31
C LYS B 381 22.25 -5.32 9.79
N ASN B 382 22.67 -5.13 8.55
CA ASN B 382 23.59 -6.13 7.98
C ASN B 382 24.88 -6.18 8.81
N PRO B 383 25.39 -7.36 9.16
CA PRO B 383 26.56 -7.41 10.06
C PRO B 383 27.89 -7.05 9.39
N ASP B 384 27.94 -6.90 8.07
CA ASP B 384 29.13 -6.39 7.37
C ASP B 384 29.05 -4.92 7.02
N GLY B 385 28.06 -4.22 7.56
CA GLY B 385 27.96 -2.84 7.23
C GLY B 385 27.41 -2.54 5.86
N LYS B 386 26.84 -3.53 5.15
CA LYS B 386 26.18 -3.21 3.88
C LYS B 386 24.92 -2.34 4.13
N THR B 387 24.65 -1.39 3.21
CA THR B 387 23.40 -0.64 3.31
C THR B 387 22.24 -1.61 3.08
N PRO B 388 21.04 -1.30 3.53
CA PRO B 388 19.88 -2.17 3.21
C PRO B 388 19.72 -2.43 1.74
N LEU B 389 19.97 -1.40 0.90
CA LEU B 389 19.74 -1.57 -0.54
C LEU B 389 20.76 -2.56 -1.11
N ALA B 390 22.00 -2.45 -0.67
CA ALA B 390 23.00 -3.37 -1.19
C ALA B 390 22.61 -4.80 -0.84
N VAL B 391 22.08 -5.03 0.37
CA VAL B 391 21.59 -6.38 0.74
C VAL B 391 20.48 -6.81 -0.23
N LEU B 392 19.47 -5.94 -0.39
CA LEU B 392 18.38 -6.28 -1.28
C LEU B 392 18.90 -6.56 -2.71
N ARG B 393 19.89 -5.78 -3.21
CA ARG B 393 20.36 -6.10 -4.59
C ARG B 393 21.05 -7.47 -4.65
N GLU B 394 21.78 -7.85 -3.60
CA GLU B 394 22.40 -9.20 -3.51
C GLU B 394 21.39 -10.34 -3.60
N VAL B 395 20.12 -10.12 -3.28
CA VAL B 395 19.15 -11.21 -3.39
C VAL B 395 18.39 -11.14 -4.69
N GLY B 396 18.68 -10.14 -5.52
CA GLY B 396 17.96 -10.05 -6.78
C GLY B 396 16.81 -9.06 -6.72
N ALA B 397 16.60 -8.34 -5.60
CA ALA B 397 15.57 -7.30 -5.55
C ALA B 397 16.06 -5.99 -6.21
N GLN B 398 15.13 -5.14 -6.63
CA GLN B 398 15.43 -3.84 -7.26
C GLN B 398 16.23 -4.01 -8.57
N TYR B 399 16.17 -5.17 -9.18
CA TYR B 399 16.98 -5.44 -10.39
C TYR B 399 16.21 -4.91 -11.60
N ARG B 400 16.73 -3.83 -12.20
CA ARG B 400 16.05 -3.07 -13.25
C ARG B 400 15.73 -3.96 -14.47
N LEU B 401 14.44 -4.07 -14.78
CA LEU B 401 13.84 -4.82 -15.90
C LEU B 401 12.42 -4.30 -16.33
N GLY B 402 12.02 -3.15 -16.59
CA GLY B 402 10.48 -3.29 -16.77
C GLY B 402 9.43 -3.49 -15.59
N ALA B 403 9.80 -3.36 -14.30
CA ALA B 403 8.90 -3.51 -13.14
C ALA B 403 8.54 -2.14 -12.58
N PHE B 404 7.67 -2.12 -11.54
CA PHE B 404 7.12 -0.90 -10.97
C PHE B 404 7.61 -0.86 -9.51
N GLN B 405 8.57 0.00 -9.22
CA GLN B 405 9.09 0.15 -7.88
C GLN B 405 7.94 0.60 -6.95
N ASP B 406 7.98 0.13 -5.72
CA ASP B 406 7.01 0.46 -4.69
C ASP B 406 7.72 1.30 -3.63
N ALA B 407 7.32 2.58 -3.49
CA ALA B 407 7.94 3.42 -2.47
C ALA B 407 7.83 2.84 -1.07
N GLN B 408 6.83 1.97 -0.82
CA GLN B 408 6.78 1.33 0.52
C GLN B 408 8.05 0.49 0.77
N TYR B 409 8.69 -0.01 -0.29
CA TYR B 409 9.96 -0.74 -0.05
C TYR B 409 11.02 0.25 0.45
N GLU B 410 11.09 1.42 -0.19
CA GLU B 410 12.09 2.41 0.19
C GLU B 410 11.80 2.96 1.55
N LEU B 411 10.52 3.27 1.81
CA LEU B 411 10.16 3.65 3.18
C LEU B 411 10.46 2.51 4.20
N GLY B 412 10.42 1.25 3.77
CA GLY B 412 10.66 0.11 4.67
C GLY B 412 12.04 0.13 5.27
N TRP B 413 13.06 0.57 4.49
CA TRP B 413 14.41 0.56 5.06
C TRP B 413 14.98 1.94 5.34
N ALA B 414 14.36 2.99 4.83
CA ALA B 414 14.91 4.32 4.99
C ALA B 414 14.91 4.71 6.45
N SER B 415 15.98 5.35 6.91
CA SER B 415 15.94 5.83 8.29
C SER B 415 14.88 6.95 8.51
N GLU B 416 14.58 7.22 9.80
CA GLU B 416 13.67 8.34 10.11
C GLU B 416 14.15 9.67 9.51
N SER B 417 15.46 9.90 9.51
CA SER B 417 15.89 11.17 8.98
C SER B 417 15.86 11.17 7.44
N ALA B 418 15.98 10.01 6.77
CA ALA B 418 15.74 9.99 5.32
C ALA B 418 14.27 10.27 5.03
N LYS B 419 13.37 9.63 5.78
CA LYS B 419 11.94 9.85 5.55
C LYS B 419 11.57 11.32 5.75
N ALA B 420 12.02 11.92 6.87
CA ALA B 420 11.84 13.35 7.08
C ALA B 420 12.53 14.14 6.00
N GLY B 421 13.63 13.64 5.47
CA GLY B 421 14.31 14.43 4.46
C GLY B 421 13.59 14.50 3.11
N TYR B 422 12.88 13.43 2.70
CA TYR B 422 12.06 13.58 1.50
C TYR B 422 11.09 14.74 1.69
N LYS B 423 10.43 14.73 2.82
CA LYS B 423 9.45 15.76 3.09
C LYS B 423 10.09 17.15 3.14
N TYR B 424 11.31 17.24 3.70
CA TYR B 424 12.03 18.51 3.81
C TYR B 424 12.35 19.10 2.43
N TYR B 425 12.81 18.23 1.52
CA TYR B 425 13.04 18.69 0.16
C TYR B 425 11.74 19.06 -0.56
N MET B 426 10.69 18.23 -0.38
CA MET B 426 9.42 18.49 -1.04
C MET B 426 8.79 19.75 -0.48
N ASP B 427 8.81 19.89 0.87
CA ASP B 427 8.13 21.04 1.47
C ASP B 427 8.85 22.36 1.15
N ASN B 428 10.18 22.35 1.01
CA ASN B 428 10.93 23.55 0.68
C ASN B 428 10.99 23.82 -0.84
N ASP B 429 10.37 22.96 -1.64
CA ASP B 429 10.22 23.20 -3.06
C ASP B 429 11.59 23.41 -3.73
N VAL B 430 12.57 22.60 -3.33
CA VAL B 430 13.92 22.84 -3.84
C VAL B 430 14.24 22.02 -5.08
N VAL B 431 13.40 21.04 -5.43
CA VAL B 431 13.73 20.10 -6.51
C VAL B 431 13.02 20.54 -7.79
N LEU B 432 13.79 20.65 -8.89
CA LEU B 432 13.23 20.87 -10.23
C LEU B 432 12.98 19.52 -10.88
N ASP B 433 11.75 19.32 -11.44
CA ASP B 433 11.38 18.07 -12.12
C ASP B 433 12.34 17.78 -13.27
N GLU B 434 12.71 16.51 -13.38
CA GLU B 434 13.44 16.05 -14.52
C GLU B 434 12.58 16.13 -15.78
N LEU B 435 13.28 16.20 -16.90
CA LEU B 435 12.66 16.03 -18.21
C LEU B 435 11.95 14.68 -18.30
N PRO B 436 10.78 14.59 -18.94
CA PRO B 436 10.31 13.27 -19.37
C PRO B 436 11.37 12.61 -20.24
N ILE B 437 11.34 11.30 -20.25
CA ILE B 437 12.19 10.58 -21.17
C ILE B 437 11.64 10.86 -22.57
N LEU B 438 12.45 11.49 -23.42
CA LEU B 438 11.98 11.96 -24.71
C LEU B 438 12.01 10.79 -25.71
N LYS B 439 11.06 10.82 -26.64
CA LYS B 439 10.94 9.77 -27.65
C LYS B 439 11.08 10.34 -29.04
N TYR B 440 11.47 9.45 -29.97
CA TYR B 440 11.84 9.86 -31.33
C TYR B 440 11.35 8.85 -32.34
N THR B 441 11.15 9.27 -33.60
CA THR B 441 11.28 8.32 -34.69
C THR B 441 12.65 7.71 -34.75
N LYS B 442 12.73 6.57 -35.46
CA LYS B 442 14.03 5.93 -35.56
C LYS B 442 15.04 6.83 -36.28
N GLU B 443 14.60 7.60 -37.30
CA GLU B 443 15.51 8.45 -38.09
C GLU B 443 16.00 9.64 -37.26
N LYS B 444 15.09 10.27 -36.49
CA LYS B 444 15.45 11.39 -35.63
C LYS B 444 16.34 10.93 -34.48
N SER B 445 16.12 9.71 -33.96
CA SER B 445 17.01 9.13 -32.96
C SER B 445 18.46 8.99 -33.49
N LYS B 446 18.59 8.44 -34.67
CA LYS B 446 19.90 8.25 -35.30
C LYS B 446 20.60 9.59 -35.46
N GLU B 447 19.89 10.60 -35.95
CA GLU B 447 20.49 11.91 -36.08
C GLU B 447 20.89 12.46 -34.69
N PHE B 448 19.97 12.38 -33.73
CA PHE B 448 20.23 12.93 -32.39
C PHE B 448 21.41 12.24 -31.74
N VAL B 449 21.43 10.91 -31.78
CA VAL B 449 22.51 10.18 -31.10
C VAL B 449 23.85 10.49 -31.73
N SER B 450 23.87 10.61 -33.04
CA SER B 450 25.16 10.91 -33.68
C SER B 450 25.68 12.28 -33.23
N ILE B 451 24.79 13.19 -32.85
CA ILE B 451 25.28 14.45 -32.29
C ILE B 451 25.54 14.33 -30.81
N ASP B 452 24.55 13.79 -30.11
CA ASP B 452 24.61 13.83 -28.65
C ASP B 452 25.79 13.04 -28.12
N THR B 453 26.09 11.89 -28.72
CA THR B 453 27.16 11.10 -28.10
C THR B 453 28.51 11.77 -28.41
N ALA B 454 28.62 12.40 -29.56
CA ALA B 454 29.85 13.12 -29.89
C ALA B 454 30.05 14.31 -28.94
N MET B 455 28.96 15.08 -28.65
CA MET B 455 29.08 16.22 -27.75
C MET B 455 29.49 15.78 -26.37
N ARG B 456 28.89 14.68 -25.91
CA ARG B 456 29.23 14.08 -24.64
C ARG B 456 30.71 13.83 -24.49
N ALA B 457 31.34 13.26 -25.53
CA ALA B 457 32.77 12.98 -25.44
C ALA B 457 33.58 14.25 -25.28
N VAL B 458 33.21 15.31 -26.01
CA VAL B 458 33.94 16.58 -25.88
C VAL B 458 33.74 17.15 -24.48
N VAL B 459 32.49 17.15 -24.00
CA VAL B 459 32.23 17.70 -22.65
C VAL B 459 33.05 16.98 -21.61
N GLU B 460 33.01 15.64 -21.65
CA GLU B 460 33.72 14.89 -20.61
C GLU B 460 35.24 15.06 -20.74
N GLU B 461 35.78 15.08 -21.96
CA GLU B 461 37.22 15.35 -22.16
C GLU B 461 37.62 16.73 -21.61
N LYS B 462 36.97 17.81 -22.06
CA LYS B 462 37.33 19.17 -21.56
C LYS B 462 37.01 19.37 -20.07
N ALA B 463 35.93 18.77 -19.55
CA ALA B 463 35.58 19.00 -18.16
C ALA B 463 36.62 18.36 -17.23
N GLN B 464 37.04 17.13 -17.53
CA GLN B 464 38.07 16.55 -16.68
C GLN B 464 39.36 17.33 -16.81
N GLN B 465 39.71 17.66 -18.05
CA GLN B 465 40.96 18.37 -18.27
C GLN B 465 40.99 19.66 -17.46
N TRP B 466 39.90 20.41 -17.53
CA TRP B 466 39.78 21.68 -16.80
C TRP B 466 39.79 21.48 -15.30
N ILE B 467 38.98 20.54 -14.78
CA ILE B 467 38.94 20.37 -13.33
C ILE B 467 40.29 19.87 -12.82
N LEU B 468 40.94 18.96 -13.57
CA LEU B 468 42.26 18.47 -13.16
C LEU B 468 43.40 19.49 -13.40
N GLY B 469 43.12 20.67 -13.97
CA GLY B 469 44.02 21.80 -13.93
C GLY B 469 44.89 21.98 -15.14
N SER B 470 44.69 21.20 -16.20
CA SER B 470 45.37 21.35 -17.49
C SER B 470 44.56 22.34 -18.35
N GLY B 471 45.26 23.20 -19.12
CA GLY B 471 44.50 24.21 -19.86
C GLY B 471 43.81 25.20 -18.91
N ASP B 472 42.84 25.94 -19.49
CA ASP B 472 42.27 27.10 -18.81
C ASP B 472 40.92 27.43 -19.40
N ILE B 473 39.87 27.28 -18.57
CA ILE B 473 38.53 27.39 -19.14
C ILE B 473 38.29 28.79 -19.74
N ASP B 474 38.84 29.87 -19.17
CA ASP B 474 38.53 31.19 -19.70
C ASP B 474 39.05 31.38 -21.12
N LYS B 475 40.29 30.93 -21.38
CA LYS B 475 40.81 31.04 -22.74
C LYS B 475 40.12 30.06 -23.69
N GLU B 476 39.65 28.90 -23.17
CA GLU B 476 39.30 27.80 -24.05
C GLU B 476 37.80 27.68 -24.25
N TRP B 477 37.00 28.32 -23.38
CA TRP B 477 35.54 28.15 -23.41
C TRP B 477 34.94 28.43 -24.78
N ASP B 478 35.29 29.56 -25.41
CA ASP B 478 34.56 29.91 -26.66
C ASP B 478 34.87 28.91 -27.77
N ALA B 479 36.11 28.42 -27.81
CA ALA B 479 36.46 27.40 -28.82
C ALA B 479 35.70 26.10 -28.54
N TYR B 480 35.56 25.74 -27.26
CA TYR B 480 34.76 24.58 -26.86
C TYR B 480 33.32 24.72 -27.34
N ILE B 481 32.71 25.87 -27.15
CA ILE B 481 31.31 26.07 -27.56
C ILE B 481 31.20 25.92 -29.08
N LYS B 482 32.11 26.57 -29.82
CA LYS B 482 32.09 26.43 -31.26
C LYS B 482 32.31 24.96 -31.63
N ARG B 483 33.14 24.24 -30.84
CA ARG B 483 33.32 22.82 -31.12
C ARG B 483 31.99 22.06 -31.02
N LEU B 484 31.22 22.34 -29.97
CA LEU B 484 29.90 21.71 -29.81
C LEU B 484 28.97 22.09 -30.94
N GLU B 485 28.95 23.39 -31.32
CA GLU B 485 28.09 23.79 -32.42
C GLU B 485 28.47 23.07 -33.72
N ASN B 486 29.77 22.91 -33.95
CA ASN B 486 30.19 22.25 -35.20
C ASN B 486 29.86 20.77 -35.18
N LEU B 487 29.59 20.20 -33.99
CA LEU B 487 29.09 18.83 -34.05
C LEU B 487 27.60 18.75 -34.31
N GLY B 488 26.89 19.92 -34.31
CA GLY B 488 25.45 19.96 -34.62
C GLY B 488 24.56 20.27 -33.44
N LEU B 489 25.13 20.94 -32.45
CA LEU B 489 24.38 21.35 -31.27
C LEU B 489 23.00 21.85 -31.60
N SER B 490 22.86 22.82 -32.52
CA SER B 490 21.52 23.37 -32.74
C SER B 490 20.58 22.36 -33.42
N LYS B 491 21.11 21.46 -34.26
CA LYS B 491 20.28 20.39 -34.80
C LYS B 491 19.80 19.48 -33.67
N ALA B 492 20.68 19.16 -32.71
CA ALA B 492 20.21 18.27 -31.63
C ALA B 492 19.17 19.01 -30.75
N GLU B 493 19.39 20.33 -30.50
CA GLU B 493 18.43 21.17 -29.77
C GLU B 493 17.06 21.18 -30.44
N GLN B 494 17.05 21.17 -31.77
CA GLN B 494 15.78 21.15 -32.50
C GLN B 494 15.07 19.81 -32.30
N ILE B 495 15.84 18.71 -32.43
CA ILE B 495 15.24 17.40 -32.24
C ILE B 495 14.65 17.29 -30.86
N GLN B 496 15.39 17.76 -29.85
CA GLN B 496 14.93 17.63 -28.46
C GLN B 496 13.67 18.44 -28.24
N ASN B 497 13.63 19.67 -28.80
CA ASN B 497 12.41 20.46 -28.55
C ASN B 497 11.23 19.90 -29.32
N GLU B 498 11.46 19.34 -30.50
CA GLU B 498 10.36 18.66 -31.18
C GLU B 498 9.86 17.48 -30.33
N ALA B 499 10.79 16.81 -29.62
CA ALA B 499 10.32 15.62 -28.87
C ALA B 499 9.52 15.99 -27.62
N PHE B 500 9.76 17.16 -27.07
CA PHE B 500 9.20 17.57 -25.84
C PHE B 500 7.78 18.11 -26.04
N PRO C 27 -37.99 31.81 42.50
CA PRO C 27 -37.37 31.45 41.19
C PRO C 27 -36.09 30.56 41.32
N LYS C 28 -36.28 29.42 42.02
CA LYS C 28 -35.21 28.46 42.37
C LYS C 28 -35.15 27.33 41.34
N GLU C 29 -34.35 27.55 40.24
CA GLU C 29 -34.14 26.55 39.18
C GLU C 29 -33.52 25.23 39.69
N THR C 30 -34.32 24.19 39.73
CA THR C 30 -34.02 22.93 40.39
C THR C 30 -34.15 21.83 39.35
N THR C 31 -33.08 21.13 39.04
CA THR C 31 -33.14 20.12 38.01
C THR C 31 -33.76 18.84 38.57
N ILE C 32 -34.49 18.12 37.72
CA ILE C 32 -35.15 16.89 38.14
C ILE C 32 -35.09 15.92 36.96
N PHE C 33 -34.94 14.61 37.27
CA PHE C 33 -35.25 13.54 36.34
C PHE C 33 -36.61 12.99 36.76
N ALA C 34 -37.63 13.20 35.92
CA ALA C 34 -38.95 12.65 36.26
C ALA C 34 -39.70 12.21 35.00
N MET C 35 -40.19 10.99 35.01
CA MET C 35 -41.06 10.48 33.99
C MET C 35 -42.18 9.70 34.66
N HIS C 36 -43.28 9.55 33.93
CA HIS C 36 -44.33 8.66 34.39
C HIS C 36 -45.21 8.28 33.22
N LEU C 37 -45.61 7.00 33.17
CA LEU C 37 -46.49 6.49 32.08
C LEU C 37 -45.93 6.95 30.74
N GLY C 38 -44.61 6.81 30.57
CA GLY C 38 -44.06 7.11 29.22
C GLY C 38 -43.97 8.61 28.91
N LYS C 39 -44.14 9.50 29.90
CA LYS C 39 -44.12 10.92 29.60
C LYS C 39 -43.19 11.65 30.56
N ALA C 40 -42.23 12.41 30.01
CA ALA C 40 -41.43 13.27 30.86
C ALA C 40 -42.31 14.34 31.52
N LEU C 41 -42.01 14.67 32.79
CA LEU C 41 -42.80 15.73 33.50
C LEU C 41 -42.62 17.09 32.75
N ASP C 42 -43.72 17.73 32.39
CA ASP C 42 -43.70 19.13 31.95
C ASP C 42 -43.98 20.02 33.13
N PRO C 43 -42.99 20.73 33.67
CA PRO C 43 -43.24 21.55 34.88
C PRO C 43 -44.17 22.76 34.63
N ASN C 44 -44.62 22.95 33.38
CA ASN C 44 -45.59 24.00 33.08
C ASN C 44 -47.05 23.50 32.99
N LEU C 45 -47.26 22.21 33.27
CA LEU C 45 -48.61 21.72 33.52
C LEU C 45 -49.24 22.52 34.67
N PRO C 46 -50.56 22.71 34.62
CA PRO C 46 -51.25 23.50 35.68
C PRO C 46 -50.85 23.17 37.09
N VAL C 47 -50.79 21.87 37.47
CA VAL C 47 -50.45 21.51 38.82
C VAL C 47 -49.07 22.02 39.18
N PHE C 48 -48.12 21.93 38.28
CA PHE C 48 -46.77 22.28 38.66
C PHE C 48 -46.53 23.81 38.60
N VAL C 49 -47.23 24.54 37.75
CA VAL C 49 -47.15 25.99 37.92
C VAL C 49 -47.76 26.43 39.27
N LYS C 50 -48.89 25.84 39.69
CA LYS C 50 -49.41 26.15 41.05
C LYS C 50 -48.38 25.79 42.14
N ALA C 51 -47.76 24.60 42.04
CA ALA C 51 -46.75 24.26 43.06
C ALA C 51 -45.59 25.25 43.00
N GLU C 52 -45.15 25.62 41.78
CA GLU C 52 -44.06 26.62 41.68
C GLU C 52 -44.42 27.92 42.41
N LYS C 53 -45.61 28.46 42.12
CA LYS C 53 -46.08 29.70 42.81
C LYS C 53 -46.06 29.51 44.32
N ASP C 54 -46.54 28.35 44.81
CA ASP C 54 -46.60 28.14 46.25
C ASP C 54 -45.24 27.90 46.89
N THR C 55 -44.24 27.39 46.14
CA THR C 55 -42.99 26.95 46.78
C THR C 55 -41.77 27.76 46.38
N ASN C 56 -41.87 28.55 45.29
CA ASN C 56 -40.73 29.17 44.62
C ASN C 56 -39.68 28.15 44.13
N ILE C 57 -40.05 26.88 43.92
CA ILE C 57 -39.20 25.88 43.25
C ILE C 57 -39.58 25.80 41.76
N LYS C 58 -38.62 26.01 40.86
CA LYS C 58 -38.90 25.96 39.43
C LYS C 58 -38.19 24.72 38.90
N LEU C 59 -38.95 23.65 38.63
CA LEU C 59 -38.31 22.43 38.16
C LEU C 59 -37.86 22.60 36.72
N VAL C 60 -36.74 21.95 36.37
CA VAL C 60 -36.29 21.83 35.00
C VAL C 60 -35.94 20.38 34.78
N ASN C 61 -36.61 19.71 33.86
CA ASN C 61 -36.45 18.28 33.76
C ASN C 61 -35.23 17.95 32.88
N VAL C 62 -34.41 17.00 33.33
CA VAL C 62 -33.31 16.55 32.47
C VAL C 62 -33.74 15.41 31.59
N ALA C 63 -34.93 14.81 31.85
CA ALA C 63 -35.52 13.94 30.85
C ALA C 63 -36.17 14.79 29.79
N SER C 64 -36.10 14.37 28.52
CA SER C 64 -36.68 15.22 27.48
C SER C 64 -38.07 14.75 27.09
N GLN C 65 -38.83 15.67 26.49
CA GLN C 65 -40.17 15.38 26.03
C GLN C 65 -40.24 14.26 25.04
N ASN C 66 -39.13 13.92 24.35
CA ASN C 66 -39.22 12.80 23.41
C ASN C 66 -38.99 11.44 24.05
N GLN C 67 -38.41 11.40 25.25
CA GLN C 67 -38.12 10.09 25.89
C GLN C 67 -39.38 9.43 26.40
N THR C 68 -39.58 8.16 26.09
CA THR C 68 -40.79 7.46 26.57
C THR C 68 -40.47 6.24 27.44
N ASP C 69 -39.29 5.68 27.31
CA ASP C 69 -38.89 4.48 28.06
C ASP C 69 -38.17 5.00 29.30
N GLN C 70 -38.88 4.95 30.44
CA GLN C 70 -38.37 5.59 31.67
C GLN C 70 -37.17 4.82 32.19
N ILE C 71 -37.20 3.50 32.03
CA ILE C 71 -36.10 2.69 32.56
C ILE C 71 -34.81 3.00 31.80
N GLN C 72 -34.90 3.04 30.49
CA GLN C 72 -33.69 3.35 29.71
C GLN C 72 -33.25 4.80 29.94
N ALA C 73 -34.20 5.74 30.09
CA ALA C 73 -33.85 7.13 30.31
C ALA C 73 -33.11 7.28 31.62
N TYR C 74 -33.56 6.54 32.65
CA TYR C 74 -32.95 6.60 33.96
C TYR C 74 -31.50 6.07 33.90
N ASN C 75 -31.33 4.88 33.32
CA ASN C 75 -30.00 4.28 33.26
C ASN C 75 -29.06 5.17 32.49
N LEU C 76 -29.55 5.80 31.41
CA LEU C 76 -28.70 6.74 30.64
C LEU C 76 -28.35 7.96 31.46
N MET C 77 -29.35 8.52 32.15
CA MET C 77 -29.15 9.71 32.98
C MET C 77 -28.09 9.48 34.03
N LEU C 78 -28.01 8.24 34.59
CA LEU C 78 -26.98 8.01 35.59
C LEU C 78 -25.56 8.23 35.01
N THR C 79 -25.39 7.99 33.69
CA THR C 79 -24.08 8.08 32.98
C THR C 79 -23.74 9.53 32.59
N GLU C 80 -24.66 10.49 32.71
CA GLU C 80 -24.42 11.81 32.14
C GLU C 80 -23.67 12.68 33.12
N GLY C 81 -22.94 12.09 34.06
CA GLY C 81 -22.11 12.89 34.93
C GLY C 81 -22.96 13.31 36.11
N LYS C 82 -22.87 14.60 36.48
CA LYS C 82 -23.70 15.23 37.51
C LYS C 82 -25.17 14.74 37.58
N LEU C 83 -25.62 14.25 38.74
CA LEU C 83 -27.04 13.96 39.03
C LEU C 83 -27.89 15.24 39.09
N PRO C 84 -29.15 15.17 38.65
CA PRO C 84 -30.03 16.30 38.85
C PRO C 84 -30.31 16.45 40.33
N ASP C 85 -30.76 17.63 40.69
CA ASP C 85 -31.00 17.90 42.12
C ASP C 85 -31.98 16.90 42.72
N ILE C 86 -33.08 16.59 41.98
CA ILE C 86 -34.08 15.59 42.38
C ILE C 86 -34.09 14.44 41.39
N VAL C 87 -34.14 13.22 41.91
CA VAL C 87 -34.21 12.01 41.09
C VAL C 87 -35.51 11.26 41.47
N SER C 88 -36.43 11.16 40.51
CA SER C 88 -37.66 10.40 40.64
C SER C 88 -37.53 9.14 39.79
N TYR C 89 -38.08 8.01 40.26
CA TYR C 89 -38.00 6.79 39.45
C TYR C 89 -39.06 5.79 39.89
N GLU C 90 -39.57 5.02 38.95
CA GLU C 90 -40.63 4.06 39.27
C GLU C 90 -40.09 2.85 40.02
N LEU C 91 -38.75 2.56 39.92
CA LEU C 91 -38.14 1.38 40.55
C LEU C 91 -37.35 1.81 41.78
N SER C 92 -37.98 1.60 42.98
CA SER C 92 -37.45 2.09 44.25
C SER C 92 -36.15 1.39 44.63
N ALA C 93 -35.96 0.12 44.29
CA ALA C 93 -34.66 -0.54 44.60
C ALA C 93 -33.48 0.20 43.97
N ASP C 94 -33.65 0.69 42.73
CA ASP C 94 -32.57 1.45 42.09
C ASP C 94 -32.32 2.77 42.84
N LEU C 95 -33.39 3.36 43.38
CA LEU C 95 -33.22 4.56 44.19
C LEU C 95 -32.42 4.23 45.46
N GLU C 96 -32.79 3.15 46.16
CA GLU C 96 -32.02 2.84 47.35
C GLU C 96 -30.57 2.48 47.01
N ASN C 97 -30.35 1.79 45.91
CA ASN C 97 -28.97 1.47 45.46
C ASN C 97 -28.19 2.74 45.20
N LEU C 98 -28.83 3.72 44.53
CA LEU C 98 -28.13 4.99 44.31
C LEU C 98 -27.79 5.64 45.63
N GLY C 99 -28.70 5.49 46.61
CA GLY C 99 -28.49 6.09 47.91
C GLY C 99 -27.35 5.40 48.65
N ILE C 100 -27.33 4.07 48.63
CA ILE C 100 -26.22 3.33 49.28
C ILE C 100 -24.87 3.73 48.68
N GLU C 101 -24.82 3.85 47.33
CA GLU C 101 -23.62 4.33 46.63
C GLU C 101 -23.32 5.78 46.94
N GLY C 102 -24.15 6.48 47.67
CA GLY C 102 -23.90 7.89 47.84
C GLY C 102 -24.41 8.86 46.78
N GLY C 103 -25.08 8.41 45.70
CA GLY C 103 -25.70 9.35 44.74
C GLY C 103 -26.94 10.10 45.26
N LEU C 104 -27.79 9.41 46.01
CA LEU C 104 -28.83 10.11 46.81
C LEU C 104 -28.42 10.25 48.27
N ILE C 105 -28.85 11.32 48.93
CA ILE C 105 -28.51 11.56 50.34
C ILE C 105 -29.58 11.03 51.29
N PRO C 106 -29.20 10.65 52.53
CA PRO C 106 -30.21 10.28 53.53
C PRO C 106 -31.09 11.47 53.82
N LEU C 107 -32.39 11.23 53.93
CA LEU C 107 -33.40 12.27 54.16
C LEU C 107 -33.91 12.33 55.58
N GLU C 108 -33.62 11.33 56.41
CA GLU C 108 -34.42 11.23 57.64
C GLU C 108 -34.18 12.41 58.58
N ASP C 109 -32.95 12.92 58.65
CA ASP C 109 -32.71 14.07 59.54
C ASP C 109 -33.21 15.40 58.96
N LEU C 110 -33.08 15.60 57.65
CA LEU C 110 -33.73 16.74 56.98
C LEU C 110 -35.22 16.77 57.25
N ILE C 111 -35.83 15.57 57.24
CA ILE C 111 -37.25 15.48 57.50
C ILE C 111 -37.53 15.90 58.91
N ASN C 112 -36.76 15.32 59.83
CA ASN C 112 -36.86 15.63 61.25
C ASN C 112 -36.88 17.13 61.50
N GLN C 113 -35.97 17.86 60.87
CA GLN C 113 -35.81 19.26 61.18
C GLN C 113 -36.65 20.18 60.32
N HIS C 114 -36.97 19.79 59.09
CA HIS C 114 -37.52 20.77 58.18
C HIS C 114 -38.77 20.32 57.47
N ALA C 115 -39.28 19.14 57.73
CA ALA C 115 -40.40 18.65 56.93
C ALA C 115 -41.50 18.20 57.88
N PRO C 116 -42.18 19.14 58.56
CA PRO C 116 -43.13 18.72 59.57
C PRO C 116 -44.29 17.89 59.03
N ASN C 117 -44.75 18.13 57.77
CA ASN C 117 -45.86 17.29 57.28
C ASN C 117 -45.43 15.85 57.09
N LEU C 118 -44.23 15.66 56.47
CA LEU C 118 -43.71 14.30 56.32
C LEU C 118 -43.39 13.69 57.68
N LYS C 119 -42.85 14.49 58.60
CA LYS C 119 -42.58 13.95 59.92
C LYS C 119 -43.86 13.43 60.56
N LYS C 120 -44.92 14.22 60.53
CA LYS C 120 -46.19 13.78 61.10
C LYS C 120 -46.75 12.55 60.37
N PHE C 121 -46.65 12.57 59.03
CA PHE C 121 -47.12 11.44 58.23
C PHE C 121 -46.43 10.15 58.65
N PHE C 122 -45.10 10.21 58.85
CA PHE C 122 -44.37 9.00 59.24
C PHE C 122 -44.79 8.55 60.64
N GLU C 123 -45.06 9.48 61.56
CA GLU C 123 -45.64 9.11 62.87
C GLU C 123 -47.00 8.41 62.74
N GLU C 124 -47.86 8.90 61.89
CA GLU C 124 -49.22 8.37 61.88
C GLU C 124 -49.36 7.14 60.99
N ASN C 125 -48.27 6.70 60.34
CA ASN C 125 -48.35 5.64 59.33
C ASN C 125 -47.11 4.75 59.41
N PRO C 126 -47.08 3.79 60.39
CA PRO C 126 -45.91 2.90 60.53
C PRO C 126 -45.54 2.16 59.26
N ARG C 127 -46.52 1.54 58.60
CA ARG C 127 -46.24 0.79 57.40
C ARG C 127 -45.57 1.70 56.37
N TYR C 128 -46.09 2.92 56.19
CA TYR C 128 -45.50 3.78 55.17
C TYR C 128 -44.12 4.24 55.60
N LYS C 129 -43.94 4.52 56.90
CA LYS C 129 -42.57 4.84 57.34
C LYS C 129 -41.65 3.66 57.05
N LYS C 130 -42.09 2.44 57.35
CA LYS C 130 -41.18 1.30 57.03
C LYS C 130 -40.89 1.15 55.53
N ASP C 131 -41.91 1.39 54.66
CA ASP C 131 -41.68 1.40 53.22
C ASP C 131 -40.55 2.37 52.78
N ALA C 132 -40.29 3.44 53.58
CA ALA C 132 -39.35 4.46 53.14
C ALA C 132 -37.92 4.22 53.62
N VAL C 133 -37.72 3.27 54.51
CA VAL C 133 -36.43 3.03 55.15
C VAL C 133 -35.70 1.88 54.41
N ALA C 134 -34.52 2.20 53.86
CA ALA C 134 -33.67 1.22 53.18
C ALA C 134 -33.14 0.18 54.20
N VAL C 135 -32.48 -0.87 53.70
CA VAL C 135 -31.98 -1.87 54.64
C VAL C 135 -30.90 -1.32 55.56
N ASP C 136 -30.21 -0.26 55.17
CA ASP C 136 -29.18 0.30 56.05
C ASP C 136 -29.72 1.32 57.08
N GLY C 137 -31.05 1.44 57.20
CA GLY C 137 -31.63 2.36 58.15
C GLY C 137 -31.81 3.78 57.65
N HIS C 138 -31.31 4.12 56.48
CA HIS C 138 -31.50 5.46 55.95
C HIS C 138 -32.77 5.52 55.09
N ILE C 139 -33.33 6.73 54.96
CA ILE C 139 -34.41 7.03 54.03
C ILE C 139 -33.76 7.66 52.82
N TYR C 140 -33.74 6.96 51.67
CA TYR C 140 -33.18 7.56 50.49
C TYR C 140 -34.25 8.12 49.56
N MET C 141 -35.52 7.82 49.80
CA MET C 141 -36.55 8.31 48.88
C MET C 141 -37.86 8.44 49.64
N ILE C 142 -38.73 9.31 49.14
CA ILE C 142 -40.11 9.40 49.59
C ILE C 142 -40.93 8.63 48.56
N PRO C 143 -41.57 7.53 48.93
CA PRO C 143 -42.37 6.80 47.95
C PRO C 143 -43.54 7.62 47.43
N ASN C 144 -44.07 7.17 46.34
CA ASN C 144 -45.38 7.65 45.90
C ASN C 144 -46.40 6.64 46.41
N TYR C 145 -47.12 6.98 47.48
CA TYR C 145 -48.02 6.06 48.16
C TYR C 145 -49.40 6.09 47.54
N TYR C 146 -49.96 4.91 47.31
CA TYR C 146 -51.39 4.80 47.11
C TYR C 146 -52.10 5.07 48.45
N ASP C 147 -53.40 5.30 48.44
CA ASP C 147 -54.11 5.46 49.71
C ASP C 147 -54.54 4.05 50.16
N TYR C 148 -53.51 3.22 50.42
CA TYR C 148 -53.65 1.78 50.46
C TYR C 148 -54.65 1.29 51.48
N PHE C 149 -54.69 1.95 52.67
CA PHE C 149 -55.59 1.47 53.73
C PHE C 149 -56.99 2.00 53.55
N ASN C 150 -57.21 2.79 52.50
CA ASN C 150 -58.55 3.20 52.17
C ASN C 150 -59.07 2.53 50.90
N ILE C 151 -58.22 2.34 49.87
CA ILE C 151 -58.54 1.54 48.68
C ILE C 151 -57.28 0.79 48.29
N LYS C 152 -57.35 -0.55 48.37
CA LYS C 152 -56.28 -1.49 48.09
C LYS C 152 -56.57 -2.31 46.83
N VAL C 153 -57.85 -2.46 46.49
CA VAL C 153 -58.28 -3.09 45.26
C VAL C 153 -57.74 -2.29 44.08
N SER C 154 -57.46 -2.98 42.98
CA SER C 154 -57.00 -2.26 41.80
C SER C 154 -57.85 -2.69 40.61
N GLN C 155 -57.43 -3.76 39.91
CA GLN C 155 -58.13 -4.16 38.69
C GLN C 155 -59.24 -5.15 39.04
N GLY C 156 -60.25 -5.19 38.17
CA GLY C 156 -61.39 -6.04 38.39
C GLY C 156 -61.80 -6.54 37.02
N TYR C 157 -62.66 -7.55 37.02
CA TYR C 157 -63.12 -8.24 35.83
C TYR C 157 -64.43 -7.59 35.41
N PHE C 158 -64.54 -7.34 34.11
CA PHE C 158 -65.69 -6.62 33.58
C PHE C 158 -66.23 -7.37 32.38
N ILE C 159 -67.55 -7.31 32.21
CA ILE C 159 -68.13 -7.95 31.01
C ILE C 159 -69.29 -7.09 30.49
N ARG C 160 -69.58 -7.26 29.20
CA ARG C 160 -70.68 -6.51 28.53
C ARG C 160 -72.00 -7.17 28.92
N GLN C 161 -72.62 -6.61 29.96
CA GLN C 161 -73.92 -7.07 30.41
C GLN C 161 -74.98 -6.85 29.37
N ASP C 162 -74.87 -5.76 28.61
CA ASP C 162 -75.81 -5.59 27.50
C ASP C 162 -75.65 -6.70 26.44
N TRP C 163 -74.43 -7.21 26.21
CA TRP C 163 -74.29 -8.33 25.25
C TRP C 163 -74.79 -9.65 25.83
N LEU C 164 -74.53 -9.87 27.11
CA LEU C 164 -75.14 -11.02 27.80
C LEU C 164 -76.67 -11.00 27.63
N GLU C 165 -77.28 -9.85 27.86
CA GLU C 165 -78.73 -9.77 27.79
C GLU C 165 -79.21 -9.97 26.34
N LYS C 166 -78.49 -9.40 25.35
CA LYS C 166 -78.85 -9.57 23.94
C LYS C 166 -78.81 -11.02 23.54
N LEU C 167 -77.81 -11.74 24.03
CA LEU C 167 -77.67 -13.15 23.68
C LEU C 167 -78.37 -14.06 24.66
N GLY C 168 -79.18 -13.51 25.56
CA GLY C 168 -79.83 -14.35 26.59
C GLY C 168 -78.92 -15.28 27.37
N LEU C 169 -77.70 -14.82 27.69
CA LEU C 169 -76.68 -15.62 28.40
C LEU C 169 -76.63 -15.26 29.87
N LYS C 170 -76.41 -16.25 30.71
CA LYS C 170 -76.15 -16.03 32.13
C LYS C 170 -74.78 -15.35 32.35
N GLU C 171 -74.65 -14.59 33.43
CA GLU C 171 -73.32 -14.06 33.79
C GLU C 171 -72.39 -15.24 34.08
N PRO C 172 -71.23 -15.35 33.41
CA PRO C 172 -70.33 -16.51 33.67
C PRO C 172 -69.67 -16.38 35.04
N ARG C 173 -69.48 -17.53 35.73
CA ARG C 173 -68.95 -17.48 37.09
C ARG C 173 -67.72 -18.33 37.23
N THR C 174 -67.53 -19.27 36.33
CA THR C 174 -66.33 -20.08 36.27
C THR C 174 -65.58 -19.74 34.98
N VAL C 175 -64.30 -20.11 34.94
CA VAL C 175 -63.49 -19.92 33.75
C VAL C 175 -64.11 -20.67 32.56
N ASP C 176 -64.65 -21.88 32.83
CA ASP C 176 -65.30 -22.66 31.76
C ASP C 176 -66.51 -21.94 31.21
N GLU C 177 -67.33 -21.37 32.09
CA GLU C 177 -68.46 -20.56 31.63
C GLU C 177 -67.99 -19.31 30.90
N LEU C 178 -66.88 -18.69 31.36
CA LEU C 178 -66.34 -17.55 30.62
C LEU C 178 -65.95 -17.97 29.22
N TYR C 179 -65.32 -19.13 29.07
CA TYR C 179 -64.97 -19.62 27.75
C TYR C 179 -66.21 -19.67 26.84
N THR C 180 -67.29 -20.31 27.33
CA THR C 180 -68.54 -20.41 26.57
C THR C 180 -69.07 -19.01 26.21
N THR C 181 -69.01 -18.06 27.15
CA THR C 181 -69.51 -16.70 26.89
C THR C 181 -68.68 -15.99 25.81
N LEU C 182 -67.35 -16.07 25.93
CA LEU C 182 -66.52 -15.34 24.99
C LEU C 182 -66.73 -15.87 23.59
N LYS C 183 -66.88 -17.20 23.47
CA LYS C 183 -67.16 -17.80 22.17
C LYS C 183 -68.49 -17.29 21.61
N ALA C 184 -69.55 -17.27 22.44
CA ALA C 184 -70.78 -16.61 22.04
C ALA C 184 -70.52 -15.17 21.60
N PHE C 185 -69.67 -14.43 22.35
CA PHE C 185 -69.34 -13.07 21.89
C PHE C 185 -68.64 -13.08 20.55
N ARG C 186 -67.82 -14.08 20.29
CA ARG C 186 -67.07 -14.04 19.04
C ARG C 186 -67.97 -14.41 17.85
N GLU C 187 -68.85 -15.38 18.04
CA GLU C 187 -69.59 -16.02 16.94
C GLU C 187 -70.95 -15.37 16.69
N LYS C 188 -71.55 -14.71 17.69
CA LYS C 188 -72.97 -14.37 17.59
C LYS C 188 -73.24 -12.88 17.40
N ASP C 189 -72.25 -12.12 16.96
CA ASP C 189 -72.46 -10.74 16.53
C ASP C 189 -73.25 -9.87 17.53
N PRO C 190 -72.84 -9.85 18.80
CA PRO C 190 -73.59 -9.01 19.78
C PRO C 190 -73.60 -7.51 19.47
N ASN C 191 -72.66 -6.96 18.66
CA ASN C 191 -72.80 -5.54 18.34
C ASN C 191 -73.75 -5.31 17.14
N GLY C 192 -74.36 -6.39 16.65
CA GLY C 192 -75.49 -6.35 15.74
C GLY C 192 -75.20 -5.69 14.40
N ASN C 193 -73.98 -5.83 13.87
CA ASN C 193 -73.67 -5.18 12.60
C ASN C 193 -73.48 -6.18 11.47
N GLY C 194 -73.81 -7.45 11.69
CA GLY C 194 -73.60 -8.48 10.70
C GLY C 194 -72.16 -8.79 10.33
N LYS C 195 -71.15 -8.32 11.10
CA LYS C 195 -69.74 -8.62 10.86
C LYS C 195 -69.19 -9.42 12.03
N LYS C 196 -68.20 -10.29 11.78
CA LYS C 196 -67.53 -11.04 12.83
C LYS C 196 -66.32 -10.22 13.27
N ASP C 197 -66.62 -9.12 13.92
CA ASP C 197 -65.59 -8.14 14.31
C ASP C 197 -65.37 -8.07 15.82
N GLU C 198 -66.18 -8.78 16.60
CA GLU C 198 -66.10 -8.76 18.05
C GLU C 198 -64.74 -9.26 18.55
N VAL C 199 -64.26 -8.58 19.58
CA VAL C 199 -63.05 -8.89 20.32
C VAL C 199 -63.48 -9.23 21.73
N PRO C 200 -63.67 -10.52 22.03
CA PRO C 200 -64.37 -10.87 23.26
C PRO C 200 -63.62 -10.46 24.50
N PHE C 201 -62.29 -10.68 24.50
CA PHE C 201 -61.47 -10.36 25.67
C PHE C 201 -60.27 -9.54 25.25
N PHE C 202 -60.01 -8.47 26.00
CA PHE C 202 -58.92 -7.58 25.68
C PHE C 202 -58.28 -7.05 26.96
N VAL C 203 -57.10 -6.47 26.84
CA VAL C 203 -56.45 -5.88 28.01
C VAL C 203 -55.92 -4.50 27.63
N ARG C 204 -55.32 -3.86 28.62
CA ARG C 204 -54.70 -2.54 28.42
C ARG C 204 -53.32 -2.55 29.05
N ALA C 205 -52.29 -2.30 28.25
CA ALA C 205 -50.94 -2.52 28.72
C ALA C 205 -49.96 -1.82 27.79
N ASN C 206 -48.82 -1.39 28.35
CA ASN C 206 -47.72 -0.87 27.51
C ASN C 206 -46.44 -1.71 27.56
N ASN C 207 -46.51 -2.96 28.03
CA ASN C 207 -45.39 -3.89 27.92
C ASN C 207 -45.94 -5.29 28.14
N VAL C 208 -45.16 -6.27 27.70
CA VAL C 208 -45.60 -7.66 27.66
C VAL C 208 -45.89 -8.16 29.07
N ARG C 209 -45.11 -7.72 30.07
CA ARG C 209 -45.41 -8.16 31.45
C ARG C 209 -46.82 -7.77 31.83
N LYS C 210 -47.23 -6.54 31.52
CA LYS C 210 -48.56 -6.09 31.92
C LYS C 210 -49.64 -6.75 31.02
N VAL C 211 -49.32 -7.14 29.78
CA VAL C 211 -50.24 -8.02 29.04
C VAL C 211 -50.47 -9.31 29.83
N LEU C 212 -49.38 -9.97 30.21
CA LEU C 212 -49.50 -11.28 30.90
C LEU C 212 -50.25 -11.09 32.19
N THR C 213 -49.92 -10.03 32.94
CA THR C 213 -50.63 -9.73 34.21
C THR C 213 -52.14 -9.79 34.04
N SER C 214 -52.66 -9.17 32.97
CA SER C 214 -54.12 -9.10 32.86
C SER C 214 -54.69 -10.32 32.13
N LEU C 215 -53.85 -11.25 31.68
CA LEU C 215 -54.31 -12.48 31.06
C LEU C 215 -54.20 -13.67 32.00
N VAL C 216 -53.08 -13.83 32.70
CA VAL C 216 -52.91 -15.10 33.43
C VAL C 216 -53.62 -15.07 34.79
N ASP C 217 -54.08 -13.92 35.24
CA ASP C 217 -54.77 -13.90 36.53
C ASP C 217 -56.13 -14.60 36.45
N LEU C 218 -56.82 -14.54 35.30
CA LEU C 218 -58.01 -15.35 35.04
C LEU C 218 -57.79 -16.76 35.51
N PHE C 219 -56.60 -17.28 35.24
CA PHE C 219 -56.31 -18.67 35.53
C PHE C 219 -55.57 -18.84 36.86
N LYS C 220 -55.62 -17.85 37.76
CA LYS C 220 -55.03 -17.98 39.09
C LYS C 220 -53.50 -18.18 39.00
N ALA C 221 -52.87 -17.66 37.97
CA ALA C 221 -51.40 -17.66 37.81
C ALA C 221 -50.91 -16.22 37.93
N SER C 222 -49.57 -16.07 37.89
CA SER C 222 -48.97 -14.76 38.04
C SER C 222 -47.71 -14.74 37.19
N PRO C 223 -47.39 -13.63 36.54
CA PRO C 223 -46.08 -13.49 35.85
C PRO C 223 -44.99 -12.89 36.72
N ILE C 224 -45.27 -12.61 38.01
CA ILE C 224 -44.28 -11.99 38.89
C ILE C 224 -44.06 -12.83 40.13
N TRP C 225 -43.29 -12.31 41.07
CA TRP C 225 -43.12 -12.97 42.34
C TRP C 225 -44.36 -12.71 43.19
N TYR C 226 -44.72 -13.69 44.03
CA TYR C 226 -45.88 -13.52 44.89
C TYR C 226 -45.66 -14.27 46.21
N GLU C 227 -46.53 -13.99 47.17
CA GLU C 227 -46.49 -14.68 48.47
C GLU C 227 -47.40 -15.91 48.54
N GLU C 228 -46.86 -16.99 49.11
CA GLU C 228 -47.64 -18.17 49.43
C GLU C 228 -47.26 -18.46 50.89
N ASN C 229 -48.13 -18.10 51.85
CA ASN C 229 -48.00 -18.56 53.24
C ASN C 229 -46.67 -18.16 53.86
N GLY C 230 -46.26 -16.90 53.68
CA GLY C 230 -45.03 -16.43 54.25
C GLY C 230 -43.81 -16.65 53.39
N MET C 231 -43.94 -17.43 52.32
CA MET C 231 -42.83 -17.79 51.41
C MET C 231 -43.03 -17.06 50.09
N VAL C 232 -41.93 -16.61 49.44
CA VAL C 232 -42.05 -15.90 48.18
C VAL C 232 -41.69 -16.91 47.10
N LYS C 233 -42.52 -16.99 46.05
CA LYS C 233 -42.39 -17.87 44.88
C LYS C 233 -42.43 -17.09 43.56
N TYR C 234 -41.91 -17.72 42.49
CA TYR C 234 -41.83 -17.05 41.19
C TYR C 234 -42.97 -17.57 40.34
N GLY C 235 -43.97 -16.73 40.08
CA GLY C 235 -45.18 -17.17 39.40
C GLY C 235 -44.93 -17.91 38.08
N PRO C 236 -44.02 -17.43 37.22
CA PRO C 236 -43.84 -18.14 35.90
C PRO C 236 -43.26 -19.53 35.99
N ALA C 237 -42.80 -19.95 37.15
CA ALA C 237 -42.32 -21.31 37.32
C ALA C 237 -43.39 -22.27 37.85
N GLN C 238 -44.63 -21.78 38.10
CA GLN C 238 -45.66 -22.58 38.77
C GLN C 238 -46.55 -23.29 37.76
N LYS C 239 -47.07 -24.46 38.16
CA LYS C 239 -48.00 -25.25 37.34
C LYS C 239 -49.20 -24.42 36.85
N GLU C 240 -49.67 -23.46 37.66
CA GLU C 240 -50.83 -22.66 37.25
C GLU C 240 -50.52 -21.84 36.00
N PHE C 241 -49.27 -21.38 35.90
CA PHE C 241 -48.82 -20.58 34.75
C PHE C 241 -48.83 -21.44 33.47
N LYS C 242 -48.31 -22.68 33.56
CA LYS C 242 -48.36 -23.57 32.39
C LYS C 242 -49.79 -23.75 31.92
N HIS C 243 -50.72 -23.99 32.87
CA HIS C 243 -52.12 -24.17 32.51
C HIS C 243 -52.70 -22.87 31.94
N ALA C 244 -52.38 -21.74 32.55
CA ALA C 244 -52.85 -20.45 32.02
C ALA C 244 -52.40 -20.24 30.60
N ILE C 245 -51.11 -20.50 30.31
CA ILE C 245 -50.60 -20.31 28.95
C ILE C 245 -51.27 -21.28 27.99
N LYS C 246 -51.41 -22.56 28.36
CA LYS C 246 -52.09 -23.50 27.46
C LYS C 246 -53.51 -23.04 27.13
N GLU C 247 -54.29 -22.62 28.13
CA GLU C 247 -55.65 -22.16 27.84
C GLU C 247 -55.65 -20.90 26.96
N LEU C 248 -54.76 -19.93 27.25
CA LEU C 248 -54.72 -18.68 26.50
C LEU C 248 -54.37 -18.94 25.05
N SER C 249 -53.48 -19.88 24.81
CA SER C 249 -53.14 -20.30 23.46
C SER C 249 -54.39 -20.73 22.68
N LYS C 250 -55.17 -21.62 23.28
CA LYS C 250 -56.44 -22.06 22.68
C LYS C 250 -57.39 -20.89 22.43
N TRP C 251 -57.61 -20.07 23.45
CA TRP C 251 -58.53 -18.95 23.31
C TRP C 251 -58.04 -17.97 22.26
N TYR C 252 -56.73 -17.76 22.17
CA TYR C 252 -56.15 -16.93 21.13
C TYR C 252 -56.39 -17.54 19.76
N LYS C 253 -56.18 -18.86 19.64
CA LYS C 253 -56.40 -19.53 18.34
C LYS C 253 -57.83 -19.31 17.85
N GLU C 254 -58.79 -19.36 18.78
CA GLU C 254 -60.21 -19.25 18.51
C GLU C 254 -60.75 -17.82 18.41
N GLY C 255 -59.89 -16.80 18.44
CA GLY C 255 -60.34 -15.44 18.31
C GLY C 255 -61.03 -14.89 19.55
N LEU C 256 -60.92 -15.58 20.68
CA LEU C 256 -61.53 -15.10 21.91
C LEU C 256 -60.70 -14.02 22.58
N ILE C 257 -59.39 -14.06 22.36
CA ILE C 257 -58.44 -13.05 22.86
C ILE C 257 -58.09 -12.13 21.70
N ASP C 258 -58.13 -10.82 21.92
CA ASP C 258 -57.69 -9.83 20.94
C ASP C 258 -56.47 -10.29 20.15
N GLU C 259 -56.64 -10.40 18.82
CA GLU C 259 -55.50 -10.82 17.98
C GLU C 259 -54.27 -9.98 18.23
N GLU C 260 -54.46 -8.67 18.45
CA GLU C 260 -53.38 -7.69 18.59
C GLU C 260 -52.98 -7.45 20.03
N ILE C 261 -53.22 -8.43 20.90
CA ILE C 261 -53.07 -8.20 22.33
C ILE C 261 -51.66 -7.70 22.69
N PHE C 262 -50.60 -8.26 22.05
CA PHE C 262 -49.22 -7.92 22.44
C PHE C 262 -48.73 -6.64 21.79
N THR C 263 -49.47 -6.09 20.83
CA THR C 263 -48.99 -4.98 20.02
C THR C 263 -49.78 -3.69 20.19
N ARG C 264 -50.93 -3.67 20.86
CA ARG C 264 -51.65 -2.40 21.00
C ARG C 264 -51.06 -1.21 21.76
N GLY C 265 -50.83 -1.20 23.05
CA GLY C 265 -50.57 0.07 23.74
C GLY C 265 -51.77 0.48 24.60
N LEU C 266 -51.59 1.57 25.39
CA LEU C 266 -52.62 1.92 26.40
C LEU C 266 -53.94 2.39 25.80
N GLU C 267 -53.99 2.64 24.48
CA GLU C 267 -55.22 3.11 23.83
C GLU C 267 -56.19 1.96 23.53
N SER C 268 -55.80 0.73 23.85
CA SER C 268 -56.58 -0.45 23.48
C SER C 268 -58.00 -0.35 24.02
N ARG C 269 -58.15 0.02 25.28
CA ARG C 269 -59.45 0.03 25.94
C ARG C 269 -60.37 1.06 25.31
N ASP C 270 -59.85 2.29 25.10
CA ASP C 270 -60.66 3.34 24.44
C ASP C 270 -61.09 2.87 23.07
N TYR C 271 -60.14 2.29 22.29
CA TYR C 271 -60.40 1.87 20.92
C TYR C 271 -61.43 0.75 20.86
N LEU C 272 -61.26 -0.29 21.68
CA LEU C 272 -62.15 -1.44 21.60
C LEU C 272 -63.52 -1.14 22.17
N LEU C 273 -63.59 -0.31 23.21
CA LEU C 273 -64.91 -0.03 23.76
C LEU C 273 -65.61 1.03 22.91
N SER C 274 -64.94 2.10 22.54
CA SER C 274 -65.66 3.15 21.84
C SER C 274 -66.19 2.66 20.48
N ASN C 275 -65.48 1.75 19.82
CA ASN C 275 -65.95 1.14 18.58
C ASN C 275 -66.83 -0.07 18.78
N ASN C 276 -67.29 -0.31 19.99
CA ASN C 276 -68.22 -1.39 20.28
C ASN C 276 -67.71 -2.77 19.85
N LEU C 277 -66.39 -3.01 19.91
CA LEU C 277 -65.80 -4.31 19.62
C LEU C 277 -65.50 -5.15 20.88
N GLY C 278 -65.17 -4.54 22.02
CA GLY C 278 -64.68 -5.30 23.17
C GLY C 278 -65.77 -5.85 24.07
N GLY C 279 -65.67 -7.17 24.41
CA GLY C 279 -66.70 -7.77 25.25
C GLY C 279 -66.30 -7.91 26.73
N ALA C 280 -65.02 -7.89 27.05
CA ALA C 280 -64.65 -8.24 28.42
C ALA C 280 -63.21 -7.88 28.62
N THR C 281 -62.89 -7.53 29.88
CA THR C 281 -61.53 -7.15 30.19
C THR C 281 -61.27 -7.36 31.67
N ASP C 282 -60.03 -7.02 32.06
CA ASP C 282 -59.54 -7.12 33.45
C ASP C 282 -58.75 -5.82 33.55
N ASP C 283 -59.20 -4.88 34.37
CA ASP C 283 -58.58 -3.53 34.34
C ASP C 283 -59.06 -2.73 35.56
N TRP C 284 -58.39 -1.60 35.78
CA TRP C 284 -58.62 -0.83 37.00
C TRP C 284 -60.12 -0.45 37.15
N ILE C 285 -60.67 -0.64 38.36
CA ILE C 285 -62.13 -0.59 38.53
C ILE C 285 -62.70 0.80 38.21
N ALA C 286 -62.11 1.88 38.75
CA ALA C 286 -62.79 3.17 38.53
C ALA C 286 -62.71 3.62 37.06
N SER C 287 -61.53 3.67 36.46
CA SER C 287 -61.45 4.10 35.05
C SER C 287 -62.27 3.18 34.13
N THR C 288 -62.30 1.87 34.41
CA THR C 288 -63.03 0.99 33.50
C THR C 288 -64.53 1.21 33.66
N SER C 289 -64.96 1.53 34.88
CA SER C 289 -66.36 1.86 35.14
C SER C 289 -66.81 3.17 34.56
N SER C 290 -65.90 4.05 34.16
CA SER C 290 -66.30 5.35 33.64
C SER C 290 -66.89 5.28 32.22
N TYR C 291 -66.71 4.16 31.50
CA TYR C 291 -67.15 4.10 30.12
C TYR C 291 -68.67 3.99 29.98
N ASN C 292 -69.40 3.53 30.99
CA ASN C 292 -70.84 3.44 30.85
C ASN C 292 -71.43 4.83 30.61
N ARG C 293 -71.00 5.82 31.39
CA ARG C 293 -71.59 7.13 31.18
C ARG C 293 -70.98 7.75 29.94
N ASN C 294 -69.70 7.50 29.75
CA ASN C 294 -68.93 8.04 28.65
C ASN C 294 -69.47 7.60 27.29
N LEU C 295 -69.94 6.35 27.17
CA LEU C 295 -70.39 5.81 25.90
C LEU C 295 -71.93 5.73 25.80
N ALA C 296 -72.66 6.34 26.75
CA ALA C 296 -74.08 6.02 26.86
C ALA C 296 -74.87 6.44 25.64
N ASP C 297 -74.41 7.48 24.96
CA ASP C 297 -75.00 8.02 23.75
C ASP C 297 -74.48 7.35 22.51
N LYS C 298 -73.16 7.13 22.42
CA LYS C 298 -72.59 6.50 21.22
C LYS C 298 -72.97 5.03 21.11
N ILE C 299 -73.21 4.35 22.22
CA ILE C 299 -73.65 2.96 22.15
C ILE C 299 -74.82 2.78 23.10
N PRO C 300 -76.05 3.00 22.66
CA PRO C 300 -77.20 2.90 23.56
C PRO C 300 -77.24 1.54 24.27
N GLY C 301 -77.41 1.58 25.61
CA GLY C 301 -77.43 0.37 26.44
C GLY C 301 -76.06 -0.23 26.82
N PHE C 302 -74.95 0.33 26.32
CA PHE C 302 -73.60 -0.07 26.74
C PHE C 302 -73.58 -0.28 28.24
N ASN C 303 -73.28 -1.51 28.65
CA ASN C 303 -73.18 -1.80 30.10
C ASN C 303 -71.97 -2.73 30.32
N LEU C 304 -70.81 -2.11 30.62
CA LEU C 304 -69.59 -2.86 30.93
C LEU C 304 -69.57 -2.97 32.46
N LYS C 305 -69.78 -4.19 32.96
CA LYS C 305 -70.23 -4.42 34.34
C LYS C 305 -69.18 -5.22 35.11
N LEU C 306 -68.91 -4.80 36.35
CA LEU C 306 -67.97 -5.51 37.22
C LEU C 306 -68.53 -6.85 37.67
N VAL C 307 -67.72 -7.89 37.58
CA VAL C 307 -68.09 -9.20 38.11
C VAL C 307 -66.97 -9.59 39.06
N LEU C 308 -67.29 -10.53 39.97
CA LEU C 308 -66.23 -11.08 40.87
C LEU C 308 -65.27 -11.93 40.04
N PRO C 309 -64.03 -12.15 40.49
CA PRO C 309 -63.11 -12.98 39.67
C PRO C 309 -63.80 -14.30 39.38
N TYR C 310 -63.55 -14.85 38.16
CA TYR C 310 -64.12 -16.13 37.76
C TYR C 310 -63.47 -17.25 38.52
N GLU C 311 -64.25 -18.28 38.81
CA GLU C 311 -63.81 -19.32 39.71
C GLU C 311 -63.13 -20.43 38.88
N LEU C 312 -62.00 -20.96 39.35
CA LEU C 312 -61.29 -22.05 38.67
C LEU C 312 -60.92 -23.08 39.73
N ASN C 313 -61.46 -24.31 39.58
CA ASN C 313 -61.28 -25.44 40.55
C ASN C 313 -61.33 -24.98 42.02
N GLY C 314 -62.37 -24.24 42.35
CA GLY C 314 -62.67 -23.78 43.70
C GLY C 314 -62.00 -22.49 44.14
N ASN C 315 -61.13 -21.92 43.33
CA ASN C 315 -60.41 -20.69 43.66
C ASN C 315 -61.14 -19.50 43.07
N ALA C 316 -61.60 -18.60 43.92
CA ALA C 316 -62.30 -17.40 43.50
C ALA C 316 -61.45 -16.15 43.63
N LYS C 317 -60.14 -16.28 43.82
CA LYS C 317 -59.32 -15.15 44.19
C LYS C 317 -58.70 -14.48 42.97
N THR C 318 -58.39 -13.18 43.13
CA THR C 318 -57.55 -12.42 42.18
C THR C 318 -56.33 -11.89 42.91
N ARG C 319 -55.14 -11.86 42.24
CA ARG C 319 -53.97 -11.24 42.83
C ARG C 319 -53.81 -9.79 42.39
N HIS C 320 -54.80 -9.24 41.69
CA HIS C 320 -54.79 -7.82 41.34
C HIS C 320 -55.00 -6.99 42.61
N ALA C 321 -54.00 -6.25 43.03
CA ALA C 321 -54.17 -5.40 44.21
C ALA C 321 -53.12 -4.30 44.11
N ARG C 322 -53.36 -3.19 44.77
CA ARG C 322 -52.33 -2.16 44.81
C ARG C 322 -51.18 -2.59 45.71
N THR C 323 -49.96 -2.12 45.40
CA THR C 323 -48.89 -2.12 46.39
C THR C 323 -49.10 -0.91 47.28
N THR C 324 -48.35 -0.81 48.39
CA THR C 324 -48.53 0.36 49.22
C THR C 324 -48.00 1.59 48.55
N TYR C 325 -46.99 1.43 47.65
CA TYR C 325 -46.50 2.57 46.88
C TYR C 325 -45.95 2.07 45.55
N LEU C 326 -45.67 3.04 44.64
CA LEU C 326 -45.12 2.77 43.31
C LEU C 326 -43.99 3.77 43.11
N GLY C 327 -42.74 3.32 43.16
CA GLY C 327 -41.60 4.27 42.87
C GLY C 327 -41.47 5.34 43.96
N GLY C 328 -40.74 6.43 43.66
CA GLY C 328 -40.48 7.44 44.69
C GLY C 328 -39.53 8.51 44.15
N TRP C 329 -39.10 9.41 45.03
CA TRP C 329 -38.07 10.36 44.59
C TRP C 329 -37.14 10.73 45.76
N GLY C 330 -35.90 11.09 45.43
CA GLY C 330 -34.95 11.50 46.46
C GLY C 330 -34.12 12.70 46.02
N ILE C 331 -33.22 13.13 46.91
CA ILE C 331 -32.39 14.29 46.61
C ILE C 331 -30.95 13.81 46.37
N SER C 332 -30.34 14.28 45.27
CA SER C 332 -29.01 13.80 44.94
C SER C 332 -27.93 14.50 45.77
N LYS C 333 -26.73 13.88 45.76
CA LYS C 333 -25.56 14.51 46.38
C LYS C 333 -25.18 15.80 45.67
N ASP C 334 -25.61 15.99 44.47
CA ASP C 334 -25.21 17.18 43.73
C ASP C 334 -26.11 18.40 44.00
N ALA C 335 -27.23 18.21 44.75
CA ALA C 335 -28.16 19.29 45.01
C ALA C 335 -27.47 20.30 45.90
N LYS C 336 -27.41 21.57 45.48
CA LYS C 336 -26.70 22.55 46.29
C LYS C 336 -27.52 23.01 47.49
N ASP C 337 -28.87 22.87 47.50
CA ASP C 337 -29.70 23.34 48.62
C ASP C 337 -30.69 22.27 49.07
N PRO C 338 -30.18 21.18 49.63
CA PRO C 338 -31.09 20.10 50.05
C PRO C 338 -32.13 20.53 51.05
N VAL C 339 -31.90 21.54 51.88
CA VAL C 339 -32.93 21.92 52.83
C VAL C 339 -34.15 22.47 52.09
N SER C 340 -33.92 23.30 51.07
CA SER C 340 -35.04 23.81 50.27
C SER C 340 -35.73 22.69 49.48
N LEU C 341 -35.00 21.66 49.07
CA LEU C 341 -35.68 20.55 48.40
C LEU C 341 -36.52 19.70 49.37
N ILE C 342 -36.05 19.42 50.60
CA ILE C 342 -36.91 18.66 51.51
C ILE C 342 -38.13 19.45 51.88
N LYS C 343 -38.05 20.79 51.84
CA LYS C 343 -39.26 21.59 52.09
C LYS C 343 -40.24 21.50 50.89
N TYR C 344 -39.69 21.42 49.67
CA TYR C 344 -40.46 21.08 48.48
C TYR C 344 -41.13 19.72 48.63
N PHE C 345 -40.36 18.67 49.01
CA PHE C 345 -40.96 17.36 49.22
C PHE C 345 -42.10 17.48 50.25
N ASP C 346 -41.88 18.27 51.31
CA ASP C 346 -42.87 18.36 52.38
C ASP C 346 -44.12 19.09 51.91
N TYR C 347 -43.95 20.03 50.97
CA TYR C 347 -45.11 20.78 50.49
C TYR C 347 -46.22 19.82 50.02
N TRP C 348 -45.82 18.75 49.33
CA TRP C 348 -46.79 17.80 48.78
C TRP C 348 -47.54 17.05 49.85
N TYR C 349 -47.07 17.08 51.11
CA TYR C 349 -47.79 16.45 52.21
C TYR C 349 -48.57 17.46 53.04
N SER C 350 -48.47 18.75 52.74
CA SER C 350 -49.42 19.71 53.33
C SER C 350 -50.83 19.49 52.84
N VAL C 351 -51.82 20.07 53.55
CA VAL C 351 -53.20 19.90 53.09
C VAL C 351 -53.36 20.40 51.66
N GLU C 352 -52.83 21.61 51.36
CA GLU C 352 -53.05 22.18 50.02
C GLU C 352 -52.20 21.46 48.96
N GLY C 353 -50.96 21.14 49.30
CA GLY C 353 -50.12 20.42 48.36
C GLY C 353 -50.69 19.07 47.97
N ARG C 354 -51.14 18.30 48.99
CA ARG C 354 -51.64 16.97 48.68
C ARG C 354 -52.94 17.08 47.91
N ARG C 355 -53.78 18.09 48.27
CA ARG C 355 -55.01 18.30 47.47
C ARG C 355 -54.67 18.65 46.00
N LEU C 356 -53.71 19.56 45.81
CA LEU C 356 -53.28 19.94 44.46
C LEU C 356 -52.84 18.73 43.66
N TRP C 357 -51.95 17.91 44.24
CA TRP C 357 -51.41 16.77 43.52
C TRP C 357 -52.52 15.82 43.13
N ASN C 358 -53.53 15.63 44.01
CA ASN C 358 -54.54 14.65 43.76
C ASN C 358 -55.67 15.16 42.84
N PHE C 359 -56.08 16.42 43.01
CA PHE C 359 -57.33 16.92 42.42
C PHE C 359 -57.10 17.93 41.29
N GLY C 360 -55.90 18.45 41.12
CA GLY C 360 -55.81 19.49 40.11
C GLY C 360 -56.09 20.90 40.64
N ILE C 361 -56.69 21.79 39.84
CA ILE C 361 -56.64 23.23 40.12
C ILE C 361 -58.04 23.72 40.58
N GLU C 362 -58.09 24.44 41.70
CA GLU C 362 -59.37 24.99 42.21
C GLU C 362 -59.96 25.99 41.22
N GLY C 363 -61.27 25.83 40.90
CA GLY C 363 -61.95 26.62 39.89
C GLY C 363 -61.88 26.03 38.46
N SER C 364 -61.04 24.99 38.23
CA SER C 364 -60.91 24.38 36.91
C SER C 364 -61.29 22.92 37.02
N GLU C 365 -60.48 22.09 37.72
CA GLU C 365 -60.86 20.67 37.90
C GLU C 365 -61.93 20.45 38.99
N TYR C 366 -61.90 21.26 40.06
CA TYR C 366 -62.85 21.11 41.18
C TYR C 366 -63.17 22.49 41.74
N THR C 367 -64.26 22.54 42.51
CA THR C 367 -64.53 23.67 43.36
C THR C 367 -64.65 23.14 44.79
N LEU C 368 -64.47 24.03 45.77
CA LEU C 368 -64.61 23.63 47.16
C LEU C 368 -66.08 23.76 47.52
N VAL C 369 -66.66 22.65 47.94
CA VAL C 369 -68.08 22.53 48.29
C VAL C 369 -68.15 22.07 49.70
N ASP C 370 -68.73 22.87 50.56
CA ASP C 370 -68.74 22.51 51.98
C ASP C 370 -67.32 22.23 52.41
N GLY C 371 -66.40 23.02 51.88
CA GLY C 371 -65.03 22.88 52.35
C GLY C 371 -64.27 21.73 51.68
N LYS C 372 -64.90 20.98 50.79
CA LYS C 372 -64.16 19.83 50.23
C LYS C 372 -64.23 19.84 48.71
N PRO C 373 -63.26 19.25 48.02
CA PRO C 373 -63.29 19.32 46.56
C PRO C 373 -64.41 18.47 45.97
N VAL C 374 -65.08 19.05 44.98
CA VAL C 374 -66.01 18.33 44.11
C VAL C 374 -65.63 18.65 42.66
N PHE C 375 -65.47 17.62 41.84
CA PHE C 375 -64.96 17.88 40.50
C PHE C 375 -66.02 18.59 39.68
N THR C 376 -65.58 19.22 38.64
CA THR C 376 -66.47 19.96 37.74
C THR C 376 -66.81 19.03 36.56
N ASP C 377 -67.68 19.51 35.65
CA ASP C 377 -67.94 18.79 34.40
C ASP C 377 -66.71 18.63 33.52
N LYS C 378 -65.74 19.57 33.58
CA LYS C 378 -64.49 19.40 32.82
C LYS C 378 -63.85 18.03 33.09
N VAL C 379 -63.92 17.59 34.34
CA VAL C 379 -63.38 16.27 34.74
C VAL C 379 -64.39 15.18 34.59
N LEU C 380 -65.61 15.39 35.11
CA LEU C 380 -66.55 14.30 35.21
C LEU C 380 -67.29 14.03 33.91
N LYS C 381 -67.36 15.02 32.99
CA LYS C 381 -68.16 14.86 31.73
C LYS C 381 -67.34 15.46 30.61
N ASN C 382 -66.13 14.93 30.39
CA ASN C 382 -65.25 15.51 29.37
C ASN C 382 -65.93 15.35 28.00
N PRO C 383 -65.96 16.40 27.16
CA PRO C 383 -66.73 16.29 25.89
C PRO C 383 -66.01 15.55 24.76
N ASP C 384 -64.75 15.20 24.92
CA ASP C 384 -64.06 14.33 23.97
C ASP C 384 -64.07 12.89 24.43
N GLY C 385 -64.87 12.60 25.46
CA GLY C 385 -64.91 11.24 25.93
C GLY C 385 -63.73 10.76 26.75
N LYS C 386 -62.85 11.65 27.22
CA LYS C 386 -61.77 11.22 28.11
C LYS C 386 -62.33 10.74 29.45
N THR C 387 -61.71 9.71 30.06
CA THR C 387 -62.11 9.35 31.43
C THR C 387 -61.75 10.53 32.33
N PRO C 388 -62.36 10.65 33.49
CA PRO C 388 -61.94 11.69 34.44
C PRO C 388 -60.46 11.65 34.77
N LEU C 389 -59.89 10.43 34.90
CA LEU C 389 -58.47 10.34 35.24
C LEU C 389 -57.64 10.92 34.13
N ALA C 390 -57.99 10.61 32.87
CA ALA C 390 -57.18 11.12 31.75
C ALA C 390 -57.19 12.65 31.76
N VAL C 391 -58.34 13.26 32.04
CA VAL C 391 -58.39 14.72 32.20
C VAL C 391 -57.46 15.17 33.33
N LEU C 392 -57.60 14.52 34.51
CA LEU C 392 -56.75 14.91 35.62
C LEU C 392 -55.26 14.75 35.26
N ARG C 393 -54.87 13.64 34.57
CA ARG C 393 -53.45 13.52 34.20
C ARG C 393 -53.03 14.60 33.23
N GLU C 394 -53.94 15.03 32.31
CA GLU C 394 -53.62 16.17 31.42
C GLU C 394 -53.29 17.49 32.15
N VAL C 395 -53.74 17.67 33.37
CA VAL C 395 -53.43 18.93 34.08
C VAL C 395 -52.26 18.78 35.03
N GLY C 396 -51.65 17.58 35.09
CA GLY C 396 -50.53 17.35 35.96
C GLY C 396 -50.91 16.68 37.29
N ALA C 397 -52.19 16.33 37.48
CA ALA C 397 -52.57 15.65 38.70
C ALA C 397 -52.21 14.15 38.59
N GLN C 398 -52.08 13.51 39.74
CA GLN C 398 -51.75 12.07 39.85
C GLN C 398 -50.39 11.74 39.19
N TYR C 399 -49.56 12.74 39.01
CA TYR C 399 -48.25 12.51 38.32
C TYR C 399 -47.27 11.90 39.34
N ARG C 400 -46.90 10.62 39.15
CA ARG C 400 -46.12 9.86 40.15
C ARG C 400 -44.76 10.52 40.45
N LEU C 401 -44.56 10.88 41.70
CA LEU C 401 -43.39 11.51 42.30
C LEU C 401 -43.21 11.32 43.84
N GLY C 402 -43.41 10.31 44.54
CA GLY C 402 -43.22 10.72 45.97
C GLY C 402 -44.34 11.41 46.82
N ALA C 403 -45.60 11.47 46.33
CA ALA C 403 -46.75 12.09 46.97
C ALA C 403 -47.63 10.99 47.56
N PHE C 404 -48.70 11.39 48.25
CA PHE C 404 -49.61 10.48 48.96
C PHE C 404 -50.98 10.63 48.32
N GLN C 405 -51.36 9.64 47.55
CA GLN C 405 -52.64 9.65 46.89
C GLN C 405 -53.75 9.70 47.95
N ASP C 406 -54.83 10.39 47.64
CA ASP C 406 -56.00 10.53 48.53
C ASP C 406 -57.18 9.83 47.87
N ALA C 407 -57.64 8.75 48.51
CA ALA C 407 -58.77 8.01 47.99
C ALA C 407 -60.01 8.91 47.81
N GLN C 408 -60.10 10.05 48.53
CA GLN C 408 -61.25 10.97 48.28
C GLN C 408 -61.19 11.52 46.83
N TYR C 409 -60.03 11.61 46.23
CA TYR C 409 -59.90 11.99 44.85
C TYR C 409 -60.59 10.92 43.96
N GLU C 410 -60.27 9.68 44.22
CA GLU C 410 -60.79 8.60 43.40
C GLU C 410 -62.29 8.43 43.59
N LEU C 411 -62.71 8.45 44.84
CA LEU C 411 -64.16 8.53 45.11
C LEU C 411 -64.81 9.76 44.45
N GLY C 412 -64.07 10.85 44.26
CA GLY C 412 -64.62 12.08 43.67
C GLY C 412 -65.13 11.88 42.24
N TRP C 413 -64.45 11.00 41.46
CA TRP C 413 -64.86 10.80 40.07
C TRP C 413 -65.40 9.42 39.79
N ALA C 414 -65.19 8.47 40.69
CA ALA C 414 -65.65 7.11 40.42
C ALA C 414 -67.18 7.08 40.35
N SER C 415 -67.71 6.37 39.38
CA SER C 415 -69.18 6.22 39.30
C SER C 415 -69.76 5.44 40.52
N GLU C 416 -71.10 5.53 40.69
CA GLU C 416 -71.70 4.80 41.80
C GLU C 416 -71.38 3.31 41.73
N SER C 417 -71.40 2.74 40.53
CA SER C 417 -71.17 1.31 40.50
C SER C 417 -69.67 0.96 40.70
N ALA C 418 -68.74 1.87 40.44
CA ALA C 418 -67.35 1.61 40.84
C ALA C 418 -67.23 1.66 42.36
N LYS C 419 -67.89 2.64 42.98
CA LYS C 419 -67.81 2.75 44.45
C LYS C 419 -68.37 1.48 45.11
N ALA C 420 -69.55 1.04 44.63
CA ALA C 420 -70.12 -0.22 45.05
C ALA C 420 -69.19 -1.38 44.73
N GLY C 421 -68.44 -1.28 43.66
CA GLY C 421 -67.58 -2.39 43.30
C GLY C 421 -66.36 -2.56 44.19
N TYR C 422 -65.77 -1.47 44.68
CA TYR C 422 -64.71 -1.68 45.68
C TYR C 422 -65.26 -2.50 46.83
N LYS C 423 -66.44 -2.11 47.30
CA LYS C 423 -67.06 -2.78 48.42
C LYS C 423 -67.40 -4.24 48.06
N TYR C 424 -67.87 -4.47 46.83
CA TYR C 424 -68.20 -5.81 46.39
C TYR C 424 -66.96 -6.73 46.41
N TYR C 425 -65.80 -6.22 45.92
CA TYR C 425 -64.58 -7.01 46.01
C TYR C 425 -64.11 -7.18 47.46
N MET C 426 -64.19 -6.10 48.28
CA MET C 426 -63.70 -6.21 49.64
C MET C 426 -64.60 -7.14 50.43
N ASP C 427 -65.94 -6.95 50.29
CA ASP C 427 -66.84 -7.76 51.11
C ASP C 427 -66.78 -9.24 50.73
N ASN C 428 -66.57 -9.57 49.44
CA ASN C 428 -66.49 -10.98 49.06
C ASN C 428 -65.11 -11.60 49.27
N ASP C 429 -64.17 -10.84 49.79
CA ASP C 429 -62.85 -11.32 50.16
C ASP C 429 -62.13 -12.00 48.97
N VAL C 430 -62.24 -11.41 47.76
CA VAL C 430 -61.66 -12.07 46.58
C VAL C 430 -60.25 -11.61 46.25
N VAL C 431 -59.75 -10.58 46.92
CA VAL C 431 -58.44 -10.04 46.55
C VAL C 431 -57.38 -10.58 47.51
N LEU C 432 -56.29 -11.09 46.94
CA LEU C 432 -55.08 -11.43 47.70
C LEU C 432 -54.13 -10.23 47.75
N ASP C 433 -53.65 -9.87 48.94
CA ASP C 433 -52.74 -8.72 49.07
C ASP C 433 -51.47 -8.94 48.25
N GLU C 434 -51.03 -7.86 47.61
CA GLU C 434 -49.74 -7.83 46.96
C GLU C 434 -48.64 -8.00 47.97
N LEU C 435 -47.50 -8.45 47.46
CA LEU C 435 -46.25 -8.47 48.21
C LEU C 435 -45.90 -7.05 48.66
N PRO C 436 -45.33 -6.86 49.85
CA PRO C 436 -44.65 -5.58 50.11
C PRO C 436 -43.57 -5.40 49.05
N ILE C 437 -43.25 -4.15 48.82
CA ILE C 437 -42.09 -3.85 47.98
C ILE C 437 -40.85 -4.29 48.76
N LEU C 438 -40.14 -5.26 48.21
CA LEU C 438 -39.00 -5.84 48.90
C LEU C 438 -37.77 -4.95 48.73
N LYS C 439 -36.93 -4.95 49.76
CA LYS C 439 -35.72 -4.16 49.81
C LYS C 439 -34.50 -5.05 50.01
N TYR C 440 -33.35 -4.52 49.59
CA TYR C 440 -32.12 -5.29 49.51
C TYR C 440 -30.95 -4.43 49.90
N THR C 441 -29.86 -5.07 50.37
CA THR C 441 -28.54 -4.43 50.19
C THR C 441 -28.22 -4.18 48.72
N LYS C 442 -27.28 -3.26 48.47
CA LYS C 442 -26.91 -3.01 47.08
C LYS C 442 -26.35 -4.26 46.43
N GLU C 443 -25.61 -5.10 47.17
CA GLU C 443 -24.99 -6.30 46.57
C GLU C 443 -26.03 -7.36 46.26
N LYS C 444 -27.01 -7.56 47.17
CA LYS C 444 -28.09 -8.53 46.92
C LYS C 444 -29.02 -8.04 45.79
N SER C 445 -29.24 -6.73 45.67
CA SER C 445 -30.00 -6.19 44.54
C SER C 445 -29.35 -6.57 43.20
N LYS C 446 -28.06 -6.33 43.11
CA LYS C 446 -27.32 -6.61 41.87
C LYS C 446 -27.40 -8.07 41.52
N GLU C 447 -27.21 -8.93 42.50
CA GLU C 447 -27.35 -10.36 42.24
C GLU C 447 -28.79 -10.67 41.79
N PHE C 448 -29.78 -10.16 42.53
CA PHE C 448 -31.18 -10.45 42.22
C PHE C 448 -31.57 -9.95 40.83
N VAL C 449 -31.22 -8.68 40.50
CA VAL C 449 -31.72 -8.18 39.20
C VAL C 449 -31.03 -8.91 38.06
N SER C 450 -29.76 -9.29 38.23
CA SER C 450 -29.07 -10.06 37.17
C SER C 450 -29.78 -11.39 36.91
N ILE C 451 -30.45 -11.94 37.91
CA ILE C 451 -31.25 -13.13 37.62
C ILE C 451 -32.62 -12.75 37.13
N ASP C 452 -33.24 -11.84 37.85
CA ASP C 452 -34.64 -11.58 37.64
C ASP C 452 -34.91 -11.02 36.25
N THR C 453 -34.05 -10.11 35.79
CA THR C 453 -34.37 -9.50 34.51
C THR C 453 -34.12 -10.52 33.42
N ALA C 454 -33.13 -11.39 33.61
CA ALA C 454 -32.88 -12.44 32.60
C ALA C 454 -34.06 -13.41 32.54
N MET C 455 -34.61 -13.82 33.73
CA MET C 455 -35.76 -14.73 33.75
C MET C 455 -36.96 -14.09 33.10
N ARG C 456 -37.16 -12.79 33.38
CA ARG C 456 -38.22 -12.05 32.76
C ARG C 456 -38.18 -12.14 31.24
N ALA C 457 -37.01 -11.95 30.64
CA ALA C 457 -36.90 -12.06 29.19
C ALA C 457 -37.31 -13.42 28.68
N VAL C 458 -36.90 -14.49 29.39
CA VAL C 458 -37.27 -15.83 28.93
C VAL C 458 -38.78 -16.04 29.06
N VAL C 459 -39.36 -15.64 30.19
CA VAL C 459 -40.80 -15.80 30.36
C VAL C 459 -41.54 -15.10 29.22
N GLU C 460 -41.18 -13.86 28.98
CA GLU C 460 -41.93 -13.08 28.02
C GLU C 460 -41.72 -13.62 26.60
N GLU C 461 -40.52 -14.03 26.26
CA GLU C 461 -40.29 -14.67 24.92
C GLU C 461 -41.16 -15.91 24.73
N LYS C 462 -41.06 -16.87 25.67
CA LYS C 462 -41.81 -18.14 25.59
C LYS C 462 -43.32 -17.95 25.71
N ALA C 463 -43.77 -17.06 26.59
CA ALA C 463 -45.22 -16.83 26.77
C ALA C 463 -45.85 -16.25 25.52
N GLN C 464 -45.21 -15.26 24.89
CA GLN C 464 -45.79 -14.78 23.65
C GLN C 464 -45.74 -15.84 22.60
N GLN C 465 -44.59 -16.53 22.49
CA GLN C 465 -44.46 -17.57 21.47
C GLN C 465 -45.57 -18.61 21.65
N TRP C 466 -45.80 -19.02 22.89
CA TRP C 466 -46.82 -20.04 23.14
C TRP C 466 -48.21 -19.53 22.87
N ILE C 467 -48.53 -18.33 23.33
CA ILE C 467 -49.91 -17.84 23.12
C ILE C 467 -50.19 -17.64 21.63
N LEU C 468 -49.21 -17.10 20.89
CA LEU C 468 -49.33 -16.85 19.45
C LEU C 468 -49.27 -18.15 18.61
N GLY C 469 -49.10 -19.31 19.26
CA GLY C 469 -49.37 -20.58 18.64
C GLY C 469 -48.16 -21.21 18.03
N SER C 470 -46.96 -20.63 18.22
CA SER C 470 -45.70 -21.24 17.84
C SER C 470 -45.18 -22.16 18.95
N GLY C 471 -44.49 -23.23 18.57
CA GLY C 471 -44.11 -24.15 19.63
C GLY C 471 -45.33 -24.81 20.28
N ASP C 472 -45.05 -25.37 21.45
CA ASP C 472 -45.96 -26.34 22.08
C ASP C 472 -45.59 -26.42 23.57
N ILE C 473 -46.42 -25.79 24.43
CA ILE C 473 -45.99 -25.67 25.81
C ILE C 473 -45.80 -27.06 26.46
N ASP C 474 -46.58 -28.08 26.06
CA ASP C 474 -46.42 -29.38 26.73
C ASP C 474 -45.06 -30.01 26.43
N LYS C 475 -44.59 -29.92 25.19
CA LYS C 475 -43.27 -30.46 24.89
C LYS C 475 -42.17 -29.59 25.51
N GLU C 476 -42.44 -28.28 25.64
CA GLU C 476 -41.36 -27.33 25.86
C GLU C 476 -41.21 -26.93 27.31
N TRP C 477 -42.25 -27.17 28.13
CA TRP C 477 -42.34 -26.67 29.49
C TRP C 477 -41.13 -27.05 30.32
N ASP C 478 -40.78 -28.35 30.32
CA ASP C 478 -39.73 -28.79 31.23
C ASP C 478 -38.38 -28.15 30.88
N ALA C 479 -38.10 -27.97 29.60
CA ALA C 479 -36.86 -27.30 29.19
C ALA C 479 -36.86 -25.84 29.62
N TYR C 480 -38.02 -25.18 29.49
CA TYR C 480 -38.19 -23.80 29.95
C TYR C 480 -37.88 -23.66 31.44
N ILE C 481 -38.40 -24.57 32.28
CA ILE C 481 -38.12 -24.49 33.73
C ILE C 481 -36.62 -24.65 33.99
N LYS C 482 -36.01 -25.69 33.38
CA LYS C 482 -34.58 -25.88 33.52
C LYS C 482 -33.85 -24.61 33.06
N ARG C 483 -34.36 -23.97 32.00
CA ARG C 483 -33.75 -22.73 31.55
C ARG C 483 -33.78 -21.67 32.65
N LEU C 484 -34.95 -21.51 33.33
CA LEU C 484 -35.03 -20.53 34.40
C LEU C 484 -34.10 -20.90 35.52
N GLU C 485 -34.08 -22.19 35.90
CA GLU C 485 -33.17 -22.66 36.95
C GLU C 485 -31.70 -22.38 36.58
N ASN C 486 -31.34 -22.56 35.33
CA ASN C 486 -29.93 -22.30 34.94
C ASN C 486 -29.60 -20.81 34.96
N LEU C 487 -30.62 -19.94 34.98
CA LEU C 487 -30.34 -18.52 35.15
C LEU C 487 -30.19 -18.11 36.60
N GLY C 488 -30.47 -19.02 37.54
CA GLY C 488 -30.31 -18.74 38.95
C GLY C 488 -31.63 -18.63 39.69
N LEU C 489 -32.70 -19.22 39.17
CA LEU C 489 -33.99 -19.17 39.85
C LEU C 489 -33.90 -19.39 41.34
N SER C 490 -33.23 -20.46 41.81
CA SER C 490 -33.29 -20.71 43.25
C SER C 490 -32.48 -19.68 44.04
N LYS C 491 -31.41 -19.14 43.45
CA LYS C 491 -30.69 -18.03 44.10
C LYS C 491 -31.58 -16.80 44.20
N ALA C 492 -32.36 -16.53 43.15
CA ALA C 492 -33.25 -15.36 43.24
C ALA C 492 -34.32 -15.62 44.29
N GLU C 493 -34.81 -16.89 44.36
CA GLU C 493 -35.82 -17.25 45.37
C GLU C 493 -35.27 -17.03 46.76
N GLN C 494 -33.99 -17.31 46.94
CA GLN C 494 -33.40 -17.18 48.27
C GLN C 494 -33.34 -15.71 48.68
N ILE C 495 -32.89 -14.86 47.76
CA ILE C 495 -32.83 -13.45 48.03
C ILE C 495 -34.20 -12.87 48.38
N GLN C 496 -35.24 -13.26 47.62
CA GLN C 496 -36.59 -12.72 47.84
C GLN C 496 -37.11 -13.14 49.20
N ASN C 497 -36.86 -14.39 49.57
CA ASN C 497 -37.32 -14.80 50.90
C ASN C 497 -36.51 -14.16 52.01
N GLU C 498 -35.19 -13.91 51.82
CA GLU C 498 -34.48 -13.15 52.85
C GLU C 498 -35.08 -11.76 53.03
N ALA C 499 -35.50 -11.16 51.92
CA ALA C 499 -36.00 -9.78 51.94
C ALA C 499 -37.40 -9.67 52.56
N PHE C 500 -38.18 -10.72 52.46
CA PHE C 500 -39.51 -10.79 52.95
C PHE C 500 -39.48 -11.19 54.42
N PRO D 27 28.08 23.07 -67.02
CA PRO D 27 28.03 23.28 -65.56
C PRO D 27 27.08 22.34 -64.74
N LYS D 28 27.55 21.11 -64.42
CA LYS D 28 26.76 20.18 -63.60
C LYS D 28 26.59 20.78 -62.20
N GLU D 29 25.68 20.24 -61.40
CA GLU D 29 25.88 20.46 -59.99
C GLU D 29 25.87 19.09 -59.29
N THR D 30 26.99 18.71 -58.68
CA THR D 30 27.18 17.36 -58.13
C THR D 30 27.49 17.47 -56.63
N THR D 31 26.63 16.92 -55.79
CA THR D 31 26.84 17.01 -54.36
C THR D 31 27.85 15.96 -53.90
N ILE D 32 28.64 16.30 -52.86
CA ILE D 32 29.66 15.40 -52.36
C ILE D 32 29.72 15.60 -50.86
N PHE D 33 29.99 14.50 -50.14
CA PHE D 33 30.48 14.60 -48.77
C PHE D 33 31.98 14.32 -48.83
N ALA D 34 32.80 15.33 -48.50
CA ALA D 34 34.25 15.12 -48.48
C ALA D 34 34.91 15.99 -47.42
N MET D 35 35.71 15.34 -46.59
CA MET D 35 36.56 16.00 -45.63
C MET D 35 37.92 15.33 -45.65
N HIS D 36 38.95 16.05 -45.21
CA HIS D 36 40.24 15.41 -45.02
C HIS D 36 41.07 16.25 -44.07
N LEU D 37 41.78 15.61 -43.15
CA LEU D 37 42.62 16.34 -42.17
C LEU D 37 41.84 17.45 -41.50
N GLY D 38 40.61 17.14 -41.08
CA GLY D 38 39.85 18.13 -40.32
C GLY D 38 39.28 19.26 -41.18
N LYS D 39 39.30 19.15 -42.54
CA LYS D 39 38.84 20.27 -43.35
C LYS D 39 37.90 19.75 -44.44
N ALA D 40 36.70 20.35 -44.50
CA ALA D 40 35.77 20.09 -45.58
C ALA D 40 36.39 20.55 -46.89
N LEU D 41 36.19 19.76 -47.94
CA LEU D 41 36.70 20.15 -49.27
C LEU D 41 36.05 21.48 -49.74
N ASP D 42 36.86 22.46 -50.11
CA ASP D 42 36.36 23.64 -50.82
C ASP D 42 36.54 23.46 -52.31
N PRO D 43 35.47 23.24 -53.10
CA PRO D 43 35.64 22.95 -54.53
C PRO D 43 36.15 24.16 -55.33
N ASN D 44 36.38 25.30 -54.69
CA ASN D 44 37.01 26.45 -55.35
C ASN D 44 38.51 26.56 -55.07
N LEU D 45 39.09 25.60 -54.36
CA LEU D 45 40.54 25.52 -54.34
C LEU D 45 41.07 25.39 -55.77
N PRO D 46 42.26 25.94 -56.04
CA PRO D 46 42.83 25.89 -57.40
C PRO D 46 42.74 24.53 -58.07
N VAL D 47 43.06 23.44 -57.36
CA VAL D 47 43.04 22.13 -58.00
C VAL D 47 41.67 21.79 -58.47
N PHE D 48 40.64 22.12 -57.67
CA PHE D 48 39.30 21.71 -58.06
C PHE D 48 38.67 22.66 -59.09
N VAL D 49 39.07 23.92 -59.13
CA VAL D 49 38.67 24.79 -60.25
C VAL D 49 39.18 24.21 -61.57
N LYS D 50 40.44 23.77 -61.59
CA LYS D 50 41.01 23.14 -62.80
C LYS D 50 40.24 21.86 -63.16
N ALA D 51 40.00 20.97 -62.18
CA ALA D 51 39.27 19.77 -62.50
C ALA D 51 37.88 20.11 -63.00
N GLU D 52 37.22 21.11 -62.39
CA GLU D 52 35.89 21.50 -62.89
C GLU D 52 35.96 21.92 -64.36
N LYS D 53 36.95 22.76 -64.70
CA LYS D 53 37.14 23.19 -66.11
C LYS D 53 37.33 21.98 -67.06
N ASP D 54 38.11 20.96 -66.63
CA ASP D 54 38.40 19.79 -67.47
C ASP D 54 37.26 18.78 -67.54
N THR D 55 36.37 18.72 -66.53
CA THR D 55 35.38 17.64 -66.44
C THR D 55 33.93 18.11 -66.59
N ASN D 56 33.67 19.43 -66.49
CA ASN D 56 32.31 19.97 -66.34
C ASN D 56 31.57 19.43 -65.10
N ILE D 57 32.27 18.89 -64.08
CA ILE D 57 31.66 18.52 -62.79
C ILE D 57 31.88 19.66 -61.80
N LYS D 58 30.79 20.17 -61.23
CA LYS D 58 30.88 21.28 -60.25
C LYS D 58 30.51 20.69 -58.91
N LEU D 59 31.50 20.41 -58.05
CA LEU D 59 31.16 19.80 -56.77
C LEU D 59 30.51 20.83 -55.84
N VAL D 60 29.61 20.33 -54.99
CA VAL D 60 28.99 21.10 -53.91
C VAL D 60 29.03 20.23 -52.69
N ASN D 61 29.72 20.67 -51.67
CA ASN D 61 29.98 19.81 -50.54
C ASN D 61 28.80 19.87 -49.55
N VAL D 62 28.35 18.72 -49.06
CA VAL D 62 27.30 18.77 -48.03
C VAL D 62 27.93 18.81 -46.66
N ALA D 63 29.26 18.55 -46.55
CA ALA D 63 29.94 18.88 -45.30
C ALA D 63 30.20 20.38 -45.27
N SER D 64 30.09 21.01 -44.08
CA SER D 64 30.31 22.46 -44.06
C SER D 64 31.74 22.83 -43.66
N GLN D 65 32.12 24.06 -44.03
CA GLN D 65 33.43 24.59 -43.66
C GLN D 65 33.65 24.60 -42.16
N ASN D 66 32.59 24.53 -41.35
CA ASN D 66 32.78 24.55 -39.87
C ASN D 66 33.08 23.18 -39.28
N GLN D 67 32.71 22.12 -39.98
CA GLN D 67 32.89 20.75 -39.46
C GLN D 67 34.35 20.34 -39.49
N THR D 68 34.86 19.79 -38.37
CA THR D 68 36.25 19.34 -38.33
C THR D 68 36.40 17.85 -38.04
N ASP D 69 35.39 17.26 -37.41
CA ASP D 69 35.43 15.83 -37.05
C ASP D 69 34.77 15.08 -38.16
N GLN D 70 35.59 14.48 -39.00
CA GLN D 70 35.07 13.81 -40.22
C GLN D 70 34.24 12.57 -39.85
N ILE D 71 34.63 11.86 -38.78
CA ILE D 71 33.85 10.66 -38.44
C ILE D 71 32.44 11.04 -37.98
N GLN D 72 32.35 12.02 -37.08
CA GLN D 72 30.99 12.46 -36.65
C GLN D 72 30.19 13.10 -37.81
N ALA D 73 30.86 13.86 -38.72
CA ALA D 73 30.16 14.50 -39.83
C ALA D 73 29.60 13.45 -40.75
N TYR D 74 30.39 12.37 -40.96
CA TYR D 74 29.94 11.30 -41.83
C TYR D 74 28.70 10.59 -41.23
N ASN D 75 28.80 10.19 -39.97
CA ASN D 75 27.68 9.50 -39.33
C ASN D 75 26.46 10.37 -39.32
N LEU D 76 26.64 11.68 -39.08
CA LEU D 76 25.49 12.60 -39.15
C LEU D 76 24.91 12.67 -40.57
N MET D 77 25.78 12.81 -41.57
CA MET D 77 25.34 12.91 -42.96
C MET D 77 24.50 11.71 -43.40
N LEU D 78 24.84 10.51 -42.90
CA LEU D 78 24.03 9.33 -43.25
C LEU D 78 22.56 9.47 -42.81
N THR D 79 22.32 10.23 -41.70
CA THR D 79 20.98 10.35 -41.10
C THR D 79 20.14 11.42 -41.81
N GLU D 80 20.74 12.23 -42.67
CA GLU D 80 20.10 13.44 -43.18
C GLU D 80 19.35 13.18 -44.48
N GLY D 81 18.83 11.97 -44.68
CA GLY D 81 17.93 11.72 -45.80
C GLY D 81 18.73 11.33 -47.01
N LYS D 82 18.46 12.00 -48.14
CA LYS D 82 19.14 11.84 -49.42
C LYS D 82 20.68 11.77 -49.24
N LEU D 83 21.31 10.73 -49.77
CA LEU D 83 22.78 10.68 -49.88
C LEU D 83 23.30 11.66 -50.95
N PRO D 84 24.45 12.28 -50.73
CA PRO D 84 25.01 13.09 -51.80
C PRO D 84 25.42 12.19 -52.95
N ASP D 85 25.60 12.82 -54.10
CA ASP D 85 25.94 12.05 -55.29
C ASP D 85 27.23 11.24 -55.08
N ILE D 86 28.26 11.88 -54.49
CA ILE D 86 29.53 11.24 -54.18
C ILE D 86 29.74 11.22 -52.68
N VAL D 87 30.20 10.08 -52.16
CA VAL D 87 30.47 9.91 -50.74
C VAL D 87 31.95 9.55 -50.62
N SER D 88 32.75 10.43 -50.02
CA SER D 88 34.15 10.18 -49.71
C SER D 88 34.30 9.96 -48.22
N TYR D 89 35.18 9.04 -47.82
CA TYR D 89 35.36 8.84 -46.39
C TYR D 89 36.67 8.16 -46.06
N GLU D 90 37.24 8.50 -44.92
CA GLU D 90 38.57 7.99 -44.56
C GLU D 90 38.49 6.53 -44.13
N LEU D 91 37.30 6.02 -43.69
CA LEU D 91 37.19 4.63 -43.17
C LEU D 91 36.48 3.81 -44.24
N SER D 92 37.26 3.04 -45.02
CA SER D 92 36.71 2.31 -46.15
C SER D 92 35.72 1.21 -45.74
N ALA D 93 35.88 0.57 -44.58
CA ALA D 93 34.85 -0.44 -44.18
C ALA D 93 33.43 0.16 -44.14
N ASP D 94 33.28 1.42 -43.66
CA ASP D 94 31.99 2.08 -43.64
C ASP D 94 31.47 2.30 -45.06
N LEU D 95 32.37 2.57 -46.00
CA LEU D 95 31.94 2.69 -47.38
C LEU D 95 31.45 1.33 -47.93
N GLU D 96 32.18 0.24 -47.66
CA GLU D 96 31.71 -1.03 -48.14
C GLU D 96 30.39 -1.40 -47.47
N ASN D 97 30.24 -1.10 -46.20
CA ASN D 97 28.94 -1.38 -45.54
C ASN D 97 27.82 -0.63 -46.20
N LEU D 98 28.04 0.67 -46.51
CA LEU D 98 27.03 1.45 -47.21
C LEU D 98 26.72 0.81 -48.55
N GLY D 99 27.75 0.29 -49.23
CA GLY D 99 27.51 -0.33 -50.52
C GLY D 99 26.68 -1.60 -50.35
N ILE D 100 27.02 -2.41 -49.33
CA ILE D 100 26.26 -3.65 -49.08
C ILE D 100 24.80 -3.32 -48.76
N GLU D 101 24.58 -2.29 -47.96
CA GLU D 101 23.21 -1.80 -47.71
C GLU D 101 22.53 -1.23 -48.95
N GLY D 102 23.21 -1.10 -50.06
CA GLY D 102 22.62 -0.47 -51.22
C GLY D 102 22.71 1.06 -51.27
N GLY D 103 23.34 1.71 -50.29
CA GLY D 103 23.54 3.17 -50.31
C GLY D 103 24.60 3.65 -51.31
N LEU D 104 25.70 2.90 -51.47
CA LEU D 104 26.60 3.04 -52.63
C LEU D 104 26.37 1.95 -53.66
N ILE D 105 26.55 2.31 -54.93
CA ILE D 105 26.33 1.37 -56.03
C ILE D 105 27.60 0.65 -56.44
N PRO D 106 27.50 -0.59 -56.97
CA PRO D 106 28.67 -1.26 -57.55
C PRO D 106 29.21 -0.49 -58.73
N LEU D 107 30.54 -0.41 -58.80
CA LEU D 107 31.25 0.39 -59.79
C LEU D 107 31.95 -0.41 -60.84
N GLU D 108 32.06 -1.73 -60.66
CA GLU D 108 32.99 -2.46 -61.53
C GLU D 108 32.52 -2.44 -62.99
N ASP D 109 31.22 -2.49 -63.22
CA ASP D 109 30.72 -2.48 -64.61
C ASP D 109 30.79 -1.07 -65.24
N LEU D 110 30.47 -0.05 -64.48
CA LEU D 110 30.67 1.33 -64.94
C LEU D 110 32.10 1.56 -65.35
N ILE D 111 33.04 1.01 -64.55
CA ILE D 111 34.46 1.15 -64.84
C ILE D 111 34.78 0.47 -66.14
N ASN D 112 34.38 -0.80 -66.26
CA ASN D 112 34.69 -1.53 -67.51
C ASN D 112 34.18 -0.77 -68.74
N GLN D 113 33.01 -0.17 -68.66
CA GLN D 113 32.49 0.45 -69.88
C GLN D 113 32.91 1.90 -70.06
N HIS D 114 33.15 2.63 -68.99
CA HIS D 114 33.27 4.07 -69.14
C HIS D 114 34.49 4.67 -68.48
N ALA D 115 35.34 3.87 -67.87
CA ALA D 115 36.47 4.44 -67.15
C ALA D 115 37.75 3.76 -67.62
N PRO D 116 38.21 4.05 -68.85
CA PRO D 116 39.40 3.35 -69.34
C PRO D 116 40.68 3.55 -68.45
N ASN D 117 40.87 4.71 -67.79
CA ASN D 117 42.11 4.86 -67.00
C ASN D 117 42.10 3.93 -65.80
N LEU D 118 40.95 3.92 -65.09
CA LEU D 118 40.79 3.03 -63.95
C LEU D 118 40.82 1.56 -64.37
N LYS D 119 40.17 1.24 -65.50
CA LYS D 119 40.20 -0.14 -66.00
C LYS D 119 41.65 -0.59 -66.22
N LYS D 120 42.43 0.26 -66.88
CA LYS D 120 43.83 -0.08 -67.09
C LYS D 120 44.61 -0.15 -65.78
N PHE D 121 44.34 0.79 -64.88
CA PHE D 121 45.03 0.80 -63.57
C PHE D 121 44.79 -0.51 -62.84
N PHE D 122 43.55 -1.00 -62.85
CA PHE D 122 43.27 -2.25 -62.17
C PHE D 122 43.98 -3.44 -62.87
N GLU D 123 44.07 -3.44 -64.23
CA GLU D 123 44.86 -4.47 -64.92
C GLU D 123 46.34 -4.44 -64.53
N GLU D 124 46.93 -3.29 -64.40
CA GLU D 124 48.37 -3.24 -64.17
C GLU D 124 48.73 -3.34 -62.67
N ASN D 125 47.76 -3.50 -61.78
CA ASN D 125 48.01 -3.38 -60.35
C ASN D 125 47.09 -4.35 -59.60
N PRO D 126 47.42 -5.65 -59.60
CA PRO D 126 46.57 -6.64 -58.89
C PRO D 126 46.28 -6.31 -57.43
N ARG D 127 47.29 -5.95 -56.64
CA ARG D 127 47.05 -5.62 -55.24
C ARG D 127 46.02 -4.48 -55.12
N TYR D 128 46.17 -3.45 -55.93
CA TYR D 128 45.26 -2.34 -55.82
C TYR D 128 43.87 -2.74 -56.25
N LYS D 129 43.77 -3.56 -57.31
CA LYS D 129 42.42 -4.04 -57.68
C LYS D 129 41.80 -4.81 -56.52
N LYS D 130 42.58 -5.70 -55.90
CA LYS D 130 42.01 -6.45 -54.75
C LYS D 130 41.59 -5.52 -53.60
N ASP D 131 42.40 -4.49 -53.32
CA ASP D 131 42.03 -3.50 -52.34
C ASP D 131 40.65 -2.87 -52.58
N ALA D 132 40.19 -2.82 -53.85
CA ALA D 132 38.95 -2.11 -54.14
C ALA D 132 37.72 -3.03 -54.14
N VAL D 133 37.91 -4.34 -54.02
CA VAL D 133 36.81 -5.27 -54.16
C VAL D 133 36.31 -5.67 -52.77
N ALA D 134 35.04 -5.41 -52.49
CA ALA D 134 34.44 -5.78 -51.21
C ALA D 134 34.29 -7.32 -51.10
N VAL D 135 33.91 -7.78 -49.90
CA VAL D 135 33.83 -9.24 -49.76
C VAL D 135 32.75 -9.85 -50.61
N ASP D 136 31.74 -9.10 -51.03
CA ASP D 136 30.71 -9.68 -51.90
C ASP D 136 31.11 -9.65 -53.40
N GLY D 137 32.37 -9.31 -53.71
CA GLY D 137 32.80 -9.25 -55.06
C GLY D 137 32.52 -7.94 -55.79
N HIS D 138 31.78 -7.01 -55.20
CA HIS D 138 31.53 -5.69 -55.82
C HIS D 138 32.62 -4.68 -55.46
N ILE D 139 32.79 -3.68 -56.33
CA ILE D 139 33.62 -2.51 -56.02
C ILE D 139 32.67 -1.40 -55.58
N TYR D 140 32.71 -1.00 -54.29
CA TYR D 140 31.90 0.09 -53.84
C TYR D 140 32.65 1.41 -53.73
N MET D 141 33.97 1.39 -53.87
CA MET D 141 34.71 2.63 -53.73
C MET D 141 36.01 2.49 -54.45
N ILE D 142 36.56 3.63 -54.86
CA ILE D 142 37.90 3.72 -55.39
C ILE D 142 38.76 4.21 -54.24
N PRO D 143 39.74 3.44 -53.79
CA PRO D 143 40.60 3.87 -52.68
C PRO D 143 41.40 5.10 -53.06
N ASN D 144 41.91 5.77 -52.04
CA ASN D 144 42.94 6.79 -52.23
C ASN D 144 44.26 6.09 -51.98
N TYR D 145 44.98 5.70 -53.06
CA TYR D 145 46.16 4.85 -52.96
C TYR D 145 47.40 5.69 -52.68
N TYR D 146 48.22 5.23 -51.73
CA TYR D 146 49.60 5.71 -51.71
C TYR D 146 50.33 5.12 -52.93
N ASP D 147 51.52 5.64 -53.27
CA ASP D 147 52.31 5.04 -54.36
C ASP D 147 53.17 3.96 -53.71
N TYR D 148 52.48 2.93 -53.18
CA TYR D 148 53.00 2.02 -52.18
C TYR D 148 54.23 1.26 -52.64
N PHE D 149 54.24 0.83 -53.92
CA PHE D 149 55.35 0.02 -54.40
C PHE D 149 56.54 0.87 -54.82
N ASN D 150 56.42 2.18 -54.71
CA ASN D 150 57.52 3.08 -54.94
C ASN D 150 58.02 3.71 -53.64
N ILE D 151 57.14 4.11 -52.70
CA ILE D 151 57.56 4.51 -51.35
C ILE D 151 56.54 3.94 -50.37
N LYS D 152 57.03 3.06 -49.50
CA LYS D 152 56.23 2.37 -48.50
C LYS D 152 56.57 2.87 -47.10
N VAL D 153 57.80 3.38 -46.91
CA VAL D 153 58.12 3.95 -45.61
C VAL D 153 57.28 5.19 -45.37
N SER D 154 57.06 5.48 -44.11
CA SER D 154 56.27 6.66 -43.75
C SER D 154 57.05 7.47 -42.72
N GLN D 155 56.90 7.12 -41.44
CA GLN D 155 57.48 7.95 -40.39
C GLN D 155 58.86 7.44 -40.03
N GLY D 156 59.71 8.33 -39.53
CA GLY D 156 61.07 7.96 -39.23
C GLY D 156 61.49 8.70 -37.97
N TYR D 157 62.59 8.26 -37.37
CA TYR D 157 63.05 8.82 -36.12
C TYR D 157 64.06 9.94 -36.46
N PHE D 158 63.91 11.09 -35.79
CA PHE D 158 64.75 12.26 -36.06
C PHE D 158 65.31 12.78 -34.75
N ILE D 159 66.53 13.31 -34.81
CA ILE D 159 67.11 13.90 -33.61
C ILE D 159 67.93 15.11 -34.02
N ARG D 160 68.09 16.04 -33.08
CA ARG D 160 68.88 17.27 -33.29
C ARG D 160 70.37 16.93 -33.23
N GLN D 161 70.91 16.68 -34.40
CA GLN D 161 72.32 16.42 -34.53
C GLN D 161 73.15 17.61 -34.10
N ASP D 162 72.68 18.83 -34.36
CA ASP D 162 73.40 19.99 -33.83
C ASP D 162 73.40 20.05 -32.28
N TRP D 163 72.34 19.58 -31.63
CA TRP D 163 72.40 19.48 -30.17
C TRP D 163 73.30 18.34 -29.71
N LEU D 164 73.28 17.22 -30.41
CA LEU D 164 74.23 16.15 -30.12
C LEU D 164 75.68 16.71 -30.14
N GLU D 165 76.00 17.44 -31.19
CA GLU D 165 77.35 17.96 -31.36
C GLU D 165 77.67 19.00 -30.29
N LYS D 166 76.70 19.91 -30.00
CA LYS D 166 76.90 20.91 -28.95
C LYS D 166 77.20 20.26 -27.63
N LEU D 167 76.55 19.15 -27.33
CA LEU D 167 76.75 18.49 -26.05
C LEU D 167 77.82 17.41 -26.11
N GLY D 168 78.53 17.29 -27.23
CA GLY D 168 79.49 16.20 -27.38
C GLY D 168 78.98 14.79 -27.12
N LEU D 169 77.73 14.50 -27.53
CA LEU D 169 77.05 13.21 -27.33
C LEU D 169 77.09 12.34 -28.60
N LYS D 170 77.27 11.03 -28.44
CA LYS D 170 77.17 10.16 -29.62
C LYS D 170 75.70 10.03 -30.05
N GLU D 171 75.48 9.74 -31.32
CA GLU D 171 74.12 9.44 -31.76
C GLU D 171 73.57 8.23 -31.00
N PRO D 172 72.42 8.34 -30.30
CA PRO D 172 71.90 7.18 -29.54
C PRO D 172 71.38 6.12 -30.50
N ARG D 173 71.62 4.86 -30.12
CA ARG D 173 71.30 3.74 -30.98
C ARG D 173 70.42 2.73 -30.31
N THR D 174 70.38 2.74 -28.98
CA THR D 174 69.43 1.91 -28.25
C THR D 174 68.45 2.82 -27.53
N VAL D 175 67.34 2.25 -27.08
CA VAL D 175 66.38 3.05 -26.30
C VAL D 175 67.02 3.60 -25.01
N ASP D 176 67.86 2.78 -24.34
CA ASP D 176 68.56 3.27 -23.14
C ASP D 176 69.47 4.45 -23.47
N GLU D 177 70.17 4.38 -24.61
CA GLU D 177 70.99 5.52 -25.01
C GLU D 177 70.12 6.72 -25.34
N LEU D 178 68.94 6.49 -25.95
CA LEU D 178 68.04 7.61 -26.21
C LEU D 178 67.64 8.26 -24.90
N TYR D 179 67.31 7.45 -23.90
CA TYR D 179 66.95 7.99 -22.59
C TYR D 179 68.05 8.93 -22.09
N THR D 180 69.30 8.46 -22.12
CA THR D 180 70.43 9.31 -21.67
C THR D 180 70.50 10.61 -22.49
N THR D 181 70.33 10.52 -23.81
CA THR D 181 70.39 11.70 -24.67
C THR D 181 69.25 12.67 -24.34
N LEU D 182 68.04 12.13 -24.21
CA LEU D 182 66.91 13.03 -23.98
C LEU D 182 67.06 13.74 -22.64
N LYS D 183 67.55 13.00 -21.62
CA LYS D 183 67.82 13.64 -20.33
C LYS D 183 68.86 14.77 -20.48
N ALA D 184 69.94 14.51 -21.23
CA ALA D 184 70.91 15.54 -21.57
C ALA D 184 70.24 16.72 -22.27
N PHE D 185 69.33 16.44 -23.23
CA PHE D 185 68.61 17.55 -23.86
C PHE D 185 67.78 18.35 -22.84
N ARG D 186 67.19 17.69 -21.86
CA ARG D 186 66.34 18.42 -20.95
C ARG D 186 67.19 19.24 -19.99
N GLU D 187 68.29 18.67 -19.52
CA GLU D 187 69.02 19.25 -18.39
C GLU D 187 70.10 20.24 -18.84
N LYS D 188 70.63 20.08 -20.06
CA LYS D 188 71.87 20.77 -20.39
C LYS D 188 71.70 21.92 -21.39
N ASP D 189 70.50 22.48 -21.51
CA ASP D 189 70.27 23.72 -22.27
C ASP D 189 70.89 23.76 -23.68
N PRO D 190 70.64 22.74 -24.49
CA PRO D 190 71.26 22.77 -25.83
C PRO D 190 70.82 23.93 -26.68
N ASN D 191 69.69 24.61 -26.42
CA ASN D 191 69.40 25.76 -27.25
C ASN D 191 70.10 27.04 -26.75
N GLY D 192 70.93 26.92 -25.72
CA GLY D 192 71.83 27.97 -25.27
C GLY D 192 71.19 29.25 -24.79
N ASN D 193 69.99 29.21 -24.21
CA ASN D 193 69.37 30.46 -23.78
C ASN D 193 69.33 30.58 -22.26
N GLY D 194 70.02 29.67 -21.55
CA GLY D 194 70.05 29.61 -20.10
C GLY D 194 68.75 29.26 -19.38
N LYS D 195 67.70 28.79 -20.08
CA LYS D 195 66.52 28.30 -19.38
C LYS D 195 66.24 26.85 -19.70
N LYS D 196 65.53 26.22 -18.78
CA LYS D 196 65.22 24.80 -18.89
C LYS D 196 63.88 24.67 -19.62
N ASP D 197 63.93 25.01 -20.90
CA ASP D 197 62.72 25.06 -21.72
C ASP D 197 62.68 23.97 -22.79
N GLU D 198 63.76 23.20 -22.94
CA GLU D 198 63.84 22.16 -23.97
C GLU D 198 62.74 21.09 -23.76
N VAL D 199 62.18 20.64 -24.87
CA VAL D 199 61.17 19.59 -25.00
C VAL D 199 61.87 18.48 -25.77
N PRO D 200 62.48 17.49 -25.11
CA PRO D 200 63.39 16.60 -25.83
C PRO D 200 62.67 15.74 -26.84
N PHE D 201 61.48 15.22 -26.52
CA PHE D 201 60.78 14.34 -27.46
C PHE D 201 59.37 14.83 -27.63
N PHE D 202 58.90 14.88 -28.89
CA PHE D 202 57.57 15.40 -29.13
C PHE D 202 56.97 14.64 -30.33
N VAL D 203 55.69 14.78 -30.51
CA VAL D 203 55.03 14.12 -31.64
C VAL D 203 54.10 15.12 -32.30
N ARG D 204 53.47 14.67 -33.41
CA ARG D 204 52.51 15.46 -34.16
C ARG D 204 51.27 14.61 -34.44
N ALA D 205 50.12 15.03 -33.94
CA ALA D 205 48.94 14.19 -33.91
C ALA D 205 47.70 15.03 -33.65
N ASN D 206 46.56 14.59 -34.24
CA ASN D 206 45.30 15.27 -33.94
C ASN D 206 44.29 14.37 -33.21
N ASN D 207 44.71 13.22 -32.67
CA ASN D 207 43.89 12.39 -31.75
C ASN D 207 44.84 11.52 -30.94
N VAL D 208 44.35 11.01 -29.81
CA VAL D 208 45.15 10.27 -28.85
C VAL D 208 45.73 9.00 -29.47
N ARG D 209 44.98 8.33 -30.39
CA ARG D 209 45.56 7.15 -31.03
C ARG D 209 46.86 7.50 -31.73
N LYS D 210 46.87 8.65 -32.41
CA LYS D 210 48.05 9.05 -33.15
C LYS D 210 49.18 9.52 -32.20
N VAL D 211 48.84 10.09 -31.03
CA VAL D 211 49.88 10.32 -30.01
C VAL D 211 50.55 9.00 -29.64
N LEU D 212 49.73 7.99 -29.31
CA LEU D 212 50.30 6.72 -28.86
C LEU D 212 51.13 6.10 -29.96
N THR D 213 50.63 6.20 -31.21
CA THR D 213 51.37 5.70 -32.39
C THR D 213 52.81 6.20 -32.44
N SER D 214 53.04 7.48 -32.20
CA SER D 214 54.40 8.00 -32.31
C SER D 214 55.17 7.94 -31.00
N LEU D 215 54.56 7.41 -29.95
CA LEU D 215 55.26 7.18 -28.71
C LEU D 215 55.60 5.71 -28.51
N VAL D 216 54.66 4.81 -28.73
CA VAL D 216 54.91 3.43 -28.26
C VAL D 216 55.76 2.66 -29.28
N ASP D 217 55.92 3.17 -30.48
CA ASP D 217 56.73 2.44 -31.46
C ASP D 217 58.21 2.44 -31.07
N LEU D 218 58.67 3.49 -30.37
CA LEU D 218 59.99 3.50 -29.76
C LEU D 218 60.26 2.19 -29.04
N PHE D 219 59.27 1.71 -28.32
CA PHE D 219 59.44 0.52 -27.51
C PHE D 219 58.91 -0.73 -28.21
N LYS D 220 58.76 -0.70 -29.55
CA LYS D 220 58.40 -1.90 -30.34
C LYS D 220 57.00 -2.39 -29.97
N ALA D 221 56.13 -1.50 -29.59
CA ALA D 221 54.76 -1.83 -29.25
C ALA D 221 53.87 -1.17 -30.31
N SER D 222 52.55 -1.40 -30.19
CA SER D 222 51.63 -0.83 -31.15
C SER D 222 50.31 -0.51 -30.44
N PRO D 223 49.62 0.57 -30.79
CA PRO D 223 48.28 0.80 -30.26
C PRO D 223 47.17 0.24 -31.13
N ILE D 224 47.47 -0.42 -32.25
CA ILE D 224 46.46 -0.95 -33.16
C ILE D 224 46.61 -2.44 -33.39
N TRP D 225 45.86 -2.98 -34.34
CA TRP D 225 46.03 -4.36 -34.73
C TRP D 225 47.24 -4.49 -35.65
N TYR D 226 47.96 -5.62 -35.54
CA TYR D 226 49.16 -5.81 -36.37
C TYR D 226 49.34 -7.31 -36.63
N GLU D 227 50.19 -7.60 -37.59
CA GLU D 227 50.49 -8.97 -38.00
C GLU D 227 51.71 -9.55 -37.30
N GLU D 228 51.56 -10.77 -36.84
CA GLU D 228 52.69 -11.53 -36.32
C GLU D 228 52.58 -12.87 -37.05
N ASN D 229 53.40 -13.05 -38.07
CA ASN D 229 53.60 -14.38 -38.66
C ASN D 229 52.32 -14.97 -39.21
N GLY D 230 51.54 -14.17 -39.96
CA GLY D 230 50.31 -14.65 -40.54
C GLY D 230 49.10 -14.50 -39.65
N MET D 231 49.31 -14.16 -38.37
CA MET D 231 48.24 -14.03 -37.37
C MET D 231 48.06 -12.56 -37.03
N VAL D 232 46.81 -12.13 -36.78
CA VAL D 232 46.56 -10.73 -36.43
C VAL D 232 46.38 -10.70 -34.92
N LYS D 233 47.05 -9.75 -34.26
CA LYS D 233 47.04 -9.54 -32.80
C LYS D 233 46.68 -8.08 -32.46
N TYR D 234 46.26 -7.87 -31.22
CA TYR D 234 45.83 -6.53 -30.79
C TYR D 234 46.97 -5.90 -29.98
N GLY D 235 47.64 -4.87 -30.52
CA GLY D 235 48.83 -4.33 -29.89
C GLY D 235 48.64 -3.94 -28.43
N PRO D 236 47.54 -3.25 -28.06
CA PRO D 236 47.42 -2.82 -26.63
C PRO D 236 47.29 -3.95 -25.62
N ALA D 237 47.06 -5.17 -26.05
CA ALA D 237 47.02 -6.28 -25.11
C ALA D 237 48.36 -6.99 -24.95
N GLN D 238 49.44 -6.52 -25.59
CA GLN D 238 50.74 -7.24 -25.61
C GLN D 238 51.67 -6.73 -24.51
N LYS D 239 52.51 -7.62 -23.97
CA LYS D 239 53.53 -7.21 -22.97
C LYS D 239 54.38 -6.00 -23.43
N GLU D 240 54.68 -5.87 -24.72
CA GLU D 240 55.49 -4.73 -25.17
C GLU D 240 54.81 -3.40 -24.88
N PHE D 241 53.50 -3.38 -24.99
CA PHE D 241 52.73 -2.16 -24.72
C PHE D 241 52.81 -1.82 -23.24
N LYS D 242 52.69 -2.83 -22.36
CA LYS D 242 52.84 -2.55 -20.92
C LYS D 242 54.20 -1.91 -20.65
N HIS D 243 55.26 -2.49 -21.24
CA HIS D 243 56.58 -1.94 -21.02
C HIS D 243 56.67 -0.53 -21.62
N ALA D 244 56.08 -0.32 -22.80
CA ALA D 244 56.12 1.01 -23.45
C ALA D 244 55.47 2.07 -22.57
N ILE D 245 54.29 1.76 -22.00
CA ILE D 245 53.60 2.74 -21.16
C ILE D 245 54.40 2.98 -19.88
N LYS D 246 54.90 1.93 -19.25
CA LYS D 246 55.71 2.13 -18.04
C LYS D 246 56.88 3.09 -18.31
N GLU D 247 57.63 2.85 -19.40
CA GLU D 247 58.78 3.73 -19.69
C GLU D 247 58.33 5.15 -20.02
N LEU D 248 57.26 5.31 -20.84
CA LEU D 248 56.80 6.64 -21.20
C LEU D 248 56.33 7.41 -19.95
N SER D 249 55.70 6.71 -19.01
CA SER D 249 55.34 7.34 -17.74
C SER D 249 56.55 7.96 -17.05
N LYS D 250 57.61 7.17 -16.92
CA LYS D 250 58.86 7.67 -16.37
C LYS D 250 59.41 8.84 -17.17
N TRP D 251 59.52 8.68 -18.50
CA TRP D 251 60.09 9.77 -19.31
C TRP D 251 59.25 11.03 -19.22
N TYR D 252 57.93 10.89 -19.17
CA TYR D 252 57.04 12.02 -19.00
C TYR D 252 57.27 12.69 -17.64
N LYS D 253 57.34 11.89 -16.57
CA LYS D 253 57.55 12.45 -15.22
C LYS D 253 58.81 13.32 -15.18
N GLU D 254 59.87 12.89 -15.88
CA GLU D 254 61.15 13.56 -15.94
C GLU D 254 61.27 14.65 -16.99
N GLY D 255 60.18 15.00 -17.68
CA GLY D 255 60.18 16.07 -18.64
C GLY D 255 60.86 15.73 -19.95
N LEU D 256 61.11 14.46 -20.20
CA LEU D 256 61.75 14.06 -21.46
C LEU D 256 60.75 14.04 -22.64
N ILE D 257 59.47 13.79 -22.34
CA ILE D 257 58.39 13.86 -23.31
C ILE D 257 57.62 15.16 -23.08
N ASP D 258 57.32 15.88 -24.15
CA ASP D 258 56.49 17.07 -24.11
C ASP D 258 55.35 17.00 -23.08
N GLU D 259 55.36 17.94 -22.10
CA GLU D 259 54.28 17.98 -21.10
C GLU D 259 52.89 17.96 -21.74
N GLU D 260 52.72 18.69 -22.85
CA GLU D 260 51.42 18.91 -23.51
C GLU D 260 51.17 17.92 -24.64
N ILE D 261 51.80 16.76 -24.58
CA ILE D 261 51.77 15.84 -25.71
C ILE D 261 50.32 15.49 -26.11
N PHE D 262 49.42 15.31 -25.15
CA PHE D 262 48.08 14.90 -25.49
C PHE D 262 47.19 16.07 -25.88
N THR D 263 47.65 17.30 -25.72
CA THR D 263 46.78 18.45 -25.95
C THR D 263 47.14 19.32 -27.15
N ARG D 264 48.28 19.12 -27.83
CA ARG D 264 48.68 20.07 -28.91
C ARG D 264 47.82 20.07 -30.19
N GLY D 265 47.78 19.06 -30.98
CA GLY D 265 47.28 19.34 -32.32
C GLY D 265 48.42 19.32 -33.36
N LEU D 266 48.06 19.35 -34.65
CA LEU D 266 49.06 19.15 -35.70
C LEU D 266 50.11 20.27 -35.79
N GLU D 267 49.89 21.41 -35.10
CA GLU D 267 50.85 22.55 -35.15
C GLU D 267 52.04 22.31 -34.22
N SER D 268 52.05 21.18 -33.52
CA SER D 268 53.10 20.92 -32.52
C SER D 268 54.49 20.97 -33.14
N ARG D 269 54.65 20.33 -34.30
CA ARG D 269 55.97 20.20 -34.89
C ARG D 269 56.51 21.55 -35.31
N ASP D 270 55.66 22.34 -35.99
CA ASP D 270 56.01 23.72 -36.37
C ASP D 270 56.44 24.53 -35.17
N TYR D 271 55.63 24.46 -34.11
CA TYR D 271 55.82 25.27 -32.92
C TYR D 271 57.10 24.90 -32.20
N LEU D 272 57.31 23.58 -31.96
CA LEU D 272 58.45 23.17 -31.16
C LEU D 272 59.74 23.33 -31.91
N LEU D 273 59.71 23.17 -33.23
CA LEU D 273 60.94 23.29 -34.00
C LEU D 273 61.25 24.75 -34.26
N SER D 274 60.26 25.53 -34.71
CA SER D 274 60.57 26.91 -35.07
C SER D 274 61.02 27.72 -33.83
N ASN D 275 60.52 27.42 -32.64
CA ASN D 275 60.98 28.05 -31.41
C ASN D 275 62.18 27.38 -30.78
N ASN D 276 62.86 26.48 -31.50
CA ASN D 276 64.09 25.84 -31.05
C ASN D 276 63.91 25.12 -29.72
N LEU D 277 62.73 24.53 -29.49
CA LEU D 277 62.47 23.73 -28.28
C LEU D 277 62.59 22.22 -28.46
N GLY D 278 62.21 21.65 -29.61
CA GLY D 278 62.10 20.22 -29.76
C GLY D 278 63.42 19.56 -30.11
N GLY D 279 63.74 18.46 -29.39
CA GLY D 279 65.00 17.77 -29.63
C GLY D 279 64.88 16.50 -30.49
N ALA D 280 63.71 15.91 -30.58
CA ALA D 280 63.60 14.60 -31.25
C ALA D 280 62.14 14.28 -31.43
N THR D 281 61.85 13.51 -32.49
CA THR D 281 60.48 13.16 -32.80
C THR D 281 60.47 11.87 -33.62
N ASP D 282 59.24 11.47 -33.99
CA ASP D 282 58.99 10.28 -34.81
C ASP D 282 57.90 10.79 -35.75
N ASP D 283 58.20 10.94 -37.04
CA ASP D 283 57.23 11.64 -37.90
C ASP D 283 57.62 11.40 -39.37
N TRP D 284 56.69 11.77 -40.26
CA TRP D 284 56.86 11.45 -41.67
C TRP D 284 58.18 12.02 -42.22
N ILE D 285 58.90 11.19 -43.02
CA ILE D 285 60.30 11.51 -43.35
C ILE D 285 60.42 12.79 -44.18
N ALA D 286 59.63 12.93 -45.25
CA ALA D 286 59.88 14.09 -46.13
C ALA D 286 59.47 15.43 -45.47
N SER D 287 58.25 15.56 -44.94
CA SER D 287 57.90 16.80 -44.27
C SER D 287 58.85 17.09 -43.10
N THR D 288 59.27 16.07 -42.33
CA THR D 288 60.10 16.38 -41.16
C THR D 288 61.49 16.82 -41.62
N SER D 289 61.98 16.26 -42.69
CA SER D 289 63.26 16.67 -43.25
C SER D 289 63.24 18.06 -43.87
N SER D 290 62.07 18.63 -44.15
CA SER D 290 62.00 19.95 -44.78
C SER D 290 62.41 21.08 -43.82
N TYR D 291 62.51 20.80 -42.51
CA TYR D 291 62.78 21.88 -41.58
C TYR D 291 64.23 22.34 -41.59
N ASN D 292 65.18 21.51 -41.99
CA ASN D 292 66.55 22.00 -42.02
C ASN D 292 66.65 23.22 -42.94
N ARG D 293 66.06 23.14 -44.14
CA ARG D 293 66.21 24.25 -45.07
C ARG D 293 65.33 25.38 -44.61
N ASN D 294 64.15 25.02 -44.16
CA ASN D 294 63.16 25.95 -43.67
C ASN D 294 63.65 26.79 -42.49
N LEU D 295 64.44 26.20 -41.56
CA LEU D 295 64.85 26.93 -40.35
C LEU D 295 66.32 27.35 -40.40
N ALA D 296 66.99 27.24 -41.55
CA ALA D 296 68.44 27.37 -41.53
C ALA D 296 68.88 28.78 -41.12
N ASP D 297 68.06 29.79 -41.42
CA ASP D 297 68.37 31.16 -41.06
C ASP D 297 67.86 31.50 -39.67
N LYS D 298 66.64 31.10 -39.34
CA LYS D 298 66.09 31.34 -38.01
C LYS D 298 66.90 30.63 -36.90
N ILE D 299 67.49 29.46 -37.15
CA ILE D 299 68.26 28.71 -36.14
C ILE D 299 69.56 28.20 -36.74
N PRO D 300 70.64 29.00 -36.69
CA PRO D 300 71.88 28.60 -37.34
C PRO D 300 72.35 27.26 -36.84
N GLY D 301 72.73 26.40 -37.80
CA GLY D 301 73.18 25.03 -37.57
C GLY D 301 72.05 24.02 -37.29
N PHE D 302 70.79 24.46 -37.23
CA PHE D 302 69.67 23.50 -37.09
C PHE D 302 69.89 22.30 -37.98
N ASN D 303 69.96 21.11 -37.36
CA ASN D 303 70.17 19.86 -38.09
C ASN D 303 69.30 18.79 -37.44
N LEU D 304 68.08 18.61 -37.97
CA LEU D 304 67.15 17.58 -37.49
C LEU D 304 67.34 16.41 -38.44
N LYS D 305 67.92 15.32 -37.94
CA LYS D 305 68.55 14.29 -38.77
C LYS D 305 67.85 12.95 -38.55
N LEU D 306 67.59 12.26 -39.65
CA LEU D 306 67.02 10.91 -39.63
C LEU D 306 67.98 9.90 -39.02
N VAL D 307 67.50 9.09 -38.11
CA VAL D 307 68.28 7.97 -37.59
C VAL D 307 67.45 6.71 -37.80
N LEU D 308 68.13 5.54 -37.82
CA LEU D 308 67.42 4.24 -37.88
C LEU D 308 66.65 4.05 -36.57
N PRO D 309 65.59 3.23 -36.56
CA PRO D 309 64.85 3.03 -35.30
C PRO D 309 65.80 2.61 -34.21
N TYR D 310 65.54 3.09 -33.00
CA TYR D 310 66.40 2.73 -31.86
C TYR D 310 66.23 1.26 -31.48
N GLU D 311 67.32 0.65 -31.11
CA GLU D 311 67.23 -0.77 -30.84
C GLU D 311 66.76 -1.06 -29.40
N LEU D 312 65.90 -2.06 -29.23
CA LEU D 312 65.48 -2.46 -27.90
C LEU D 312 65.56 -3.97 -27.82
N ASN D 313 66.44 -4.47 -26.93
CA ASN D 313 66.72 -5.91 -26.79
C ASN D 313 66.82 -6.65 -28.15
N GLY D 314 67.67 -6.12 -29.02
CA GLY D 314 67.98 -6.76 -30.28
C GLY D 314 66.99 -6.48 -31.39
N ASN D 315 65.89 -5.80 -31.09
CA ASN D 315 64.89 -5.49 -32.11
C ASN D 315 65.16 -4.10 -32.70
N ALA D 316 65.49 -4.03 -33.97
CA ALA D 316 65.77 -2.74 -34.60
C ALA D 316 64.63 -2.28 -35.51
N LYS D 317 63.43 -2.85 -35.39
CA LYS D 317 62.36 -2.63 -36.35
C LYS D 317 61.43 -1.49 -35.97
N THR D 318 60.78 -0.89 -36.97
CA THR D 318 59.66 0.02 -36.74
C THR D 318 58.44 -0.50 -37.46
N ARG D 319 57.24 -0.29 -36.87
CA ARG D 319 56.01 -0.62 -37.58
C ARG D 319 55.42 0.60 -38.32
N HIS D 320 56.16 1.69 -38.39
CA HIS D 320 55.72 2.83 -39.19
C HIS D 320 55.82 2.50 -40.67
N ALA D 321 54.69 2.39 -41.35
CA ALA D 321 54.72 2.10 -42.77
C ALA D 321 53.41 2.59 -43.37
N ARG D 322 53.41 2.91 -44.66
CA ARG D 322 52.15 3.27 -45.28
C ARG D 322 51.30 2.02 -45.45
N THR D 323 49.98 2.21 -45.43
CA THR D 323 49.08 1.21 -45.97
C THR D 323 49.05 1.36 -47.48
N THR D 324 48.41 0.41 -48.19
CA THR D 324 48.38 0.61 -49.63
C THR D 324 47.46 1.75 -50.00
N TYR D 325 46.43 2.03 -49.15
CA TYR D 325 45.56 3.15 -49.40
C TYR D 325 44.98 3.64 -48.07
N LEU D 326 44.34 4.81 -48.13
CA LEU D 326 43.71 5.43 -46.95
C LEU D 326 42.35 5.95 -47.38
N GLY D 327 41.26 5.28 -46.97
CA GLY D 327 39.92 5.81 -47.30
C GLY D 327 39.64 5.65 -48.79
N GLY D 328 38.60 6.33 -49.29
CA GLY D 328 38.17 6.15 -50.68
C GLY D 328 36.90 6.93 -50.96
N TRP D 329 36.33 6.75 -52.16
CA TRP D 329 35.05 7.39 -52.40
C TRP D 329 34.19 6.56 -53.35
N GLY D 330 32.88 6.71 -53.22
CA GLY D 330 31.97 5.96 -54.05
C GLY D 330 30.83 6.83 -54.55
N ILE D 331 29.98 6.23 -55.39
CA ILE D 331 28.82 6.90 -55.95
C ILE D 331 27.56 6.38 -55.24
N SER D 332 26.70 7.29 -54.78
CA SER D 332 25.51 6.85 -54.07
C SER D 332 24.38 6.43 -55.01
N LYS D 333 23.41 5.69 -54.43
CA LYS D 333 22.18 5.31 -55.15
C LYS D 333 21.36 6.53 -55.54
N ASP D 334 21.58 7.62 -54.91
CA ASP D 334 20.77 8.81 -55.21
C ASP D 334 21.33 9.63 -56.39
N ALA D 335 22.54 9.31 -56.86
CA ALA D 335 23.12 10.12 -57.92
C ALA D 335 22.31 9.91 -59.18
N LYS D 336 21.88 10.99 -59.85
CA LYS D 336 21.07 10.81 -61.07
C LYS D 336 21.86 10.43 -62.30
N ASP D 337 23.16 10.78 -62.37
CA ASP D 337 24.00 10.50 -63.55
C ASP D 337 25.31 9.77 -63.16
N PRO D 338 25.19 8.52 -62.69
CA PRO D 338 26.41 7.77 -62.28
C PRO D 338 27.40 7.58 -63.39
N VAL D 339 26.97 7.54 -64.65
CA VAL D 339 27.94 7.39 -65.73
C VAL D 339 28.86 8.60 -65.78
N SER D 340 28.28 9.81 -65.66
CA SER D 340 29.12 11.01 -65.66
C SER D 340 30.01 11.07 -64.41
N LEU D 341 29.56 10.51 -63.29
CA LEU D 341 30.41 10.47 -62.10
C LEU D 341 31.55 9.43 -62.22
N ILE D 342 31.32 8.24 -62.82
CA ILE D 342 32.47 7.34 -62.95
C ILE D 342 33.45 7.96 -63.91
N LYS D 343 32.98 8.83 -64.82
CA LYS D 343 33.97 9.48 -65.71
C LYS D 343 34.79 10.55 -64.97
N TYR D 344 34.14 11.28 -64.05
CA TYR D 344 34.85 12.12 -63.10
C TYR D 344 35.86 11.31 -62.29
N PHE D 345 35.45 10.15 -61.72
CA PHE D 345 36.44 9.35 -60.97
C PHE D 345 37.61 9.01 -61.91
N ASP D 346 37.31 8.68 -63.16
CA ASP D 346 38.36 8.23 -64.08
C ASP D 346 39.30 9.38 -64.44
N TYR D 347 38.78 10.61 -64.48
CA TYR D 347 39.63 11.76 -64.82
C TYR D 347 40.88 11.80 -63.93
N TRP D 348 40.70 11.51 -62.64
CA TRP D 348 41.82 11.56 -61.72
C TRP D 348 42.87 10.49 -62.02
N TYR D 349 42.57 9.46 -62.84
CA TYR D 349 43.58 8.46 -63.20
C TYR D 349 44.17 8.69 -64.60
N SER D 350 43.67 9.67 -65.35
CA SER D 350 44.36 10.15 -66.56
C SER D 350 45.71 10.79 -66.22
N VAL D 351 46.57 10.92 -67.21
CA VAL D 351 47.89 11.52 -66.91
C VAL D 351 47.72 12.89 -66.32
N GLU D 352 46.87 13.74 -66.94
CA GLU D 352 46.74 15.13 -66.49
C GLU D 352 45.99 15.21 -65.14
N GLY D 353 44.94 14.44 -65.00
CA GLY D 353 44.22 14.45 -63.72
C GLY D 353 45.10 14.04 -62.54
N ARG D 354 45.88 12.94 -62.72
CA ARG D 354 46.67 12.44 -61.62
C ARG D 354 47.80 13.43 -61.34
N ARG D 355 48.34 14.04 -62.42
CA ARG D 355 49.34 15.10 -62.19
C ARG D 355 48.73 16.26 -61.40
N LEU D 356 47.53 16.69 -61.80
CA LEU D 356 46.85 17.80 -61.09
C LEU D 356 46.66 17.49 -59.61
N TRP D 357 46.08 16.31 -59.31
CA TRP D 357 45.81 15.95 -57.92
C TRP D 357 47.11 15.96 -57.12
N ASN D 358 48.21 15.49 -57.73
CA ASN D 358 49.45 15.32 -56.98
C ASN D 358 50.28 16.60 -56.87
N PHE D 359 50.32 17.39 -57.94
CA PHE D 359 51.28 18.48 -58.05
C PHE D 359 50.67 19.88 -57.98
N GLY D 360 49.34 20.03 -58.06
CA GLY D 360 48.86 21.39 -58.10
C GLY D 360 48.80 21.96 -59.51
N ILE D 361 49.03 23.28 -59.68
CA ILE D 361 48.64 23.98 -60.92
C ILE D 361 49.91 24.34 -61.74
N GLU D 362 49.88 24.02 -63.03
CA GLU D 362 51.00 24.33 -63.94
C GLU D 362 51.15 25.84 -64.05
N GLY D 363 52.40 26.35 -63.90
CA GLY D 363 52.71 27.77 -63.88
C GLY D 363 52.65 28.39 -62.46
N SER D 364 52.10 27.66 -61.48
CA SER D 364 52.01 28.19 -60.11
C SER D 364 52.80 27.28 -59.17
N GLU D 365 52.34 26.01 -58.96
CA GLU D 365 53.09 25.09 -58.11
C GLU D 365 54.29 24.45 -58.82
N TYR D 366 54.18 24.21 -60.13
CA TYR D 366 55.27 23.57 -60.87
C TYR D 366 55.26 24.11 -62.27
N THR D 367 56.39 23.91 -62.96
CA THR D 367 56.43 24.06 -64.41
C THR D 367 56.88 22.73 -64.98
N LEU D 368 56.56 22.50 -66.26
CA LEU D 368 56.98 21.29 -66.96
C LEU D 368 58.41 21.53 -67.47
N VAL D 369 59.31 20.69 -67.04
CA VAL D 369 60.72 20.77 -67.37
C VAL D 369 61.11 19.48 -68.01
N ASP D 370 61.53 19.53 -69.27
CA ASP D 370 61.80 18.29 -70.00
C ASP D 370 60.57 17.41 -69.91
N GLY D 371 59.41 18.04 -69.96
CA GLY D 371 58.18 17.28 -70.00
C GLY D 371 57.68 16.82 -68.65
N LYS D 372 58.39 17.13 -67.57
CA LYS D 372 58.02 16.60 -66.24
C LYS D 372 57.90 17.72 -65.23
N PRO D 373 57.03 17.57 -64.24
CA PRO D 373 56.82 18.68 -63.32
C PRO D 373 58.03 18.88 -62.44
N VAL D 374 58.39 20.15 -62.29
CA VAL D 374 59.38 20.59 -61.31
C VAL D 374 58.75 21.72 -60.48
N PHE D 375 58.79 21.60 -59.16
CA PHE D 375 58.08 22.58 -58.34
C PHE D 375 58.81 23.92 -58.41
N THR D 376 58.09 24.97 -58.12
CA THR D 376 58.62 26.33 -58.10
C THR D 376 59.03 26.70 -56.67
N ASP D 377 59.65 27.88 -56.50
CA ASP D 377 59.96 28.37 -55.17
C ASP D 377 58.71 28.58 -54.32
N LYS D 378 57.55 28.89 -54.92
CA LYS D 378 56.31 28.98 -54.12
C LYS D 378 56.08 27.72 -53.26
N VAL D 379 56.42 26.55 -53.80
CA VAL D 379 56.33 25.26 -53.07
C VAL D 379 57.60 24.95 -52.30
N LEU D 380 58.77 25.09 -52.93
CA LEU D 380 59.99 24.58 -52.33
C LEU D 380 60.62 25.55 -51.32
N LYS D 381 60.29 26.85 -51.40
CA LYS D 381 60.92 27.87 -50.53
C LYS D 381 59.82 28.82 -50.12
N ASN D 382 58.79 28.29 -49.43
CA ASN D 382 57.68 29.16 -49.11
C ASN D 382 58.14 30.24 -48.11
N PRO D 383 57.76 31.51 -48.33
CA PRO D 383 58.29 32.60 -47.50
C PRO D 383 57.71 32.73 -46.09
N ASP D 384 56.65 32.01 -45.73
CA ASP D 384 56.21 31.99 -44.35
C ASP D 384 56.71 30.74 -43.65
N GLY D 385 57.64 30.02 -44.28
CA GLY D 385 58.18 28.86 -43.64
C GLY D 385 57.30 27.64 -43.68
N LYS D 386 56.25 27.62 -44.52
CA LYS D 386 55.43 26.44 -44.71
C LYS D 386 56.27 25.34 -45.36
N THR D 387 56.02 24.08 -44.98
CA THR D 387 56.62 22.96 -45.65
C THR D 387 56.08 22.94 -47.09
N PRO D 388 56.79 22.31 -48.02
CA PRO D 388 56.23 22.17 -49.37
C PRO D 388 54.87 21.53 -49.36
N LEU D 389 54.68 20.51 -48.50
CA LEU D 389 53.41 19.80 -48.50
C LEU D 389 52.29 20.72 -48.06
N ALA D 390 52.55 21.53 -47.03
CA ALA D 390 51.50 22.43 -46.55
C ALA D 390 51.09 23.37 -47.66
N VAL D 391 52.06 23.88 -48.45
CA VAL D 391 51.72 24.72 -49.62
C VAL D 391 50.82 23.94 -50.59
N LEU D 392 51.26 22.73 -50.96
CA LEU D 392 50.46 21.94 -51.88
C LEU D 392 49.03 21.67 -51.32
N ARG D 393 48.89 21.36 -50.01
CA ARG D 393 47.53 21.16 -49.50
C ARG D 393 46.69 22.44 -49.58
N GLU D 394 47.32 23.61 -49.37
CA GLU D 394 46.61 24.91 -49.54
C GLU D 394 46.06 25.13 -50.94
N VAL D 395 46.58 24.45 -51.97
CA VAL D 395 46.01 24.67 -53.29
C VAL D 395 45.04 23.59 -53.68
N GLY D 396 44.81 22.63 -52.80
CA GLY D 396 43.92 21.54 -53.12
C GLY D 396 44.64 20.26 -53.59
N ALA D 397 45.97 20.25 -53.62
CA ALA D 397 46.71 19.06 -54.00
C ALA D 397 46.76 18.11 -52.80
N GLN D 398 46.96 16.83 -53.09
CA GLN D 398 47.05 15.75 -52.09
C GLN D 398 45.77 15.61 -51.23
N TYR D 399 44.65 16.08 -51.73
CA TYR D 399 43.40 16.10 -50.93
C TYR D 399 42.76 14.72 -51.08
N ARG D 400 42.73 13.95 -49.98
CA ARG D 400 42.34 12.54 -50.02
C ARG D 400 40.88 12.37 -50.54
N LEU D 401 40.72 11.63 -51.65
CA LEU D 401 39.47 11.24 -52.36
C LEU D 401 39.55 9.94 -53.24
N GLY D 402 40.12 8.85 -52.98
CA GLY D 402 40.02 8.03 -54.26
C GLY D 402 41.03 8.20 -55.44
N ALA D 403 42.13 8.93 -55.26
CA ALA D 403 43.14 9.19 -56.30
C ALA D 403 44.35 8.28 -56.04
N PHE D 404 45.36 8.36 -56.93
CA PHE D 404 46.56 7.51 -56.91
C PHE D 404 47.73 8.45 -56.76
N GLN D 405 48.29 8.46 -55.56
CA GLN D 405 49.43 9.32 -55.26
C GLN D 405 50.59 8.90 -56.19
N ASP D 406 51.37 9.89 -56.62
CA ASP D 406 52.55 9.71 -57.48
C ASP D 406 53.80 10.06 -56.65
N ALA D 407 54.61 9.03 -56.36
CA ALA D 407 55.83 9.22 -55.57
C ALA D 407 56.76 10.25 -56.25
N GLN D 408 56.63 10.47 -57.56
CA GLN D 408 57.39 11.56 -58.20
C GLN D 408 57.00 12.92 -57.60
N TYR D 409 55.76 13.07 -57.10
CA TYR D 409 55.42 14.35 -56.45
C TYR D 409 56.22 14.47 -55.15
N GLU D 410 56.30 13.39 -54.36
CA GLU D 410 57.00 13.46 -53.10
C GLU D 410 58.49 13.61 -53.31
N LEU D 411 59.03 12.84 -54.25
CA LEU D 411 60.42 13.07 -54.62
C LEU D 411 60.66 14.51 -55.14
N GLY D 412 59.65 15.15 -55.75
CA GLY D 412 59.80 16.51 -56.29
C GLY D 412 60.12 17.54 -55.22
N TRP D 413 59.58 17.37 -54.00
CA TRP D 413 59.89 18.35 -52.95
C TRP D 413 60.77 17.81 -51.83
N ALA D 414 60.96 16.50 -51.74
CA ALA D 414 61.72 15.97 -50.62
C ALA D 414 63.17 16.44 -50.72
N SER D 415 63.76 16.81 -49.60
CA SER D 415 65.18 17.16 -49.61
C SER D 415 66.07 15.94 -49.98
N GLU D 416 67.34 16.24 -50.34
CA GLU D 416 68.29 15.17 -50.64
C GLU D 416 68.44 14.22 -49.44
N SER D 417 68.40 14.74 -48.21
CA SER D 417 68.58 13.83 -47.12
C SER D 417 67.30 13.01 -46.88
N ALA D 418 66.13 13.52 -47.28
CA ALA D 418 64.91 12.72 -47.19
C ALA D 418 64.95 11.59 -48.22
N LYS D 419 65.38 11.90 -49.46
CA LYS D 419 65.49 10.86 -50.49
C LYS D 419 66.47 9.77 -50.09
N ALA D 420 67.68 10.16 -49.60
CA ALA D 420 68.59 9.17 -49.05
C ALA D 420 67.98 8.43 -47.87
N GLY D 421 67.15 9.08 -47.08
CA GLY D 421 66.63 8.37 -45.93
C GLY D 421 65.58 7.32 -46.26
N TYR D 422 64.75 7.52 -47.31
CA TYR D 422 63.93 6.38 -47.75
C TYR D 422 64.83 5.18 -48.01
N LYS D 423 65.92 5.42 -48.72
CA LYS D 423 66.81 4.33 -49.07
C LYS D 423 67.50 3.77 -47.83
N TYR D 424 67.86 4.63 -46.88
CA TYR D 424 68.49 4.17 -45.66
C TYR D 424 67.56 3.21 -44.89
N TYR D 425 66.26 3.56 -44.80
CA TYR D 425 65.32 2.67 -44.12
C TYR D 425 65.07 1.38 -44.92
N MET D 426 64.91 1.48 -46.26
CA MET D 426 64.68 0.30 -47.05
C MET D 426 65.90 -0.62 -47.00
N ASP D 427 67.11 -0.04 -47.20
CA ASP D 427 68.32 -0.89 -47.30
C ASP D 427 68.63 -1.57 -45.99
N ASN D 428 68.35 -0.91 -44.87
CA ASN D 428 68.63 -1.56 -43.60
C ASN D 428 67.49 -2.46 -43.11
N ASP D 429 66.45 -2.62 -43.92
CA ASP D 429 65.36 -3.54 -43.64
C ASP D 429 64.74 -3.30 -42.26
N VAL D 430 64.53 -2.02 -41.90
CA VAL D 430 64.05 -1.79 -40.53
C VAL D 430 62.53 -1.67 -40.45
N VAL D 431 61.82 -1.59 -41.58
CA VAL D 431 60.38 -1.34 -41.55
C VAL D 431 59.61 -2.64 -41.70
N LEU D 432 58.66 -2.84 -40.81
CA LEU D 432 57.69 -3.93 -40.93
C LEU D 432 56.46 -3.45 -41.70
N ASP D 433 56.03 -4.21 -42.72
CA ASP D 433 54.85 -3.87 -43.50
C ASP D 433 53.61 -3.77 -42.61
N GLU D 434 52.80 -2.78 -42.92
CA GLU D 434 51.50 -2.64 -42.35
C GLU D 434 50.61 -3.77 -42.79
N LEU D 435 49.57 -3.97 -41.98
CA LEU D 435 48.49 -4.87 -42.37
C LEU D 435 47.84 -4.38 -43.64
N PRO D 436 47.42 -5.26 -44.56
CA PRO D 436 46.41 -4.83 -45.52
C PRO D 436 45.20 -4.29 -44.75
N ILE D 437 44.49 -3.43 -45.45
CA ILE D 437 43.24 -2.92 -44.93
C ILE D 437 42.28 -4.10 -45.00
N LEU D 438 41.79 -4.52 -43.84
CA LEU D 438 40.98 -5.72 -43.75
C LEU D 438 39.53 -5.40 -44.17
N LYS D 439 38.88 -6.37 -44.81
CA LYS D 439 37.50 -6.20 -45.27
C LYS D 439 36.61 -7.23 -44.59
N TYR D 440 35.32 -6.88 -44.53
CA TYR D 440 34.34 -7.64 -43.76
C TYR D 440 33.03 -7.72 -44.52
N THR D 441 32.24 -8.78 -44.26
CA THR D 441 30.78 -8.64 -44.44
C THR D 441 30.23 -7.49 -43.58
N LYS D 442 29.03 -7.02 -43.95
CA LYS D 442 28.42 -5.94 -43.15
C LYS D 442 28.17 -6.38 -41.70
N GLU D 443 27.76 -7.66 -41.51
CA GLU D 443 27.45 -8.19 -40.16
C GLU D 443 28.70 -8.36 -39.31
N LYS D 444 29.79 -8.89 -39.91
CA LYS D 444 31.03 -9.05 -39.17
C LYS D 444 31.62 -7.70 -38.86
N SER D 445 31.46 -6.72 -39.78
CA SER D 445 31.90 -5.37 -39.50
C SER D 445 31.20 -4.82 -38.27
N LYS D 446 29.88 -4.98 -38.22
CA LYS D 446 29.14 -4.43 -37.08
C LYS D 446 29.62 -5.05 -35.78
N GLU D 447 29.84 -6.37 -35.79
CA GLU D 447 30.38 -7.02 -34.61
C GLU D 447 31.75 -6.46 -34.26
N PHE D 448 32.65 -6.43 -35.24
CA PHE D 448 34.01 -5.98 -34.97
C PHE D 448 34.04 -4.55 -34.43
N VAL D 449 33.31 -3.63 -35.08
CA VAL D 449 33.37 -2.22 -34.65
C VAL D 449 32.86 -2.07 -33.24
N SER D 450 31.82 -2.81 -32.92
CA SER D 450 31.26 -2.69 -31.58
C SER D 450 32.26 -3.15 -30.52
N ILE D 451 33.21 -4.02 -30.86
CA ILE D 451 34.27 -4.36 -29.91
C ILE D 451 35.41 -3.37 -30.00
N ASP D 452 35.84 -3.16 -31.21
CA ASP D 452 37.08 -2.42 -31.47
C ASP D 452 37.00 -0.98 -30.96
N THR D 453 35.86 -0.35 -31.18
CA THR D 453 35.74 1.02 -30.76
C THR D 453 35.67 1.10 -29.25
N ALA D 454 35.01 0.12 -28.61
CA ALA D 454 34.96 0.10 -27.16
C ALA D 454 36.35 -0.14 -26.56
N MET D 455 37.13 -1.06 -27.15
CA MET D 455 38.48 -1.33 -26.65
C MET D 455 39.33 -0.10 -26.83
N ARG D 456 39.16 0.57 -27.97
CA ARG D 456 39.92 1.78 -28.23
C ARG D 456 39.75 2.80 -27.11
N ALA D 457 38.50 3.00 -26.67
CA ALA D 457 38.25 3.97 -25.60
C ALA D 457 38.96 3.60 -24.30
N VAL D 458 38.96 2.31 -23.96
CA VAL D 458 39.65 1.88 -22.74
C VAL D 458 41.15 2.07 -22.87
N VAL D 459 41.71 1.66 -24.01
CA VAL D 459 43.15 1.84 -24.18
C VAL D 459 43.54 3.29 -24.02
N GLU D 460 42.84 4.17 -24.75
CA GLU D 460 43.21 5.57 -24.73
C GLU D 460 42.99 6.19 -23.34
N GLU D 461 41.92 5.84 -22.65
CA GLU D 461 41.70 6.30 -21.27
C GLU D 461 42.83 5.86 -20.34
N LYS D 462 43.13 4.55 -20.31
CA LYS D 462 44.21 4.02 -19.42
C LYS D 462 45.61 4.47 -19.82
N ALA D 463 45.88 4.57 -21.13
CA ALA D 463 47.23 4.97 -21.58
C ALA D 463 47.50 6.40 -21.19
N GLN D 464 46.52 7.30 -21.39
CA GLN D 464 46.79 8.67 -20.97
C GLN D 464 46.93 8.71 -19.49
N GLN D 465 46.03 8.03 -18.77
CA GLN D 465 46.05 8.10 -17.31
C GLN D 465 47.41 7.64 -16.76
N TRP D 466 47.91 6.54 -17.32
CA TRP D 466 49.19 5.99 -16.87
C TRP D 466 50.35 6.90 -17.25
N ILE D 467 50.38 7.38 -18.49
CA ILE D 467 51.51 8.20 -18.90
C ILE D 467 51.53 9.50 -18.11
N LEU D 468 50.34 10.08 -17.85
CA LEU D 468 50.27 11.31 -17.07
C LEU D 468 50.49 11.06 -15.56
N GLY D 469 50.68 9.81 -15.14
CA GLY D 469 51.21 9.50 -13.83
C GLY D 469 50.17 9.22 -12.78
N SER D 470 48.90 9.10 -13.16
CA SER D 470 47.82 8.70 -12.26
C SER D 470 47.69 7.16 -12.23
N GLY D 471 47.32 6.61 -11.10
CA GLY D 471 47.36 5.14 -11.17
C GLY D 471 48.77 4.56 -11.28
N ASP D 472 48.83 3.29 -11.69
CA ASP D 472 50.05 2.48 -11.58
C ASP D 472 49.88 1.27 -12.50
N ILE D 473 50.61 1.26 -13.63
CA ILE D 473 50.33 0.22 -14.62
C ILE D 473 50.59 -1.18 -14.05
N ASP D 474 51.55 -1.34 -13.11
CA ASP D 474 51.85 -2.69 -12.62
C ASP D 474 50.67 -3.26 -11.85
N LYS D 475 50.03 -2.46 -11.00
CA LYS D 475 48.90 -2.97 -10.25
C LYS D 475 47.70 -3.17 -11.16
N GLU D 476 47.58 -2.33 -12.19
CA GLU D 476 46.32 -2.19 -12.86
C GLU D 476 46.25 -2.99 -14.14
N TRP D 477 47.42 -3.45 -14.64
CA TRP D 477 47.54 -4.09 -15.94
C TRP D 477 46.58 -5.26 -16.11
N ASP D 478 46.60 -6.20 -15.14
CA ASP D 478 45.78 -7.41 -15.29
C ASP D 478 44.30 -7.09 -15.36
N ALA D 479 43.87 -6.11 -14.60
CA ALA D 479 42.46 -5.69 -14.62
C ALA D 479 42.10 -5.08 -15.98
N TYR D 480 43.02 -4.25 -16.52
CA TYR D 480 42.85 -3.68 -17.86
C TYR D 480 42.71 -4.78 -18.91
N ILE D 481 43.57 -5.80 -18.88
CA ILE D 481 43.50 -6.88 -19.87
C ILE D 481 42.14 -7.58 -19.77
N LYS D 482 41.74 -7.97 -18.54
CA LYS D 482 40.42 -8.59 -18.37
C LYS D 482 39.33 -7.65 -18.88
N ARG D 483 39.50 -6.32 -18.64
CA ARG D 483 38.49 -5.37 -19.13
C ARG D 483 38.36 -5.46 -20.66
N LEU D 484 39.51 -5.56 -21.38
CA LEU D 484 39.47 -5.70 -22.83
C LEU D 484 38.83 -7.01 -23.23
N GLU D 485 39.22 -8.10 -22.54
CA GLU D 485 38.64 -9.40 -22.84
C GLU D 485 37.11 -9.37 -22.66
N ASN D 486 36.66 -8.70 -21.61
CA ASN D 486 35.21 -8.66 -21.35
C ASN D 486 34.48 -7.80 -22.35
N LEU D 487 35.21 -6.94 -23.08
CA LEU D 487 34.50 -6.28 -24.18
C LEU D 487 34.46 -7.14 -25.44
N GLY D 488 35.19 -8.29 -25.47
CA GLY D 488 35.11 -9.19 -26.61
C GLY D 488 36.38 -9.27 -27.43
N LEU D 489 37.49 -8.95 -26.77
CA LEU D 489 38.79 -9.03 -27.42
C LEU D 489 38.94 -10.28 -28.27
N SER D 490 38.67 -11.47 -27.71
CA SER D 490 38.99 -12.62 -28.56
C SER D 490 37.99 -12.77 -29.72
N LYS D 491 36.73 -12.32 -29.57
CA LYS D 491 35.81 -12.31 -30.72
C LYS D 491 36.35 -11.39 -31.80
N ALA D 492 36.90 -10.24 -31.41
CA ALA D 492 37.43 -9.33 -32.44
C ALA D 492 38.68 -9.93 -33.06
N GLU D 493 39.52 -10.62 -32.22
CA GLU D 493 40.69 -11.33 -32.76
C GLU D 493 40.30 -12.35 -33.80
N GLN D 494 39.14 -13.00 -33.60
CA GLN D 494 38.72 -14.01 -34.56
C GLN D 494 38.32 -13.37 -35.87
N ILE D 495 37.52 -12.30 -35.77
CA ILE D 495 37.07 -11.60 -36.97
C ILE D 495 38.28 -11.11 -37.78
N GLN D 496 39.27 -10.54 -37.08
CA GLN D 496 40.42 -9.97 -37.77
C GLN D 496 41.19 -11.07 -38.49
N ASN D 497 41.36 -12.22 -37.83
CA ASN D 497 42.09 -13.30 -38.49
C ASN D 497 41.31 -13.93 -39.62
N GLU D 498 39.97 -14.03 -39.51
CA GLU D 498 39.18 -14.49 -40.66
C GLU D 498 39.33 -13.55 -41.87
N ALA D 499 39.45 -12.24 -41.61
CA ALA D 499 39.57 -11.26 -42.71
C ALA D 499 40.95 -11.26 -43.39
N PHE D 500 41.98 -11.64 -42.66
CA PHE D 500 43.30 -11.68 -43.11
C PHE D 500 43.54 -13.05 -43.80
#